data_7LOP
#
_entry.id   7LOP
#
_cell.length_a   85.995
_cell.length_b   132.884
_cell.length_c   111.326
_cell.angle_alpha   90.000
_cell.angle_beta   100.680
_cell.angle_gamma   90.000
#
_symmetry.space_group_name_H-M   'P 1 21 1'
#
loop_
_entity.id
_entity.type
_entity.pdbx_description
1 polymer 'CR3022 Fab heavy chain'
2 polymer 'CR3022 Fab light chain'
3 polymer 'Spike protein S1'
4 polymer 'CV05-163 Fab heavy chain'
5 polymer 'CV05-163 Fab light chain'
6 non-polymer 2-acetamido-2-deoxy-beta-D-glucopyranose
7 water water
#
loop_
_entity_poly.entity_id
_entity_poly.type
_entity_poly.pdbx_seq_one_letter_code
_entity_poly.pdbx_strand_id
1 'polypeptide(L)'
;QMQLVQSGTEVKKPGESLKISCKGSGYGFITYWIGWVRQMPGKGLEWMGIIYPGDSETRYSPSFQGQVTISADKSINTAY
LQWSSLKASDTAIYYCAGGSGISTPMDVWGQGTTVTVSSASTKGPSVFPLAPSSKSTSGGTAALGCLVKDYFPEPVTVSW
NSGALTSGVHTFPAVLQSSGLYSLSSVVTVPSSSLGTQTYICNVNHKPSNTKVDKKVEPKSC
;
W,B
2 'polypeptide(L)'
;DIQLTQSPDSLAVSLGERATINCKSSQSVLYSSINKNYLAWYQQKPGQPPKLLIYWASTRESGVPDRFSGSGSGTDFTLT
ISSLQAEDVAVYYCQQYYSTPYTFGQGTKVEIKRTVAAPSVFIFPPSDEQLKSGTASVVCLLNNFYPREAKVQWKVDNAL
QSGNSQESVTEQDSKDSTYSLSSTLTLSKADYEKHKVYACEVTHQGLSSPVTKSFNRGECS
;
V,C
3 'polypeptide(L)'
;RVQPTESIVRFPNITNLCPFGEVFNATRFASVYAWNRKRISNCVADYSVLYNSASFSTFKCYGVSPTKLNDLCFTNVYAD
SFVIRGDEVRQIAPGQTGKIADYNYKLPDDFTGCVIAWNSNNLDSKVGGNYNYLYRLFRKSNLKPFERDISTEIYQAGST
PCNGVEGFNCYFPLQSYGFQPTNGVGYQPYRVVVLSFELLHAPATVCGPKKSTNLVKNKCVNFSGHHHHHH
;
Z,A
4 'polypeptide(L)'
;QVQLVQSGAEVKKPGASVKVSCKASGYTFTGYYMHWVRQAPGQGLEWMGWINPNSGGTNYAQKFQGRVTMTRDTSISTAY
MELSRLRSDDTAVYYCAREVMVRGALPPYGMDVWGQGTTVTVSSASTKGPSVFPLAPSSKSTSGGTAALGCLVKDYFPEP
VTVSWNSGALTSGVHTFPAVLQSSGLYSLSSVVTVPSSSLGTQTYICNVNHKPSNTKVDKKVEPKSC
;
X,H
5 'polypeptide(L)'
;EIVLTQSPATLSLSPGERATLSCRASQSVSSYLAWYQQKPGQAPRLLIYDASNRATGIPARFSGSGSGTDFTLTISSLEP
EDFAVYYCQQRSNWPPVTFGGGTKVEIKRTVAAPSVFIFPPSDEQLKSGTASVVCLLNNFYPREAKVQWKVDNALQSGNS
QESVTEQDSKDSTYSLSSTLTLSKADYEKHKVYACEVTHQGLSSPVTKSFNRGECS
;
Y,L
#
loop_
_chem_comp.id
_chem_comp.type
_chem_comp.name
_chem_comp.formula
NAG D-saccharide, beta linking 2-acetamido-2-deoxy-beta-D-glucopyranose 'C8 H15 N O6'
#
# COMPACT_ATOMS: atom_id res chain seq x y z
N GLN A 1 16.89 -12.47 16.79
CA GLN A 1 15.55 -12.78 16.32
C GLN A 1 15.22 -12.00 15.06
N MET A 2 15.91 -10.87 14.86
CA MET A 2 15.72 -10.05 13.68
C MET A 2 17.05 -9.90 12.96
N GLN A 3 17.02 -10.02 11.64
CA GLN A 3 18.22 -9.97 10.82
C GLN A 3 18.02 -9.02 9.65
N LEU A 4 19.09 -8.29 9.31
CA LEU A 4 19.09 -7.36 8.18
C LEU A 4 20.09 -7.84 7.15
N VAL A 5 19.67 -7.90 5.89
CA VAL A 5 20.51 -8.33 4.78
C VAL A 5 20.56 -7.22 3.75
N GLN A 6 21.77 -6.83 3.36
CA GLN A 6 21.97 -5.72 2.44
C GLN A 6 22.34 -6.23 1.05
N SER A 7 22.08 -5.39 0.04
CA SER A 7 22.44 -5.70 -1.33
C SER A 7 23.96 -5.74 -1.50
N GLY A 8 24.39 -6.23 -2.67
CA GLY A 8 25.79 -6.52 -2.91
C GLY A 8 26.62 -5.31 -3.29
N THR A 9 27.89 -5.58 -3.58
CA THR A 9 28.86 -4.54 -3.86
C THR A 9 28.49 -3.72 -5.10
N GLU A 10 28.76 -2.42 -5.04
CA GLU A 10 28.46 -1.50 -6.13
C GLU A 10 29.73 -0.79 -6.59
N VAL A 11 29.93 -0.76 -7.91
CA VAL A 11 31.01 0.00 -8.53
C VAL A 11 30.37 0.85 -9.62
N LYS A 12 30.39 2.16 -9.42
CA LYS A 12 29.69 3.09 -10.30
C LYS A 12 30.65 4.17 -10.78
N LYS A 13 30.19 4.95 -11.74
CA LYS A 13 30.85 6.12 -12.30
C LYS A 13 30.29 7.39 -11.68
N PRO A 14 31.11 8.45 -11.57
CA PRO A 14 30.61 9.72 -11.03
C PRO A 14 29.48 10.26 -11.89
N GLY A 15 28.41 10.71 -11.23
CA GLY A 15 27.24 11.22 -11.91
C GLY A 15 26.10 10.25 -12.03
N GLU A 16 26.33 8.96 -11.76
CA GLU A 16 25.28 7.97 -11.87
C GLU A 16 24.45 7.92 -10.59
N SER A 17 23.20 7.52 -10.73
CA SER A 17 22.33 7.31 -9.59
C SER A 17 22.61 5.95 -8.96
N LEU A 18 22.09 5.76 -7.74
CA LEU A 18 22.28 4.48 -7.07
C LEU A 18 21.21 4.31 -6.01
N LYS A 19 20.79 3.06 -5.80
CA LYS A 19 19.81 2.74 -4.77
C LYS A 19 20.17 1.38 -4.16
N ILE A 20 20.62 1.39 -2.91
CA ILE A 20 20.96 0.18 -2.19
C ILE A 20 19.86 -0.12 -1.18
N SER A 21 19.77 -1.39 -0.77
CA SER A 21 18.63 -1.88 -0.02
C SER A 21 19.08 -2.62 1.23
N CYS A 22 18.13 -2.79 2.14
CA CYS A 22 18.35 -3.53 3.39
C CYS A 22 17.02 -4.16 3.77
N LYS A 23 16.96 -5.48 3.74
CA LYS A 23 15.72 -6.21 3.97
C LYS A 23 15.77 -6.90 5.35
N GLY A 24 14.67 -6.80 6.08
CA GLY A 24 14.56 -7.40 7.40
C GLY A 24 13.82 -8.73 7.36
N SER A 25 14.22 -9.62 8.27
CA SER A 25 13.59 -10.93 8.40
C SER A 25 13.59 -11.33 9.87
N GLY A 26 12.47 -11.87 10.31
CA GLY A 26 12.33 -12.33 11.68
C GLY A 26 11.16 -11.69 12.37
N TYR A 27 10.94 -12.11 13.62
CA TYR A 27 9.81 -11.63 14.39
C TYR A 27 10.09 -10.26 14.98
N GLY A 28 9.05 -9.43 15.04
CA GLY A 28 9.17 -8.11 15.62
C GLY A 28 9.72 -7.04 14.71
N PHE A 29 9.73 -7.28 13.40
CA PHE A 29 10.22 -6.26 12.47
C PHE A 29 9.33 -5.02 12.47
N ILE A 30 8.05 -5.18 12.82
CA ILE A 30 7.11 -4.07 12.82
C ILE A 30 7.54 -2.95 13.75
N THR A 31 8.36 -3.26 14.76
CA THR A 31 8.78 -2.26 15.75
C THR A 31 10.10 -1.60 15.40
N TYR A 32 10.74 -1.99 14.30
CA TYR A 32 12.13 -1.61 14.06
C TYR A 32 12.21 -0.36 13.20
N TRP A 33 13.05 0.58 13.63
CA TRP A 33 13.47 1.72 12.83
C TRP A 33 14.82 1.38 12.22
N ILE A 34 14.97 1.64 10.92
CA ILE A 34 16.16 1.27 10.18
C ILE A 34 16.95 2.54 9.90
N GLY A 35 18.17 2.63 10.44
CA GLY A 35 19.07 3.72 10.16
C GLY A 35 20.17 3.32 9.20
N TRP A 36 20.82 4.34 8.64
CA TRP A 36 21.90 4.18 7.68
C TRP A 36 23.15 4.85 8.23
N VAL A 37 24.25 4.10 8.27
CA VAL A 37 25.52 4.57 8.80
C VAL A 37 26.56 4.48 7.70
N ARG A 38 27.30 5.57 7.48
CA ARG A 38 28.38 5.58 6.50
C ARG A 38 29.73 5.44 7.22
N GLN A 39 30.62 4.65 6.63
CA GLN A 39 31.99 4.53 7.10
C GLN A 39 32.91 4.64 5.89
N MET A 40 33.57 5.78 5.76
CA MET A 40 34.52 5.98 4.69
C MET A 40 35.81 5.19 5.00
N PRO A 41 36.57 4.79 3.97
CA PRO A 41 37.73 3.92 4.18
C PRO A 41 38.69 4.42 5.26
N GLY A 42 38.88 3.61 6.30
CA GLY A 42 39.78 3.96 7.38
C GLY A 42 39.28 5.00 8.34
N LYS A 43 38.00 5.34 8.32
CA LYS A 43 37.43 6.35 9.19
C LYS A 43 36.38 5.73 10.11
N GLY A 44 35.62 6.58 10.78
CA GLY A 44 34.64 6.16 11.76
C GLY A 44 33.25 6.02 11.18
N LEU A 45 32.26 5.96 12.08
CA LEU A 45 30.86 5.79 11.71
C LEU A 45 30.16 7.14 11.68
N GLU A 46 29.32 7.34 10.65
CA GLU A 46 28.53 8.56 10.51
C GLU A 46 27.07 8.18 10.33
N TRP A 47 26.23 8.58 11.28
CA TRP A 47 24.80 8.32 11.18
C TRP A 47 24.19 9.25 10.12
N MET A 48 23.66 8.67 9.05
CA MET A 48 23.10 9.45 7.96
C MET A 48 21.63 9.76 8.17
N GLY A 49 20.86 8.82 8.70
CA GLY A 49 19.44 9.02 8.89
C GLY A 49 18.78 7.73 9.33
N ILE A 50 17.46 7.81 9.46
CA ILE A 50 16.66 6.70 9.97
C ILE A 50 15.26 6.82 9.38
N ILE A 51 14.60 5.67 9.24
CA ILE A 51 13.23 5.61 8.74
C ILE A 51 12.46 4.54 9.51
N TYR A 52 11.20 4.83 9.82
CA TYR A 52 10.29 3.80 10.31
C TYR A 52 9.50 3.25 9.13
N PRO A 53 9.69 1.98 8.76
CA PRO A 53 9.05 1.47 7.53
C PRO A 53 7.52 1.47 7.58
N GLY A 54 6.91 1.50 8.78
CA GLY A 54 5.46 1.40 8.85
C GLY A 54 4.75 2.59 8.24
N ASP A 55 5.26 3.80 8.47
CA ASP A 55 4.69 5.00 7.88
C ASP A 55 5.71 5.85 7.14
N SER A 56 6.92 5.32 6.92
CA SER A 56 8.01 6.04 6.27
C SER A 56 8.27 7.41 6.90
N GLU A 57 8.15 7.48 8.23
CA GLU A 57 8.68 8.64 8.94
C GLU A 57 10.19 8.64 8.85
N THR A 58 10.76 9.71 8.32
CA THR A 58 12.18 9.78 8.00
C THR A 58 12.83 10.94 8.74
N ARG A 59 14.00 10.67 9.32
CA ARG A 59 14.80 11.70 9.95
C ARG A 59 16.20 11.65 9.35
N TYR A 60 16.77 12.81 9.08
CA TYR A 60 18.09 12.91 8.47
C TYR A 60 19.03 13.65 9.42
N SER A 61 20.32 13.39 9.25
CA SER A 61 21.28 14.26 9.89
C SER A 61 21.55 15.46 9.00
N PRO A 62 21.83 16.64 9.59
CA PRO A 62 21.99 17.85 8.78
C PRO A 62 23.13 17.76 7.76
N SER A 63 24.08 16.84 7.94
CA SER A 63 25.18 16.72 7.00
C SER A 63 24.84 15.86 5.80
N PHE A 64 23.76 15.07 5.87
CA PHE A 64 23.31 14.26 4.75
C PHE A 64 21.94 14.64 4.23
N GLN A 65 21.21 15.53 4.92
CA GLN A 65 19.91 15.98 4.44
C GLN A 65 20.06 16.65 3.08
N GLY A 66 19.26 16.21 2.11
CA GLY A 66 19.31 16.74 0.77
C GLY A 66 20.39 16.15 -0.12
N GLN A 67 21.33 15.39 0.44
CA GLN A 67 22.35 14.71 -0.36
C GLN A 67 21.93 13.29 -0.72
N VAL A 68 21.20 12.62 0.16
CA VAL A 68 20.73 11.26 -0.07
C VAL A 68 19.23 11.23 0.22
N THR A 69 18.59 10.15 -0.21
CA THR A 69 17.17 9.93 0.04
C THR A 69 17.01 8.56 0.68
N ILE A 70 16.41 8.54 1.86
CA ILE A 70 16.10 7.30 2.58
C ILE A 70 14.61 7.05 2.44
N SER A 71 14.25 5.83 2.05
CA SER A 71 12.86 5.47 1.88
C SER A 71 12.65 4.02 2.31
N ALA A 72 11.44 3.51 2.10
CA ALA A 72 11.14 2.16 2.56
C ALA A 72 9.93 1.62 1.81
N ASP A 73 9.98 0.33 1.51
CA ASP A 73 8.86 -0.45 1.01
C ASP A 73 8.49 -1.42 2.13
N LYS A 74 7.39 -1.10 2.83
CA LYS A 74 6.96 -1.91 3.96
C LYS A 74 6.34 -3.23 3.53
N SER A 75 5.87 -3.32 2.29
CA SER A 75 5.28 -4.57 1.81
C SER A 75 6.32 -5.68 1.71
N ILE A 76 7.59 -5.32 1.53
CA ILE A 76 8.68 -6.28 1.45
C ILE A 76 9.68 -6.10 2.58
N ASN A 77 9.31 -5.35 3.61
CA ASN A 77 10.15 -5.13 4.80
C ASN A 77 11.55 -4.65 4.41
N THR A 78 11.60 -3.65 3.54
CA THR A 78 12.87 -3.20 2.98
C THR A 78 13.03 -1.71 3.15
N ALA A 79 14.24 -1.28 3.49
CA ALA A 79 14.61 0.12 3.52
C ALA A 79 15.63 0.40 2.41
N TYR A 80 15.65 1.64 1.93
CA TYR A 80 16.42 2.02 0.77
C TYR A 80 17.21 3.28 1.05
N LEU A 81 18.44 3.32 0.53
CA LEU A 81 19.31 4.49 0.57
C LEU A 81 19.73 4.79 -0.86
N GLN A 82 19.45 6.01 -1.33
CA GLN A 82 19.66 6.29 -2.74
C GLN A 82 20.30 7.67 -2.94
N TRP A 83 21.09 7.76 -4.00
CA TRP A 83 21.67 9.00 -4.51
C TRP A 83 21.18 9.23 -5.93
N SER A 84 21.01 10.50 -6.28
CA SER A 84 20.63 10.88 -7.63
C SER A 84 21.83 11.08 -8.55
N SER A 85 22.97 11.51 -8.00
CA SER A 85 24.19 11.68 -8.78
C SER A 85 25.37 11.48 -7.85
N LEU A 86 26.14 10.42 -8.08
CA LEU A 86 27.20 10.02 -7.16
C LEU A 86 28.46 10.85 -7.37
N LYS A 87 29.18 11.09 -6.28
CA LYS A 87 30.49 11.71 -6.30
C LYS A 87 31.54 10.71 -5.83
N ALA A 88 32.80 11.02 -6.14
CA ALA A 88 33.90 10.19 -5.66
C ALA A 88 33.95 10.13 -4.15
N SER A 89 33.54 11.21 -3.47
CA SER A 89 33.54 11.25 -2.02
C SER A 89 32.48 10.35 -1.40
N ASP A 90 31.59 9.77 -2.21
CA ASP A 90 30.60 8.82 -1.69
C ASP A 90 31.15 7.41 -1.54
N THR A 91 32.40 7.17 -1.94
CA THR A 91 32.98 5.84 -1.86
C THR A 91 33.19 5.45 -0.40
N ALA A 92 32.52 4.38 0.03
CA ALA A 92 32.54 3.99 1.44
C ALA A 92 31.79 2.67 1.66
N ILE A 93 31.77 2.17 2.89
CA ILE A 93 30.89 1.09 3.26
C ILE A 93 29.66 1.69 3.93
N TYR A 94 28.49 1.15 3.59
CA TYR A 94 27.23 1.65 4.11
C TYR A 94 26.54 0.51 4.86
N TYR A 95 26.32 0.72 6.15
CA TYR A 95 25.66 -0.25 7.00
C TYR A 95 24.21 0.17 7.23
N CYS A 96 23.30 -0.79 7.16
CA CYS A 96 21.95 -0.59 7.68
C CYS A 96 21.91 -1.18 9.09
N ALA A 97 21.39 -0.41 10.03
CA ALA A 97 21.28 -0.82 11.43
C ALA A 97 19.83 -0.73 11.86
N GLY A 98 19.47 -1.50 12.86
CA GLY A 98 18.09 -1.58 13.31
C GLY A 98 17.95 -1.35 14.80
N GLY A 99 16.93 -0.58 15.18
CA GLY A 99 16.60 -0.41 16.58
C GLY A 99 15.11 -0.42 16.80
N SER A 100 14.63 -1.25 17.74
CA SER A 100 13.20 -1.40 17.98
C SER A 100 12.69 -0.16 18.72
N GLY A 101 12.54 0.92 17.97
CA GLY A 101 12.03 2.16 18.54
C GLY A 101 12.97 3.33 18.38
N ILE A 102 12.42 4.54 18.37
CA ILE A 102 13.25 5.73 18.36
C ILE A 102 13.85 5.93 19.74
N SER A 103 14.99 6.60 19.80
CA SER A 103 15.80 6.72 21.01
C SER A 103 16.06 5.35 21.63
N THR A 104 16.52 4.42 20.80
CA THR A 104 16.93 3.09 21.20
C THR A 104 18.26 2.77 20.51
N PRO A 105 19.04 1.86 21.06
CA PRO A 105 20.32 1.50 20.41
C PRO A 105 20.10 0.66 19.17
N MET A 106 21.14 0.60 18.35
CA MET A 106 21.13 -0.19 17.11
C MET A 106 21.63 -1.59 17.44
N ASP A 107 20.70 -2.48 17.78
CA ASP A 107 21.01 -3.83 18.21
C ASP A 107 21.13 -4.83 17.07
N VAL A 108 20.67 -4.48 15.86
CA VAL A 108 20.76 -5.34 14.69
C VAL A 108 21.49 -4.58 13.60
N TRP A 109 22.47 -5.22 12.98
CA TRP A 109 23.27 -4.58 11.93
C TRP A 109 23.32 -5.45 10.69
N GLY A 110 23.29 -4.80 9.53
CA GLY A 110 23.54 -5.50 8.29
C GLY A 110 25.02 -5.74 8.05
N GLN A 111 25.30 -6.57 7.05
CA GLN A 111 26.68 -6.94 6.76
C GLN A 111 27.45 -5.86 6.03
N GLY A 112 26.77 -4.84 5.51
CA GLY A 112 27.46 -3.75 4.84
C GLY A 112 27.47 -3.85 3.33
N THR A 113 27.32 -2.70 2.67
CA THR A 113 27.39 -2.61 1.21
C THR A 113 28.56 -1.71 0.85
N THR A 114 29.53 -2.26 0.12
CA THR A 114 30.68 -1.48 -0.32
C THR A 114 30.34 -0.75 -1.61
N VAL A 115 30.58 0.57 -1.64
CA VAL A 115 30.29 1.41 -2.79
C VAL A 115 31.57 2.10 -3.22
N THR A 116 31.89 1.97 -4.51
CA THR A 116 33.07 2.61 -5.09
C THR A 116 32.65 3.47 -6.27
N VAL A 117 32.88 4.77 -6.17
CA VAL A 117 32.60 5.73 -7.23
C VAL A 117 33.93 6.29 -7.71
N SER A 118 34.28 6.02 -8.97
CA SER A 118 35.56 6.44 -9.49
C SER A 118 35.48 6.69 -10.98
N SER A 119 36.33 7.61 -11.46
CA SER A 119 36.47 7.83 -12.90
C SER A 119 36.97 6.58 -13.62
N ALA A 120 37.67 5.69 -12.92
CA ALA A 120 38.33 4.58 -13.56
C ALA A 120 37.32 3.54 -14.05
N SER A 121 37.76 2.75 -15.04
CA SER A 121 37.01 1.62 -15.57
C SER A 121 37.67 0.33 -15.14
N THR A 122 36.96 -0.78 -15.33
CA THR A 122 37.51 -2.09 -14.99
C THR A 122 38.85 -2.31 -15.66
N LYS A 123 39.78 -2.91 -14.92
CA LYS A 123 41.10 -3.22 -15.45
C LYS A 123 41.76 -4.27 -14.59
N GLY A 124 42.47 -5.20 -15.23
CA GLY A 124 43.11 -6.29 -14.55
C GLY A 124 44.51 -5.92 -14.12
N PRO A 125 45.02 -6.59 -13.10
CA PRO A 125 46.32 -6.19 -12.54
C PRO A 125 47.50 -6.75 -13.31
N SER A 126 48.57 -5.98 -13.32
CA SER A 126 49.87 -6.46 -13.77
C SER A 126 50.63 -6.99 -12.56
N VAL A 127 51.12 -8.22 -12.67
CA VAL A 127 51.81 -8.89 -11.58
C VAL A 127 53.30 -8.93 -11.89
N PHE A 128 54.10 -8.39 -10.97
CA PHE A 128 55.55 -8.33 -11.13
C PHE A 128 56.24 -9.05 -9.96
N PRO A 129 57.39 -9.66 -10.20
CA PRO A 129 58.06 -10.39 -9.13
C PRO A 129 58.83 -9.47 -8.19
N LEU A 130 58.77 -9.79 -6.90
CA LEU A 130 59.68 -9.24 -5.90
C LEU A 130 60.65 -10.37 -5.60
N ALA A 131 61.74 -10.42 -6.38
CA ALA A 131 62.67 -11.54 -6.41
C ALA A 131 63.61 -11.53 -5.22
N PRO A 132 63.87 -12.70 -4.62
CA PRO A 132 64.82 -12.77 -3.51
C PRO A 132 66.26 -12.78 -3.99
N SER A 133 67.16 -12.52 -3.06
CA SER A 133 68.60 -12.52 -3.34
C SER A 133 69.41 -12.62 -2.05
N THR A 141 67.22 -16.64 6.13
CA THR A 141 65.89 -16.37 5.59
C THR A 141 65.92 -15.21 4.59
N ALA A 142 65.19 -15.37 3.49
CA ALA A 142 65.01 -14.33 2.50
C ALA A 142 63.53 -14.03 2.33
N ALA A 143 63.24 -12.87 1.76
CA ALA A 143 61.88 -12.47 1.47
C ALA A 143 61.66 -12.45 -0.04
N LEU A 144 60.46 -12.85 -0.46
CA LEU A 144 60.07 -12.77 -1.85
C LEU A 144 58.61 -12.36 -1.90
N GLY A 145 58.11 -12.07 -3.09
CA GLY A 145 56.70 -11.73 -3.17
C GLY A 145 56.26 -11.36 -4.58
N CYS A 146 55.09 -10.76 -4.63
CA CYS A 146 54.48 -10.32 -5.87
C CYS A 146 53.88 -8.94 -5.68
N LEU A 147 54.16 -8.05 -6.64
CA LEU A 147 53.59 -6.72 -6.71
C LEU A 147 52.43 -6.77 -7.69
N VAL A 148 51.21 -6.58 -7.18
CA VAL A 148 49.99 -6.63 -7.96
C VAL A 148 49.55 -5.19 -8.18
N LYS A 149 49.88 -4.63 -9.34
CA LYS A 149 49.76 -3.21 -9.59
C LYS A 149 48.64 -2.92 -10.60
N ASP A 150 48.02 -1.75 -10.46
CA ASP A 150 47.19 -1.15 -11.50
C ASP A 150 46.01 -2.05 -11.86
N TYR A 151 45.09 -2.18 -10.89
CA TYR A 151 43.84 -2.88 -11.11
C TYR A 151 42.68 -2.05 -10.56
N PHE A 152 41.49 -2.32 -11.10
CA PHE A 152 40.27 -1.67 -10.65
C PHE A 152 39.10 -2.54 -11.06
N PRO A 153 38.12 -2.76 -10.19
CA PRO A 153 38.13 -2.27 -8.81
C PRO A 153 38.59 -3.33 -7.82
N GLU A 154 38.47 -3.04 -6.53
CA GLU A 154 38.68 -4.04 -5.51
C GLU A 154 37.59 -5.10 -5.61
N PRO A 155 37.86 -6.32 -5.11
CA PRO A 155 39.08 -6.79 -4.46
C PRO A 155 39.96 -7.67 -5.35
N VAL A 156 41.11 -8.07 -4.81
CA VAL A 156 42.00 -9.02 -5.46
C VAL A 156 42.37 -10.08 -4.44
N THR A 157 42.30 -11.35 -4.85
CA THR A 157 42.68 -12.45 -3.98
C THR A 157 44.07 -12.94 -4.37
N VAL A 158 44.92 -13.16 -3.37
CA VAL A 158 46.28 -13.64 -3.60
C VAL A 158 46.54 -14.83 -2.68
N SER A 159 46.98 -15.94 -3.26
CA SER A 159 47.39 -17.11 -2.50
C SER A 159 48.78 -17.53 -2.96
N TRP A 160 49.36 -18.50 -2.27
CA TRP A 160 50.69 -19.00 -2.60
C TRP A 160 50.64 -20.52 -2.73
N ASN A 161 51.11 -21.03 -3.87
CA ASN A 161 51.07 -22.45 -4.18
C ASN A 161 49.65 -23.00 -4.07
N SER A 162 48.68 -22.21 -4.53
CA SER A 162 47.26 -22.53 -4.45
C SER A 162 46.87 -22.98 -3.03
N GLY A 163 47.15 -22.11 -2.07
CA GLY A 163 46.77 -22.34 -0.69
C GLY A 163 47.63 -23.31 0.07
N ALA A 164 48.64 -23.91 -0.57
CA ALA A 164 49.51 -24.85 0.12
C ALA A 164 50.61 -24.15 0.92
N LEU A 165 50.85 -22.87 0.66
CA LEU A 165 51.84 -22.08 1.37
C LEU A 165 51.12 -20.93 2.08
N THR A 166 51.04 -21.03 3.41
CA THR A 166 50.38 -20.01 4.22
C THR A 166 51.28 -19.41 5.30
N SER A 167 52.22 -20.18 5.84
CA SER A 167 53.04 -19.69 6.94
C SER A 167 53.96 -18.58 6.48
N GLY A 168 53.93 -17.45 7.19
CA GLY A 168 54.81 -16.35 6.92
C GLY A 168 54.38 -15.44 5.78
N VAL A 169 53.15 -15.56 5.31
CA VAL A 169 52.67 -14.75 4.19
C VAL A 169 51.97 -13.52 4.73
N HIS A 170 52.30 -12.36 4.17
CA HIS A 170 51.62 -11.11 4.49
C HIS A 170 51.16 -10.48 3.19
N THR A 171 49.85 -10.44 2.98
CA THR A 171 49.25 -9.73 1.86
C THR A 171 48.80 -8.36 2.35
N PHE A 172 49.43 -7.31 1.85
CA PHE A 172 49.16 -5.99 2.37
C PHE A 172 47.83 -5.46 1.84
N PRO A 173 47.16 -4.61 2.61
CA PRO A 173 45.93 -3.99 2.11
C PRO A 173 46.22 -3.13 0.89
N ALA A 174 45.27 -3.12 -0.04
CA ALA A 174 45.43 -2.33 -1.25
C ALA A 174 45.51 -0.85 -0.89
N VAL A 175 46.33 -0.12 -1.65
CA VAL A 175 46.42 1.33 -1.53
C VAL A 175 45.84 1.93 -2.80
N LEU A 176 45.11 3.03 -2.66
CA LEU A 176 44.60 3.71 -3.84
C LEU A 176 45.73 4.59 -4.34
N GLN A 177 46.34 4.17 -5.45
CA GLN A 177 47.48 4.88 -6.00
C GLN A 177 47.06 6.22 -6.58
N SER A 178 48.06 6.96 -7.06
CA SER A 178 47.77 8.09 -7.92
C SER A 178 46.76 7.70 -8.99
N SER A 179 47.04 6.62 -9.72
CA SER A 179 46.37 6.32 -10.98
C SER A 179 44.87 6.02 -10.85
N GLY A 180 44.26 6.14 -9.67
CA GLY A 180 42.87 5.74 -9.53
C GLY A 180 42.71 4.24 -9.54
N LEU A 181 43.79 3.50 -9.79
CA LEU A 181 43.85 2.06 -9.78
C LEU A 181 44.56 1.62 -8.51
N TYR A 182 44.18 0.47 -8.00
CA TYR A 182 44.75 -0.02 -6.76
C TYR A 182 46.05 -0.78 -7.02
N SER A 183 46.85 -0.88 -5.97
CA SER A 183 48.04 -1.72 -6.01
C SER A 183 48.23 -2.35 -4.65
N LEU A 184 48.95 -3.47 -4.65
CA LEU A 184 48.99 -4.37 -3.52
C LEU A 184 50.30 -5.14 -3.62
N SER A 185 50.71 -5.72 -2.49
CA SER A 185 51.87 -6.59 -2.49
C SER A 185 51.61 -7.76 -1.56
N SER A 186 52.10 -8.93 -1.96
CA SER A 186 52.02 -10.13 -1.14
C SER A 186 53.43 -10.65 -0.97
N VAL A 187 53.91 -10.69 0.27
CA VAL A 187 55.27 -11.12 0.54
C VAL A 187 55.23 -12.39 1.39
N VAL A 188 56.34 -13.12 1.36
CA VAL A 188 56.51 -14.35 2.12
C VAL A 188 57.99 -14.52 2.45
N THR A 189 58.25 -14.96 3.67
CA THR A 189 59.60 -15.26 4.12
C THR A 189 59.86 -16.75 3.96
N VAL A 190 61.01 -17.06 3.39
CA VAL A 190 61.35 -18.43 2.99
C VAL A 190 62.79 -18.70 3.43
N PRO A 191 63.14 -19.96 3.66
CA PRO A 191 64.57 -20.28 3.77
C PRO A 191 65.25 -19.95 2.45
N SER A 192 66.45 -19.38 2.53
CA SER A 192 67.17 -19.06 1.31
C SER A 192 67.75 -20.29 0.64
N SER A 193 67.86 -21.41 1.36
CA SER A 193 68.02 -22.71 0.73
C SER A 193 66.96 -22.95 -0.35
N SER A 194 65.69 -22.65 -0.03
CA SER A 194 64.58 -22.84 -0.96
C SER A 194 64.93 -22.43 -2.39
N LEU A 195 65.58 -21.28 -2.55
CA LEU A 195 65.53 -20.53 -3.81
C LEU A 195 65.90 -21.39 -5.01
N GLY A 196 66.91 -22.25 -4.86
CA GLY A 196 67.40 -22.99 -6.01
C GLY A 196 66.43 -24.01 -6.56
N THR A 197 65.79 -24.78 -5.68
CA THR A 197 64.99 -25.91 -6.11
C THR A 197 63.50 -25.78 -5.83
N GLN A 198 63.10 -25.05 -4.80
CA GLN A 198 61.68 -24.90 -4.50
C GLN A 198 61.05 -23.86 -5.42
N THR A 199 59.80 -24.12 -5.80
CA THR A 199 59.05 -23.24 -6.69
C THR A 199 58.01 -22.47 -5.88
N TYR A 200 57.94 -21.16 -6.11
CA TYR A 200 57.02 -20.30 -5.38
C TYR A 200 56.15 -19.54 -6.38
N ILE A 201 54.83 -19.76 -6.27
CA ILE A 201 53.85 -19.24 -7.22
C ILE A 201 52.83 -18.41 -6.45
N CYS A 202 52.72 -17.13 -6.80
CA CYS A 202 51.63 -16.29 -6.31
C CYS A 202 50.46 -16.40 -7.29
N ASN A 203 49.30 -16.83 -6.79
CA ASN A 203 48.08 -16.93 -7.56
C ASN A 203 47.21 -15.72 -7.26
N VAL A 204 47.04 -14.84 -8.24
CA VAL A 204 46.28 -13.60 -8.12
C VAL A 204 45.00 -13.74 -8.94
N ASN A 205 43.87 -13.36 -8.36
CA ASN A 205 42.58 -13.39 -9.03
C ASN A 205 41.92 -12.03 -8.85
N HIS A 206 41.54 -11.41 -9.97
CA HIS A 206 40.75 -10.19 -10.02
C HIS A 206 39.48 -10.56 -10.77
N LYS A 207 38.44 -10.91 -10.00
CA LYS A 207 37.19 -11.44 -10.54
C LYS A 207 36.40 -10.42 -11.37
N PRO A 208 36.37 -9.13 -11.00
CA PRO A 208 35.66 -8.17 -11.86
C PRO A 208 36.17 -8.14 -13.30
N SER A 209 37.48 -8.27 -13.50
CA SER A 209 38.04 -8.33 -14.83
C SER A 209 38.17 -9.75 -15.38
N ASN A 210 37.82 -10.75 -14.58
CA ASN A 210 37.96 -12.16 -14.96
C ASN A 210 39.42 -12.51 -15.25
N THR A 211 40.32 -12.04 -14.38
CA THR A 211 41.75 -12.24 -14.55
C THR A 211 42.27 -13.20 -13.49
N LYS A 212 43.06 -14.18 -13.93
CA LYS A 212 43.73 -15.12 -13.03
C LYS A 212 45.17 -15.26 -13.49
N VAL A 213 46.09 -14.67 -12.74
CA VAL A 213 47.51 -14.66 -13.07
C VAL A 213 48.26 -15.41 -11.99
N ASP A 214 48.92 -16.50 -12.38
CA ASP A 214 49.79 -17.25 -11.49
C ASP A 214 51.22 -17.00 -11.93
N LYS A 215 52.04 -16.46 -11.04
CA LYS A 215 53.40 -16.06 -11.38
C LYS A 215 54.40 -16.76 -10.47
N LYS A 216 55.50 -17.23 -11.08
CA LYS A 216 56.59 -17.89 -10.38
C LYS A 216 57.67 -16.88 -10.08
N VAL A 217 58.02 -16.73 -8.81
CA VAL A 217 59.05 -15.78 -8.39
C VAL A 217 60.32 -16.56 -8.09
N GLU A 218 61.40 -16.18 -8.74
CA GLU A 218 62.72 -16.82 -8.64
C GLU A 218 63.77 -15.74 -8.49
N PRO A 219 64.96 -16.09 -8.00
CA PRO A 219 66.06 -15.11 -7.99
C PRO A 219 66.39 -14.66 -9.41
N LYS A 220 66.70 -13.37 -9.54
CA LYS A 220 66.98 -12.78 -10.84
C LYS A 220 68.42 -13.06 -11.26
N SER A 221 68.60 -13.33 -12.56
CA SER A 221 69.92 -13.51 -13.16
C SER A 221 70.47 -12.15 -13.59
N CYS A 222 71.77 -11.99 -13.45
CA CYS A 222 72.40 -10.71 -13.74
C CYS A 222 72.77 -10.59 -15.21
N ASP B 1 23.23 19.77 18.12
CA ASP B 1 23.58 18.36 18.07
C ASP B 1 24.55 18.00 19.19
N ILE B 2 24.38 16.81 19.76
CA ILE B 2 25.21 16.35 20.87
C ILE B 2 26.52 15.81 20.33
N GLN B 3 27.64 16.37 20.80
CA GLN B 3 28.96 15.99 20.35
C GLN B 3 29.59 15.01 21.34
N LEU B 4 30.09 13.89 20.82
CA LEU B 4 30.80 12.89 21.61
C LEU B 4 32.28 12.88 21.22
N THR B 5 33.14 12.76 22.23
CA THR B 5 34.57 12.65 22.01
C THR B 5 35.13 11.49 22.82
N GLN B 6 36.05 10.74 22.24
CA GLN B 6 36.64 9.60 22.93
C GLN B 6 38.09 9.85 23.26
N SER B 7 38.59 9.11 24.26
CA SER B 7 39.98 9.20 24.65
C SER B 7 40.41 7.87 25.27
N PRO B 8 41.57 7.33 24.87
CA PRO B 8 42.46 7.88 23.83
C PRO B 8 42.03 7.52 22.42
N ASP B 9 42.83 7.90 21.43
CA ASP B 9 42.60 7.48 20.06
C ASP B 9 43.10 6.05 19.83
N SER B 10 44.24 5.70 20.44
CA SER B 10 44.82 4.38 20.29
C SER B 10 45.14 3.83 21.68
N LEU B 11 45.09 2.51 21.80
CA LEU B 11 45.31 1.84 23.08
C LEU B 11 45.99 0.51 22.82
N ALA B 12 47.13 0.29 23.47
CA ALA B 12 47.86 -0.97 23.42
C ALA B 12 48.06 -1.46 24.84
N VAL B 13 47.57 -2.66 25.13
CA VAL B 13 47.59 -3.23 26.48
C VAL B 13 47.81 -4.73 26.36
N SER B 14 48.55 -5.30 27.32
CA SER B 14 48.94 -6.70 27.23
C SER B 14 47.76 -7.63 27.47
N LEU B 15 47.93 -8.89 27.07
CA LEU B 15 46.93 -9.92 27.27
C LEU B 15 46.55 -10.01 28.75
N GLY B 16 45.24 -9.99 29.01
CA GLY B 16 44.75 -10.12 30.37
C GLY B 16 44.83 -8.87 31.21
N GLU B 17 45.34 -7.77 30.66
CA GLU B 17 45.43 -6.51 31.41
C GLU B 17 44.19 -5.66 31.15
N ARG B 18 44.17 -4.46 31.72
CA ARG B 18 42.99 -3.62 31.74
C ARG B 18 43.06 -2.54 30.65
N ALA B 19 41.92 -2.25 30.05
CA ALA B 19 41.81 -1.22 29.01
C ALA B 19 40.68 -0.27 29.37
N THR B 20 40.92 1.03 29.24
CA THR B 20 39.93 2.03 29.62
C THR B 20 39.72 2.99 28.46
N ILE B 21 38.45 3.28 28.15
CA ILE B 21 38.08 4.23 27.11
C ILE B 21 37.07 5.21 27.69
N ASN B 22 37.33 6.51 27.54
CA ASN B 22 36.45 7.55 28.06
C ASN B 22 35.65 8.18 26.92
N CYS B 23 34.36 8.38 27.15
CA CYS B 23 33.47 9.10 26.24
C CYS B 23 32.94 10.34 26.94
N LYS B 24 33.19 11.50 26.34
CA LYS B 24 32.69 12.79 26.83
C LYS B 24 31.55 13.26 25.94
N SER B 25 30.51 13.79 26.59
CA SER B 25 29.31 14.30 25.93
C SER B 25 29.26 15.81 26.08
N SER B 26 28.92 16.49 24.98
CA SER B 26 28.73 17.94 25.04
C SER B 26 27.41 18.32 25.69
N GLN B 27 26.59 17.35 26.06
CA GLN B 27 25.26 17.60 26.60
C GLN B 27 24.82 16.37 27.36
N SER B 28 24.02 16.59 28.40
CA SER B 28 23.52 15.48 29.20
C SER B 28 22.64 14.57 28.35
N VAL B 29 22.84 13.27 28.47
CA VAL B 29 22.04 12.27 27.78
C VAL B 29 21.20 11.46 28.78
N LEU B 30 21.06 11.98 30.00
CA LEU B 30 20.25 11.33 31.02
C LEU B 30 18.80 11.78 30.88
N TYR B 31 17.90 10.82 30.73
CA TYR B 31 16.47 11.09 30.78
C TYR B 31 15.98 10.85 32.20
N SER B 32 15.46 11.90 32.84
CA SER B 32 15.00 11.77 34.21
C SER B 32 13.64 11.10 34.30
N SER B 33 13.01 10.81 33.16
CA SER B 33 11.81 9.98 33.11
C SER B 33 12.06 8.64 33.78
N ILE B 34 12.95 7.83 33.20
CA ILE B 34 13.26 6.50 33.73
C ILE B 34 14.66 6.46 34.35
N ASN B 35 15.31 7.61 34.47
CA ASN B 35 16.64 7.72 35.11
C ASN B 35 17.66 6.82 34.43
N LYS B 36 17.79 6.98 33.12
CA LYS B 36 18.73 6.21 32.33
C LYS B 36 19.52 7.13 31.41
N ASN B 37 20.81 6.82 31.26
CA ASN B 37 21.67 7.54 30.33
C ASN B 37 21.59 6.86 28.97
N TYR B 38 21.23 7.62 27.94
CA TYR B 38 21.01 7.05 26.61
C TYR B 38 22.33 7.02 25.85
N LEU B 39 23.21 6.12 26.30
CA LEU B 39 24.57 5.97 25.79
C LEU B 39 24.84 4.50 25.53
N ALA B 40 25.44 4.21 24.37
CA ALA B 40 25.72 2.85 23.96
C ALA B 40 27.18 2.72 23.55
N TRP B 41 27.70 1.51 23.69
CA TRP B 41 29.06 1.15 23.31
C TRP B 41 29.00 0.02 22.29
N TYR B 42 29.68 0.21 21.16
CA TYR B 42 29.78 -0.74 20.07
C TYR B 42 31.23 -1.14 19.84
N GLN B 43 31.42 -2.36 19.37
CA GLN B 43 32.73 -2.89 18.99
C GLN B 43 32.71 -3.29 17.51
N GLN B 44 33.77 -2.94 16.79
CA GLN B 44 33.89 -3.29 15.38
C GLN B 44 35.28 -3.89 15.15
N LYS B 45 35.31 -5.13 14.69
CA LYS B 45 36.50 -5.84 14.29
C LYS B 45 36.75 -5.65 12.80
N PRO B 46 37.98 -5.89 12.32
CA PRO B 46 38.26 -5.67 10.90
C PRO B 46 37.34 -6.47 9.99
N GLY B 47 36.86 -5.81 8.94
CA GLY B 47 35.96 -6.45 8.00
C GLY B 47 34.59 -6.79 8.53
N GLN B 48 34.27 -6.38 9.75
CA GLN B 48 33.02 -6.73 10.40
C GLN B 48 32.13 -5.50 10.57
N PRO B 49 30.81 -5.69 10.60
CA PRO B 49 29.92 -4.60 11.01
C PRO B 49 30.08 -4.33 12.49
N PRO B 50 29.71 -3.13 12.95
CA PRO B 50 29.72 -2.87 14.39
C PRO B 50 28.78 -3.82 15.13
N LYS B 51 29.07 -4.03 16.41
CA LYS B 51 28.30 -4.92 17.26
C LYS B 51 28.00 -4.20 18.56
N LEU B 52 26.72 -4.20 18.96
CA LEU B 52 26.32 -3.50 20.18
C LEU B 52 26.81 -4.27 21.40
N LEU B 53 27.63 -3.61 22.22
CA LEU B 53 28.14 -4.19 23.45
C LEU B 53 27.29 -3.79 24.65
N ILE B 54 27.13 -2.49 24.87
CA ILE B 54 26.47 -1.99 26.08
C ILE B 54 25.45 -0.92 25.68
N TYR B 55 24.32 -0.89 26.37
CA TYR B 55 23.35 0.18 26.19
C TYR B 55 22.94 0.72 27.56
N TRP B 56 22.26 1.86 27.53
CA TRP B 56 21.87 2.58 28.75
C TRP B 56 23.07 2.79 29.67
N ALA B 57 24.23 3.07 29.05
CA ALA B 57 25.49 3.38 29.72
C ALA B 57 26.10 2.18 30.45
N SER B 58 25.29 1.35 31.10
CA SER B 58 25.83 0.31 31.97
C SER B 58 25.23 -1.07 31.77
N THR B 59 24.28 -1.25 30.84
CA THR B 59 23.60 -2.52 30.67
C THR B 59 24.26 -3.31 29.54
N ARG B 60 24.72 -4.51 29.86
CA ARG B 60 25.36 -5.37 28.88
C ARG B 60 24.32 -6.02 27.98
N GLU B 61 24.54 -5.97 26.68
CA GLU B 61 23.72 -6.73 25.75
C GLU B 61 23.86 -8.23 26.01
N SER B 62 22.82 -8.98 25.65
CA SER B 62 22.85 -10.43 25.86
C SER B 62 24.00 -11.05 25.07
N GLY B 63 24.76 -11.92 25.73
CA GLY B 63 25.89 -12.57 25.10
C GLY B 63 27.18 -11.78 25.12
N VAL B 64 27.23 -10.68 25.85
CA VAL B 64 28.46 -9.89 25.98
C VAL B 64 29.19 -10.35 27.24
N PRO B 65 30.47 -10.68 27.15
CA PRO B 65 31.20 -11.15 28.35
C PRO B 65 31.24 -10.08 29.43
N ASP B 66 31.23 -10.56 30.69
CA ASP B 66 31.26 -9.66 31.84
C ASP B 66 32.50 -8.77 31.86
N ARG B 67 33.57 -9.15 31.17
CA ARG B 67 34.79 -8.37 31.18
C ARG B 67 34.63 -7.01 30.50
N PHE B 68 33.52 -6.78 29.81
CA PHE B 68 33.17 -5.46 29.30
C PHE B 68 32.23 -4.80 30.30
N SER B 69 32.61 -3.63 30.81
CA SER B 69 31.78 -2.93 31.78
C SER B 69 31.61 -1.48 31.35
N GLY B 70 30.38 -1.00 31.42
CA GLY B 70 30.06 0.40 31.15
C GLY B 70 29.72 1.13 32.44
N SER B 71 30.23 2.35 32.58
CA SER B 71 30.02 3.12 33.78
C SER B 71 29.93 4.60 33.41
N GLY B 72 29.45 5.40 34.34
CA GLY B 72 29.42 6.83 34.20
C GLY B 72 28.01 7.37 34.16
N SER B 73 27.92 8.70 34.05
CA SER B 73 26.64 9.39 33.96
C SER B 73 26.87 10.81 33.49
N GLY B 74 25.77 11.55 33.33
CA GLY B 74 25.82 12.91 32.84
C GLY B 74 26.50 13.05 31.50
N THR B 75 27.72 13.58 31.51
CA THR B 75 28.51 13.76 30.31
C THR B 75 29.80 12.94 30.32
N ASP B 76 30.04 12.14 31.34
CA ASP B 76 31.28 11.37 31.47
C ASP B 76 30.95 9.89 31.54
N PHE B 77 31.47 9.13 30.59
CA PHE B 77 31.21 7.69 30.53
C PHE B 77 32.51 6.95 30.27
N THR B 78 32.52 5.67 30.62
CA THR B 78 33.73 4.86 30.55
C THR B 78 33.38 3.43 30.17
N LEU B 79 34.12 2.88 29.22
CA LEU B 79 34.11 1.46 28.91
C LEU B 79 35.40 0.84 29.42
N THR B 80 35.28 -0.20 30.25
CA THR B 80 36.42 -0.85 30.87
C THR B 80 36.44 -2.31 30.44
N ILE B 81 37.53 -2.71 29.79
CA ILE B 81 37.79 -4.11 29.47
C ILE B 81 38.77 -4.60 30.53
N SER B 82 38.23 -5.22 31.58
CA SER B 82 39.06 -5.98 32.50
C SER B 82 39.53 -7.26 31.81
N SER B 83 40.83 -7.52 31.87
CA SER B 83 41.41 -8.72 31.26
C SER B 83 41.17 -8.74 29.75
N LEU B 84 41.94 -7.96 29.01
CA LEU B 84 41.81 -7.92 27.56
C LEU B 84 42.15 -9.27 26.95
N GLN B 85 41.31 -9.74 26.03
CA GLN B 85 41.53 -10.99 25.32
C GLN B 85 41.88 -10.69 23.86
N ALA B 86 42.41 -11.72 23.19
CA ALA B 86 42.78 -11.57 21.78
C ALA B 86 41.57 -11.27 20.92
N GLU B 87 40.41 -11.82 21.27
CA GLU B 87 39.19 -11.57 20.50
C GLU B 87 38.79 -10.09 20.53
N ASP B 88 39.21 -9.36 21.57
CA ASP B 88 38.72 -8.01 21.80
C ASP B 88 39.52 -6.94 21.06
N VAL B 89 40.52 -7.33 20.27
CA VAL B 89 41.26 -6.35 19.47
C VAL B 89 40.31 -5.75 18.44
N ALA B 90 40.05 -4.44 18.55
CA ALA B 90 39.01 -3.83 17.73
C ALA B 90 38.92 -2.32 17.91
N VAL B 91 38.02 -1.67 17.17
CA VAL B 91 37.73 -0.26 17.36
C VAL B 91 36.41 -0.15 18.11
N TYR B 92 36.39 0.70 19.14
CA TYR B 92 35.22 0.85 20.01
C TYR B 92 34.65 2.24 19.86
N TYR B 93 33.32 2.32 19.72
CA TYR B 93 32.62 3.59 19.52
C TYR B 93 31.57 3.78 20.61
N CYS B 94 31.56 4.94 21.24
CA CYS B 94 30.39 5.38 21.99
C CYS B 94 29.42 6.12 21.07
N GLN B 95 28.14 5.96 21.35
CA GLN B 95 27.08 6.63 20.61
C GLN B 95 25.98 7.08 21.56
N GLN B 96 25.45 8.28 21.33
CA GLN B 96 24.27 8.74 22.06
C GLN B 96 23.03 8.51 21.20
N TYR B 97 21.98 7.98 21.82
CA TYR B 97 20.67 7.90 21.19
C TYR B 97 19.62 8.64 22.02
N TYR B 98 20.07 9.64 22.77
CA TYR B 98 19.15 10.49 23.53
C TYR B 98 18.16 11.19 22.59
N SER B 99 18.64 11.72 21.47
CA SER B 99 17.81 12.44 20.52
C SER B 99 18.46 12.37 19.14
N THR B 100 17.62 12.24 18.11
CA THR B 100 18.11 12.37 16.75
C THR B 100 18.49 13.82 16.47
N PRO B 101 19.52 14.06 15.66
CA PRO B 101 20.37 13.08 14.95
C PRO B 101 21.36 12.34 15.86
N TYR B 102 21.37 11.02 15.75
CA TYR B 102 22.32 10.21 16.51
C TYR B 102 23.75 10.56 16.12
N THR B 103 24.65 10.53 17.10
CA THR B 103 26.05 10.90 16.88
C THR B 103 26.96 9.87 17.53
N PHE B 104 28.15 9.72 16.94
CA PHE B 104 29.14 8.76 17.40
C PHE B 104 30.38 9.47 17.92
N GLY B 105 31.10 8.79 18.81
CA GLY B 105 32.47 9.15 19.06
C GLY B 105 33.35 8.79 17.88
N GLN B 106 34.56 9.36 17.88
CA GLN B 106 35.45 9.14 16.74
C GLN B 106 36.06 7.75 16.72
N GLY B 107 35.94 6.98 17.81
CA GLY B 107 36.45 5.62 17.83
C GLY B 107 37.80 5.48 18.51
N THR B 108 38.00 4.38 19.23
CA THR B 108 39.24 4.10 19.93
C THR B 108 39.74 2.73 19.52
N LYS B 109 40.98 2.67 19.03
CA LYS B 109 41.57 1.42 18.57
C LYS B 109 42.27 0.72 19.73
N VAL B 110 41.95 -0.56 19.92
CA VAL B 110 42.48 -1.36 21.04
C VAL B 110 43.20 -2.57 20.44
N GLU B 111 44.49 -2.67 20.75
CA GLU B 111 45.37 -3.70 20.22
C GLU B 111 46.14 -4.37 21.36
N ILE B 112 46.72 -5.52 21.05
CA ILE B 112 47.52 -6.27 22.03
C ILE B 112 48.90 -5.63 22.13
N LYS B 113 49.37 -5.45 23.36
CA LYS B 113 50.73 -4.99 23.60
C LYS B 113 51.64 -6.20 23.83
N ARG B 114 52.80 -6.16 23.18
CA ARG B 114 53.78 -7.24 23.31
C ARG B 114 55.17 -6.61 23.42
N THR B 115 56.15 -7.46 23.73
CA THR B 115 57.53 -7.01 23.86
C THR B 115 58.01 -6.42 22.54
N VAL B 116 59.04 -5.57 22.63
CA VAL B 116 59.58 -4.91 21.45
C VAL B 116 60.23 -5.94 20.54
N ALA B 117 59.92 -5.85 19.25
CA ALA B 117 60.52 -6.72 18.23
C ALA B 117 60.95 -5.85 17.07
N ALA B 118 62.23 -5.91 16.73
CA ALA B 118 62.75 -5.14 15.61
C ALA B 118 62.29 -5.76 14.29
N PRO B 119 62.16 -4.95 13.23
CA PRO B 119 61.73 -5.48 11.94
C PRO B 119 62.86 -6.13 11.17
N SER B 120 62.49 -7.10 10.34
CA SER B 120 63.37 -7.61 9.30
C SER B 120 63.18 -6.75 8.06
N VAL B 121 64.26 -6.13 7.58
CA VAL B 121 64.18 -5.15 6.50
C VAL B 121 64.67 -5.79 5.21
N PHE B 122 63.86 -5.70 4.16
CA PHE B 122 64.22 -6.16 2.82
C PHE B 122 63.92 -5.07 1.82
N ILE B 123 64.70 -5.03 0.73
CA ILE B 123 64.50 -4.05 -0.33
C ILE B 123 64.41 -4.79 -1.67
N PHE B 124 63.50 -4.32 -2.53
CA PHE B 124 63.24 -4.94 -3.82
C PHE B 124 63.35 -3.88 -4.90
N PRO B 125 64.23 -4.06 -5.90
CA PRO B 125 64.28 -3.13 -7.01
C PRO B 125 63.16 -3.41 -8.00
N PRO B 126 62.87 -2.48 -8.91
CA PRO B 126 61.81 -2.74 -9.89
C PRO B 126 62.24 -3.78 -10.90
N SER B 127 61.30 -4.65 -11.27
CA SER B 127 61.59 -5.66 -12.28
C SER B 127 61.83 -5.01 -13.64
N ASP B 128 62.60 -5.70 -14.47
CA ASP B 128 62.77 -5.25 -15.85
C ASP B 128 61.46 -5.29 -16.63
N GLU B 129 60.62 -6.29 -16.34
CA GLU B 129 59.27 -6.35 -16.90
C GLU B 129 58.53 -5.04 -16.67
N GLN B 130 58.44 -4.60 -15.41
CA GLN B 130 57.73 -3.36 -15.12
C GLN B 130 58.43 -2.17 -15.75
N LEU B 131 59.77 -2.14 -15.68
CA LEU B 131 60.55 -1.12 -16.37
C LEU B 131 60.14 -0.99 -17.84
N LYS B 132 59.75 -2.08 -18.49
CA LYS B 132 59.41 -2.01 -19.91
C LYS B 132 57.98 -1.55 -20.12
N SER B 133 57.27 -1.22 -19.04
CA SER B 133 56.01 -0.49 -19.13
C SER B 133 56.17 1.00 -18.89
N GLY B 134 57.35 1.45 -18.43
CA GLY B 134 57.61 2.85 -18.22
C GLY B 134 57.53 3.35 -16.80
N THR B 135 57.59 2.47 -15.81
CA THR B 135 57.50 2.88 -14.41
C THR B 135 58.38 1.97 -13.56
N ALA B 136 58.97 2.56 -12.51
CA ALA B 136 59.85 1.85 -11.59
C ALA B 136 59.23 1.89 -10.20
N SER B 137 59.03 0.70 -9.63
CA SER B 137 58.50 0.50 -8.29
C SER B 137 59.60 -0.10 -7.40
N VAL B 138 60.03 0.66 -6.39
CA VAL B 138 61.01 0.18 -5.42
C VAL B 138 60.26 -0.11 -4.13
N VAL B 139 60.49 -1.28 -3.56
CA VAL B 139 59.72 -1.74 -2.41
C VAL B 139 60.64 -1.88 -1.21
N CYS B 140 60.16 -1.47 -0.04
CA CYS B 140 60.82 -1.69 1.24
C CYS B 140 59.86 -2.44 2.15
N LEU B 141 60.29 -3.58 2.68
CA LEU B 141 59.47 -4.45 3.51
C LEU B 141 60.04 -4.51 4.91
N LEU B 142 59.17 -4.29 5.90
CA LEU B 142 59.48 -4.44 7.31
C LEU B 142 58.64 -5.60 7.84
N ASN B 143 59.32 -6.64 8.32
CA ASN B 143 58.68 -7.90 8.66
C ASN B 143 58.68 -8.11 10.17
N ASN B 144 57.50 -8.35 10.73
CA ASN B 144 57.32 -8.84 12.10
C ASN B 144 58.02 -7.94 13.13
N PHE B 145 57.41 -6.79 13.37
CA PHE B 145 57.93 -5.83 14.32
C PHE B 145 56.83 -5.35 15.26
N TYR B 146 57.27 -4.74 16.37
CA TYR B 146 56.38 -4.12 17.35
C TYR B 146 57.21 -3.17 18.19
N PRO B 147 56.71 -1.97 18.52
CA PRO B 147 55.38 -1.47 18.17
C PRO B 147 55.26 -1.05 16.72
N ARG B 148 54.07 -0.59 16.30
CA ARG B 148 53.85 -0.32 14.88
C ARG B 148 54.58 0.95 14.44
N GLU B 149 54.76 1.91 15.34
CA GLU B 149 55.37 3.17 14.94
C GLU B 149 56.80 2.94 14.46
N ALA B 150 57.12 3.53 13.32
CA ALA B 150 58.43 3.40 12.69
C ALA B 150 58.57 4.50 11.67
N LYS B 151 59.81 4.73 11.23
CA LYS B 151 60.09 5.70 10.19
C LYS B 151 60.82 5.01 9.05
N VAL B 152 60.40 5.32 7.83
CA VAL B 152 60.92 4.70 6.62
C VAL B 152 61.23 5.84 5.66
N GLN B 153 62.50 6.17 5.51
CA GLN B 153 62.94 7.30 4.71
C GLN B 153 63.57 6.77 3.44
N TRP B 154 63.04 7.20 2.29
CA TRP B 154 63.60 6.84 1.00
C TRP B 154 64.66 7.85 0.62
N LYS B 155 65.79 7.36 0.12
CA LYS B 155 66.87 8.24 -0.28
C LYS B 155 67.44 7.77 -1.62
N VAL B 156 67.58 8.72 -2.53
CA VAL B 156 68.02 8.45 -3.90
C VAL B 156 69.26 9.30 -4.13
N ASP B 157 70.41 8.64 -4.22
CA ASP B 157 71.71 9.32 -4.24
C ASP B 157 71.86 10.23 -3.02
N ASN B 158 71.49 9.70 -1.86
CA ASN B 158 71.49 10.41 -0.58
C ASN B 158 70.65 11.69 -0.62
N ALA B 159 69.64 11.74 -1.46
CA ALA B 159 68.64 12.81 -1.44
C ALA B 159 67.33 12.25 -0.91
N LEU B 160 66.76 12.93 0.08
CA LEU B 160 65.53 12.45 0.70
C LEU B 160 64.35 12.67 -0.23
N GLN B 161 63.47 11.69 -0.30
CA GLN B 161 62.30 11.73 -1.17
C GLN B 161 61.06 12.16 -0.40
N SER B 162 60.16 12.85 -1.08
CA SER B 162 58.97 13.40 -0.45
C SER B 162 57.81 13.38 -1.45
N GLY B 163 56.65 12.95 -0.98
CA GLY B 163 55.46 12.96 -1.81
C GLY B 163 55.47 11.97 -2.95
N ASN B 164 56.37 10.99 -2.93
CA ASN B 164 56.46 9.98 -3.98
C ASN B 164 56.49 8.58 -3.38
N SER B 165 55.96 8.40 -2.17
CA SER B 165 56.01 7.13 -1.46
C SER B 165 54.64 6.80 -0.90
N GLN B 166 54.30 5.52 -0.90
CA GLN B 166 53.04 5.04 -0.34
C GLN B 166 53.31 3.95 0.69
N GLU B 167 52.66 4.05 1.84
CA GLU B 167 52.83 3.12 2.94
C GLU B 167 51.58 2.28 3.14
N SER B 168 51.77 0.98 3.34
CA SER B 168 50.69 0.05 3.67
C SER B 168 51.11 -0.79 4.85
N VAL B 169 50.15 -1.14 5.71
CA VAL B 169 50.43 -1.85 6.95
C VAL B 169 49.41 -2.96 7.12
N THR B 170 49.86 -4.10 7.65
CA THR B 170 48.96 -5.19 7.96
C THR B 170 48.38 -5.01 9.36
N GLU B 171 47.31 -5.74 9.63
CA GLU B 171 46.75 -5.76 10.97
C GLU B 171 47.66 -6.56 11.90
N GLN B 172 47.40 -6.43 13.20
CA GLN B 172 48.18 -7.18 14.19
C GLN B 172 48.03 -8.67 13.93
N ASP B 173 49.16 -9.35 13.75
CA ASP B 173 49.14 -10.77 13.38
C ASP B 173 48.47 -11.60 14.46
N SER B 174 47.79 -12.66 14.02
CA SER B 174 47.08 -13.55 14.92
C SER B 174 48.01 -14.13 15.99
N LYS B 175 49.17 -14.65 15.56
CA LYS B 175 49.98 -15.48 16.45
C LYS B 175 50.96 -14.66 17.30
N ASP B 176 51.81 -13.84 16.66
CA ASP B 176 52.86 -13.13 17.37
C ASP B 176 52.53 -11.67 17.63
N SER B 177 51.33 -11.21 17.27
CA SER B 177 50.88 -9.83 17.51
C SER B 177 51.90 -8.80 17.02
N THR B 178 52.48 -9.06 15.86
CA THR B 178 53.39 -8.12 15.23
C THR B 178 52.73 -7.50 14.00
N TYR B 179 53.41 -6.52 13.43
CA TYR B 179 52.98 -5.87 12.20
C TYR B 179 54.01 -6.09 11.11
N SER B 180 53.58 -5.91 9.86
CA SER B 180 54.47 -5.81 8.74
C SER B 180 54.05 -4.63 7.88
N LEU B 181 55.02 -4.00 7.23
CA LEU B 181 54.80 -2.73 6.56
C LEU B 181 55.53 -2.74 5.23
N SER B 182 54.89 -2.16 4.21
CA SER B 182 55.49 -1.99 2.90
C SER B 182 55.48 -0.51 2.53
N SER B 183 56.62 -0.01 2.10
CA SER B 183 56.73 1.35 1.58
C SER B 183 57.20 1.26 0.14
N THR B 184 56.38 1.75 -0.78
CA THR B 184 56.65 1.66 -2.21
C THR B 184 56.94 3.06 -2.75
N LEU B 185 58.12 3.22 -3.33
CA LEU B 185 58.52 4.43 -4.02
C LEU B 185 58.25 4.21 -5.52
N THR B 186 57.40 5.06 -6.08
CA THR B 186 56.99 4.95 -7.48
C THR B 186 57.56 6.13 -8.25
N LEU B 187 58.16 5.85 -9.40
CA LEU B 187 58.65 6.94 -10.24
C LEU B 187 58.69 6.51 -11.68
N SER B 188 58.88 7.48 -12.57
CA SER B 188 59.09 7.17 -13.97
C SER B 188 60.43 6.46 -14.17
N LYS B 189 60.51 5.65 -15.22
CA LYS B 189 61.79 5.04 -15.57
C LYS B 189 62.82 6.11 -15.89
N ALA B 190 62.38 7.20 -16.54
CA ALA B 190 63.29 8.29 -16.87
C ALA B 190 63.98 8.84 -15.62
N ASP B 191 63.30 8.84 -14.48
CA ASP B 191 63.83 9.41 -13.25
C ASP B 191 64.31 8.33 -12.30
N TYR B 192 64.21 7.07 -12.70
CA TYR B 192 64.89 5.95 -12.07
C TYR B 192 66.27 5.71 -12.65
N GLU B 193 66.41 5.80 -13.97
CA GLU B 193 67.69 5.66 -14.65
C GLU B 193 68.58 6.90 -14.50
N LYS B 194 68.10 7.95 -13.83
CA LYS B 194 68.91 9.15 -13.64
C LYS B 194 69.84 9.04 -12.44
N HIS B 195 69.54 8.16 -11.49
CA HIS B 195 70.32 8.01 -10.27
C HIS B 195 70.76 6.57 -10.11
N LYS B 196 71.61 6.34 -9.11
CA LYS B 196 72.23 5.02 -8.90
C LYS B 196 71.82 4.41 -7.57
N VAL B 197 72.08 5.10 -6.46
CA VAL B 197 71.87 4.53 -5.12
C VAL B 197 70.42 4.73 -4.71
N TYR B 198 69.73 3.64 -4.40
CA TYR B 198 68.38 3.68 -3.85
C TYR B 198 68.40 2.99 -2.50
N ALA B 199 68.03 3.73 -1.45
CA ALA B 199 68.18 3.25 -0.08
C ALA B 199 66.90 3.49 0.70
N CYS B 200 66.59 2.55 1.58
CA CYS B 200 65.46 2.64 2.51
C CYS B 200 66.02 2.58 3.92
N GLU B 201 65.76 3.63 4.70
CA GLU B 201 66.28 3.77 6.05
C GLU B 201 65.15 3.58 7.04
N VAL B 202 65.27 2.59 7.91
CA VAL B 202 64.24 2.20 8.85
C VAL B 202 64.69 2.56 10.26
N THR B 203 63.93 3.42 10.92
CA THR B 203 64.13 3.76 12.32
C THR B 203 63.01 3.13 13.15
N HIS B 204 63.39 2.35 14.15
CA HIS B 204 62.42 1.64 14.98
C HIS B 204 62.98 1.53 16.40
N GLN B 205 62.06 1.35 17.36
CA GLN B 205 62.46 1.23 18.75
C GLN B 205 63.34 0.01 18.99
N GLY B 206 63.11 -1.07 18.24
CA GLY B 206 63.89 -2.29 18.41
C GLY B 206 65.29 -2.25 17.86
N LEU B 207 65.62 -1.21 17.10
CA LEU B 207 66.94 -1.05 16.50
C LEU B 207 67.70 0.04 17.26
N SER B 208 68.94 -0.27 17.65
CA SER B 208 69.75 0.72 18.36
C SER B 208 70.12 1.88 17.46
N SER B 209 70.15 1.66 16.14
CA SER B 209 70.44 2.69 15.16
C SER B 209 69.74 2.33 13.87
N PRO B 210 69.35 3.31 13.05
CA PRO B 210 68.54 3.00 11.86
C PRO B 210 69.24 2.03 10.91
N VAL B 211 68.45 1.11 10.36
CA VAL B 211 68.94 0.09 9.44
C VAL B 211 68.68 0.56 8.02
N THR B 212 69.72 0.63 7.21
CA THR B 212 69.60 1.04 5.82
C THR B 212 69.78 -0.17 4.91
N LYS B 213 68.84 -0.37 3.99
CA LYS B 213 68.95 -1.38 2.95
C LYS B 213 68.97 -0.68 1.59
N SER B 214 69.99 -0.97 0.79
CA SER B 214 70.22 -0.19 -0.43
C SER B 214 70.59 -1.10 -1.59
N PHE B 215 70.47 -0.54 -2.79
CA PHE B 215 70.96 -1.18 -4.00
C PHE B 215 71.33 -0.11 -5.02
N ASN B 216 72.26 -0.45 -5.91
CA ASN B 216 72.67 0.46 -6.97
C ASN B 216 72.06 0.02 -8.29
N ARG B 217 71.45 0.98 -9.00
CA ARG B 217 70.91 0.71 -10.32
C ARG B 217 72.03 0.44 -11.31
N GLY B 218 71.78 -0.50 -12.22
CA GLY B 218 72.79 -0.93 -13.18
C GLY B 218 73.69 -2.03 -12.67
N GLU B 219 73.68 -2.27 -11.36
CA GLU B 219 74.44 -3.32 -10.71
C GLU B 219 73.46 -4.32 -10.10
N CYS B 220 73.96 -5.53 -9.85
CA CYS B 220 73.12 -6.59 -9.31
C CYS B 220 72.61 -6.26 -7.92
N GLN C 1 -24.32 1.97 -6.25
CA GLN C 1 -23.94 2.92 -7.30
C GLN C 1 -22.55 3.49 -7.04
N MET C 2 -21.82 3.75 -8.13
CA MET C 2 -20.47 4.27 -8.07
C MET C 2 -20.39 5.58 -8.84
N GLN C 3 -19.62 6.54 -8.30
CA GLN C 3 -19.49 7.86 -8.90
C GLN C 3 -18.01 8.22 -9.02
N LEU C 4 -17.66 8.87 -10.14
CA LEU C 4 -16.30 9.32 -10.40
C LEU C 4 -16.27 10.83 -10.47
N VAL C 5 -15.33 11.44 -9.76
CA VAL C 5 -15.17 12.89 -9.72
C VAL C 5 -13.76 13.23 -10.18
N GLN C 6 -13.65 14.14 -11.13
CA GLN C 6 -12.37 14.52 -11.73
C GLN C 6 -11.90 15.87 -11.20
N SER C 7 -10.59 16.09 -11.29
CA SER C 7 -10.00 17.36 -10.90
C SER C 7 -10.47 18.49 -11.82
N GLY C 8 -10.17 19.72 -11.41
CA GLY C 8 -10.70 20.89 -12.06
C GLY C 8 -9.95 21.31 -13.32
N THR C 9 -10.40 22.43 -13.89
CA THR C 9 -9.89 22.91 -15.16
C THR C 9 -8.40 23.23 -15.07
N GLU C 10 -7.69 22.95 -16.16
CA GLU C 10 -6.25 23.18 -16.24
C GLU C 10 -5.92 24.11 -17.40
N VAL C 11 -5.08 25.11 -17.12
CA VAL C 11 -4.55 26.02 -18.12
C VAL C 11 -3.03 26.03 -17.96
N LYS C 12 -2.32 25.49 -18.95
CA LYS C 12 -0.88 25.31 -18.87
C LYS C 12 -0.20 25.92 -20.09
N LYS C 13 1.14 25.99 -20.02
CA LYS C 13 2.05 26.41 -21.06
C LYS C 13 2.68 25.21 -21.76
N PRO C 14 3.02 25.33 -23.04
CA PRO C 14 3.67 24.20 -23.72
C PRO C 14 5.02 23.87 -23.08
N GLY C 15 5.25 22.57 -22.88
CA GLY C 15 6.45 22.08 -22.25
C GLY C 15 6.31 21.74 -20.79
N GLU C 16 5.22 22.15 -20.15
CA GLU C 16 5.01 21.86 -18.74
C GLU C 16 4.41 20.47 -18.55
N SER C 17 4.70 19.88 -17.39
CA SER C 17 4.09 18.61 -17.03
C SER C 17 2.68 18.84 -16.49
N LEU C 18 1.92 17.75 -16.40
CA LEU C 18 0.57 17.84 -15.85
C LEU C 18 0.13 16.46 -15.40
N LYS C 19 -0.67 16.43 -14.33
CA LYS C 19 -1.22 15.17 -13.83
C LYS C 19 -2.63 15.45 -13.32
N ILE C 20 -3.63 14.89 -14.02
CA ILE C 20 -5.01 15.05 -13.62
C ILE C 20 -5.48 13.74 -13.00
N SER C 21 -6.54 13.84 -12.18
CA SER C 21 -6.96 12.76 -11.31
C SER C 21 -8.45 12.47 -11.49
N CYS C 22 -8.84 11.29 -11.03
CA CYS C 22 -10.24 10.85 -11.07
C CYS C 22 -10.45 9.91 -9.89
N LYS C 23 -11.28 10.34 -8.93
CA LYS C 23 -11.49 9.61 -7.70
C LYS C 23 -12.85 8.94 -7.71
N GLY C 24 -12.89 7.68 -7.27
CA GLY C 24 -14.12 6.92 -7.19
C GLY C 24 -14.70 6.91 -5.78
N SER C 25 -16.02 6.87 -5.71
CA SER C 25 -16.72 6.83 -4.43
C SER C 25 -17.99 6.00 -4.59
N GLY C 26 -18.26 5.15 -3.61
CA GLY C 26 -19.44 4.32 -3.60
C GLY C 26 -19.10 2.85 -3.47
N TYR C 27 -20.15 2.04 -3.43
CA TYR C 27 -20.00 0.60 -3.24
C TYR C 27 -19.59 -0.07 -4.53
N GLY C 28 -18.73 -1.08 -4.42
CA GLY C 28 -18.31 -1.84 -5.57
C GLY C 28 -17.18 -1.24 -6.38
N PHE C 29 -16.44 -0.29 -5.82
CA PHE C 29 -15.31 0.29 -6.55
C PHE C 29 -14.21 -0.74 -6.79
N ILE C 30 -14.12 -1.76 -5.95
CA ILE C 30 -13.08 -2.78 -6.07
C ILE C 30 -13.13 -3.50 -7.41
N THR C 31 -14.28 -3.51 -8.08
CA THR C 31 -14.44 -4.25 -9.33
C THR C 31 -14.21 -3.39 -10.56
N TYR C 32 -13.91 -2.10 -10.41
CA TYR C 32 -13.96 -1.15 -11.52
C TYR C 32 -12.60 -0.96 -12.15
N TRP C 33 -12.57 -1.02 -13.48
CA TRP C 33 -11.45 -0.58 -14.28
C TRP C 33 -11.74 0.82 -14.79
N ILE C 34 -10.77 1.72 -14.67
CA ILE C 34 -10.94 3.13 -15.01
C ILE C 34 -10.17 3.40 -16.29
N GLY C 35 -10.90 3.80 -17.34
CA GLY C 35 -10.30 4.22 -18.59
C GLY C 35 -10.30 5.73 -18.75
N TRP C 36 -9.47 6.18 -19.69
CA TRP C 36 -9.31 7.60 -19.98
C TRP C 36 -9.67 7.85 -21.43
N VAL C 37 -10.56 8.81 -21.66
CA VAL C 37 -11.07 9.15 -22.98
C VAL C 37 -10.73 10.60 -23.27
N ARG C 38 -10.14 10.86 -24.44
CA ARG C 38 -9.84 12.20 -24.88
C ARG C 38 -10.88 12.66 -25.88
N GLN C 39 -11.30 13.91 -25.78
CA GLN C 39 -12.20 14.52 -26.75
C GLN C 39 -11.66 15.91 -27.08
N MET C 40 -11.09 16.05 -28.26
CA MET C 40 -10.60 17.35 -28.70
C MET C 40 -11.79 18.23 -29.10
N PRO C 41 -11.65 19.56 -29.02
CA PRO C 41 -12.78 20.46 -29.26
C PRO C 41 -13.50 20.20 -30.58
N GLY C 42 -14.78 19.87 -30.51
CA GLY C 42 -15.59 19.62 -31.69
C GLY C 42 -15.35 18.30 -32.37
N LYS C 43 -14.65 17.36 -31.73
CA LYS C 43 -14.36 16.06 -32.31
C LYS C 43 -15.00 14.96 -31.48
N GLY C 44 -14.61 13.72 -31.74
CA GLY C 44 -15.17 12.56 -31.09
C GLY C 44 -14.36 12.10 -29.89
N LEU C 45 -14.64 10.88 -29.45
CA LEU C 45 -14.00 10.27 -28.29
C LEU C 45 -12.85 9.37 -28.73
N GLU C 46 -11.73 9.43 -28.01
CA GLU C 46 -10.58 8.58 -28.26
C GLU C 46 -10.19 7.88 -26.97
N TRP C 47 -10.28 6.55 -26.98
CA TRP C 47 -9.90 5.76 -25.81
C TRP C 47 -8.38 5.75 -25.68
N MET C 48 -7.87 6.32 -24.58
CA MET C 48 -6.43 6.43 -24.37
C MET C 48 -5.86 5.21 -23.66
N GLY C 49 -6.59 4.66 -22.69
CA GLY C 49 -6.09 3.53 -21.94
C GLY C 49 -7.01 3.23 -20.77
N ILE C 50 -6.58 2.24 -19.98
CA ILE C 50 -7.37 1.74 -18.86
C ILE C 50 -6.42 1.19 -17.81
N ILE C 51 -6.86 1.23 -16.55
CA ILE C 51 -6.08 0.70 -15.44
C ILE C 51 -7.03 0.03 -14.45
N TYR C 52 -6.59 -1.09 -13.88
CA TYR C 52 -7.25 -1.66 -12.72
C TYR C 52 -6.54 -1.17 -11.46
N PRO C 53 -7.18 -0.35 -10.62
CA PRO C 53 -6.47 0.23 -9.47
C PRO C 53 -5.95 -0.78 -8.46
N GLY C 54 -6.52 -1.99 -8.43
CA GLY C 54 -6.13 -2.96 -7.40
C GLY C 54 -4.68 -3.40 -7.54
N ASP C 55 -4.22 -3.63 -8.76
CA ASP C 55 -2.83 -4.02 -9.00
C ASP C 55 -2.14 -3.12 -10.02
N SER C 56 -2.76 -2.01 -10.39
CA SER C 56 -2.23 -1.08 -11.40
C SER C 56 -1.86 -1.80 -12.69
N GLU C 57 -2.64 -2.80 -13.07
CA GLU C 57 -2.54 -3.35 -14.42
C GLU C 57 -3.03 -2.31 -15.41
N THR C 58 -2.17 -1.94 -16.36
CA THR C 58 -2.43 -0.83 -17.27
C THR C 58 -2.36 -1.31 -18.72
N ARG C 59 -3.33 -0.87 -19.51
CA ARG C 59 -3.36 -1.10 -20.94
C ARG C 59 -3.50 0.23 -21.66
N TYR C 60 -2.76 0.39 -22.75
CA TYR C 60 -2.76 1.62 -23.53
C TYR C 60 -3.26 1.36 -24.94
N SER C 61 -3.77 2.41 -25.55
CA SER C 61 -3.96 2.25 -26.98
C SER C 61 -2.67 2.62 -27.70
N PRO C 62 -2.38 2.00 -28.85
CA PRO C 62 -1.09 2.25 -29.51
C PRO C 62 -0.87 3.70 -29.93
N SER C 63 -1.93 4.51 -30.02
CA SER C 63 -1.78 5.91 -30.41
C SER C 63 -1.43 6.80 -29.23
N PHE C 64 -1.61 6.32 -28.00
CA PHE C 64 -1.26 7.08 -26.80
C PHE C 64 -0.16 6.42 -25.98
N GLN C 65 0.23 5.20 -26.31
CA GLN C 65 1.32 4.54 -25.61
C GLN C 65 2.62 5.34 -25.74
N GLY C 66 3.25 5.62 -24.61
CA GLY C 66 4.47 6.40 -24.60
C GLY C 66 4.28 7.90 -24.63
N GLN C 67 3.07 8.38 -24.92
CA GLN C 67 2.79 9.81 -24.88
C GLN C 67 2.23 10.27 -23.55
N VAL C 68 1.46 9.40 -22.87
CA VAL C 68 0.87 9.70 -21.58
C VAL C 68 1.19 8.56 -20.64
N THR C 69 0.98 8.80 -19.34
CA THR C 69 1.17 7.78 -18.32
C THR C 69 -0.09 7.68 -17.49
N ILE C 70 -0.65 6.48 -17.41
CA ILE C 70 -1.83 6.18 -16.59
C ILE C 70 -1.37 5.41 -15.36
N SER C 71 -1.80 5.85 -14.18
CA SER C 71 -1.42 5.19 -12.95
C SER C 71 -2.59 5.23 -11.98
N ALA C 72 -2.37 4.76 -10.76
CA ALA C 72 -3.45 4.69 -9.79
C ALA C 72 -2.90 4.60 -8.38
N ASP C 73 -3.58 5.29 -7.46
CA ASP C 73 -3.37 5.15 -6.03
C ASP C 73 -4.64 4.49 -5.49
N LYS C 74 -4.54 3.19 -5.19
CA LYS C 74 -5.70 2.43 -4.72
C LYS C 74 -6.07 2.78 -3.28
N SER C 75 -5.14 3.33 -2.50
CA SER C 75 -5.45 3.68 -1.12
C SER C 75 -6.46 4.82 -1.04
N ILE C 76 -6.54 5.65 -2.08
CA ILE C 76 -7.49 6.76 -2.12
C ILE C 76 -8.47 6.60 -3.28
N ASN C 77 -8.55 5.39 -3.85
CA ASN C 77 -9.49 5.08 -4.94
C ASN C 77 -9.37 6.08 -6.08
N THR C 78 -8.14 6.33 -6.52
CA THR C 78 -7.89 7.38 -7.49
C THR C 78 -7.07 6.85 -8.67
N ALA C 79 -7.44 7.28 -9.87
CA ALA C 79 -6.67 7.01 -11.08
C ALA C 79 -6.11 8.33 -11.61
N TYR C 80 -4.98 8.25 -12.31
CA TYR C 80 -4.23 9.42 -12.74
C TYR C 80 -3.85 9.32 -14.21
N LEU C 81 -3.92 10.45 -14.91
CA LEU C 81 -3.47 10.58 -16.28
C LEU C 81 -2.49 11.75 -16.34
N GLN C 82 -1.27 11.52 -16.82
CA GLN C 82 -0.24 12.53 -16.73
C GLN C 82 0.59 12.61 -18.01
N TRP C 83 1.07 13.83 -18.29
CA TRP C 83 2.02 14.13 -19.34
C TRP C 83 3.28 14.72 -18.72
N SER C 84 4.42 14.43 -19.34
CA SER C 84 5.70 14.96 -18.90
C SER C 84 6.03 16.31 -19.55
N SER C 85 5.55 16.55 -20.77
CA SER C 85 5.77 17.82 -21.45
C SER C 85 4.59 18.05 -22.39
N LEU C 86 3.79 19.07 -22.08
CA LEU C 86 2.55 19.29 -22.79
C LEU C 86 2.78 20.00 -24.11
N LYS C 87 1.96 19.66 -25.10
CA LYS C 87 1.91 20.35 -26.38
C LYS C 87 0.58 21.05 -26.53
N ALA C 88 0.53 22.01 -27.46
CA ALA C 88 -0.73 22.69 -27.75
C ALA C 88 -1.78 21.70 -28.25
N SER C 89 -1.36 20.64 -28.94
CA SER C 89 -2.28 19.64 -29.45
C SER C 89 -2.92 18.81 -28.35
N ASP C 90 -2.47 18.96 -27.10
CA ASP C 90 -3.09 18.25 -25.97
C ASP C 90 -4.32 18.96 -25.43
N THR C 91 -4.67 20.12 -25.98
CA THR C 91 -5.84 20.86 -25.50
C THR C 91 -7.11 20.10 -25.84
N ALA C 92 -7.86 19.70 -24.82
CA ALA C 92 -9.04 18.85 -25.02
C ALA C 92 -9.73 18.68 -23.68
N ILE C 93 -10.88 17.99 -23.70
CA ILE C 93 -11.53 17.52 -22.49
C ILE C 93 -11.16 16.06 -22.27
N TYR C 94 -10.88 15.71 -21.02
CA TYR C 94 -10.46 14.36 -20.66
C TYR C 94 -11.45 13.79 -19.67
N TYR C 95 -12.09 12.69 -20.06
CA TYR C 95 -13.06 12.00 -19.22
C TYR C 95 -12.44 10.75 -18.63
N CYS C 96 -12.70 10.51 -17.35
CA CYS C 96 -12.46 9.21 -16.76
C CYS C 96 -13.77 8.43 -16.76
N ALA C 97 -13.73 7.19 -17.25
CA ALA C 97 -14.90 6.35 -17.30
C ALA C 97 -14.62 5.05 -16.57
N GLY C 98 -15.67 4.41 -16.11
CA GLY C 98 -15.53 3.21 -15.29
C GLY C 98 -16.35 2.05 -15.80
N GLY C 99 -15.74 0.87 -15.77
CA GLY C 99 -16.46 -0.35 -16.07
C GLY C 99 -16.09 -1.47 -15.12
N SER C 100 -17.09 -2.11 -14.51
CA SER C 100 -16.83 -3.15 -13.50
C SER C 100 -16.36 -4.42 -14.22
N GLY C 101 -15.10 -4.39 -14.64
CA GLY C 101 -14.51 -5.53 -15.31
C GLY C 101 -13.95 -5.19 -16.67
N ILE C 102 -12.97 -5.98 -17.14
CA ILE C 102 -12.45 -5.81 -18.49
C ILE C 102 -13.45 -6.40 -19.48
N SER C 103 -13.41 -5.88 -20.71
CA SER C 103 -14.41 -6.20 -21.74
C SER C 103 -15.82 -6.00 -21.20
N THR C 104 -16.04 -4.84 -20.61
CA THR C 104 -17.33 -4.39 -20.12
C THR C 104 -17.54 -2.95 -20.58
N PRO C 105 -18.79 -2.50 -20.66
CA PRO C 105 -19.03 -1.11 -21.09
C PRO C 105 -18.66 -0.13 -19.98
N MET C 106 -18.50 1.13 -20.39
CA MET C 106 -18.20 2.21 -19.45
C MET C 106 -19.53 2.78 -18.96
N ASP C 107 -20.03 2.23 -17.85
CA ASP C 107 -21.33 2.59 -17.31
C ASP C 107 -21.28 3.78 -16.38
N VAL C 108 -20.09 4.17 -15.91
CA VAL C 108 -19.92 5.31 -15.02
C VAL C 108 -18.91 6.26 -15.67
N TRP C 109 -19.24 7.54 -15.71
CA TRP C 109 -18.39 8.55 -16.33
C TRP C 109 -18.15 9.70 -15.37
N GLY C 110 -16.94 10.26 -15.42
CA GLY C 110 -16.65 11.48 -14.71
C GLY C 110 -17.22 12.70 -15.43
N GLN C 111 -17.18 13.83 -14.74
CA GLN C 111 -17.74 15.06 -15.28
C GLN C 111 -16.86 15.71 -16.32
N GLY C 112 -15.59 15.30 -16.44
CA GLY C 112 -14.70 15.84 -17.45
C GLY C 112 -13.75 16.89 -16.92
N THR C 113 -12.51 16.86 -17.39
CA THR C 113 -11.48 17.84 -17.05
C THR C 113 -11.06 18.56 -18.33
N THR C 114 -11.29 19.86 -18.38
CA THR C 114 -10.89 20.66 -19.53
C THR C 114 -9.44 21.09 -19.38
N VAL C 115 -8.63 20.84 -20.41
CA VAL C 115 -7.21 21.16 -20.41
C VAL C 115 -6.93 22.05 -21.60
N THR C 116 -6.30 23.20 -21.35
CA THR C 116 -5.90 24.14 -22.39
C THR C 116 -4.40 24.39 -22.27
N VAL C 117 -3.66 24.03 -23.31
CA VAL C 117 -2.22 24.25 -23.37
C VAL C 117 -1.95 25.26 -24.48
N SER C 118 -1.46 26.44 -24.10
CA SER C 118 -1.21 27.49 -25.06
C SER C 118 -0.06 28.37 -24.58
N SER C 119 0.70 28.91 -25.53
CA SER C 119 1.73 29.89 -25.23
C SER C 119 1.17 31.16 -24.62
N ALA C 120 -0.12 31.44 -24.82
CA ALA C 120 -0.69 32.73 -24.46
C ALA C 120 -0.72 32.91 -22.94
N SER C 121 -0.80 34.16 -22.51
CA SER C 121 -0.92 34.51 -21.10
C SER C 121 -2.34 34.96 -20.81
N THR C 122 -2.67 35.00 -19.51
CA THR C 122 -3.96 35.49 -19.05
C THR C 122 -4.19 36.90 -19.56
N LYS C 123 -5.42 37.20 -19.93
CA LYS C 123 -5.68 38.51 -20.47
C LYS C 123 -7.20 38.68 -20.40
N GLY C 124 -7.67 39.85 -19.98
CA GLY C 124 -9.10 40.06 -19.79
C GLY C 124 -9.70 40.60 -21.07
N PRO C 125 -11.01 40.39 -21.27
CA PRO C 125 -11.59 40.75 -22.57
C PRO C 125 -11.93 42.23 -22.68
N SER C 126 -11.83 42.73 -23.91
CA SER C 126 -12.34 44.06 -24.25
C SER C 126 -13.78 43.91 -24.74
N VAL C 127 -14.69 44.68 -24.14
CA VAL C 127 -16.10 44.60 -24.49
C VAL C 127 -16.46 45.85 -25.28
N PHE C 128 -17.01 45.64 -26.48
CA PHE C 128 -17.37 46.69 -27.41
C PHE C 128 -18.86 46.59 -27.73
N PRO C 129 -19.52 47.71 -28.00
CA PRO C 129 -20.97 47.65 -28.27
C PRO C 129 -21.27 47.19 -29.69
N LEU C 130 -22.32 46.37 -29.80
CA LEU C 130 -22.96 46.09 -31.07
C LEU C 130 -24.25 46.91 -31.03
N ALA C 131 -24.14 48.15 -31.50
CA ALA C 131 -25.18 49.16 -31.34
C ALA C 131 -26.32 48.89 -32.33
N PRO C 132 -27.57 49.10 -31.92
CA PRO C 132 -28.69 48.80 -32.81
C PRO C 132 -28.83 49.84 -33.91
N SER C 133 -29.57 49.45 -34.95
CA SER C 133 -29.77 50.30 -36.11
C SER C 133 -30.63 51.50 -35.77
N SER C 134 -30.12 52.69 -36.09
CA SER C 134 -30.84 53.97 -36.00
C SER C 134 -31.80 54.09 -34.82
N GLY C 139 -41.77 49.94 -33.93
CA GLY C 139 -41.98 49.22 -35.17
C GLY C 139 -41.89 47.71 -35.00
N GLY C 140 -40.74 47.15 -35.35
CA GLY C 140 -40.56 45.71 -35.27
C GLY C 140 -39.45 45.29 -34.33
N THR C 141 -38.45 44.60 -34.85
CA THR C 141 -37.35 44.06 -34.05
C THR C 141 -36.03 44.65 -34.51
N ALA C 142 -35.18 44.98 -33.54
CA ALA C 142 -33.81 45.39 -33.79
C ALA C 142 -32.88 44.45 -33.03
N ALA C 143 -31.63 44.40 -33.46
CA ALA C 143 -30.63 43.57 -32.78
C ALA C 143 -29.58 44.46 -32.13
N LEU C 144 -29.13 44.05 -30.94
CA LEU C 144 -28.01 44.71 -30.28
C LEU C 144 -27.18 43.64 -29.60
N GLY C 145 -26.03 44.04 -29.06
CA GLY C 145 -25.21 43.07 -28.36
C GLY C 145 -23.90 43.63 -27.86
N CYS C 146 -23.01 42.71 -27.49
CA CYS C 146 -21.67 43.02 -26.99
C CYS C 146 -20.65 42.09 -27.61
N LEU C 147 -19.54 42.68 -28.07
CA LEU C 147 -18.39 41.99 -28.64
C LEU C 147 -17.35 41.83 -27.54
N VAL C 148 -17.10 40.58 -27.12
CA VAL C 148 -16.16 40.26 -26.06
C VAL C 148 -14.91 39.71 -26.72
N LYS C 149 -13.90 40.55 -26.92
CA LYS C 149 -12.76 40.24 -27.76
C LYS C 149 -11.48 40.06 -26.94
N ASP C 150 -10.59 39.20 -27.44
CA ASP C 150 -9.18 39.16 -27.03
C ASP C 150 -9.06 38.88 -25.53
N TYR C 151 -9.44 37.65 -25.16
CA TYR C 151 -9.26 37.18 -23.80
C TYR C 151 -8.67 35.78 -23.80
N PHE C 152 -8.05 35.44 -22.67
CA PHE C 152 -7.47 34.12 -22.46
C PHE C 152 -7.34 33.91 -20.96
N PRO C 153 -7.70 32.72 -20.44
CA PRO C 153 -8.29 31.64 -21.23
C PRO C 153 -9.81 31.60 -21.10
N GLU C 154 -10.42 30.56 -21.65
CA GLU C 154 -11.83 30.30 -21.42
C GLU C 154 -12.05 29.95 -19.95
N PRO C 155 -13.27 30.15 -19.42
CA PRO C 155 -14.45 30.70 -20.10
C PRO C 155 -14.77 32.14 -19.75
N VAL C 156 -15.81 32.67 -20.40
CA VAL C 156 -16.36 33.99 -20.09
C VAL C 156 -17.87 33.84 -19.97
N THR C 157 -18.44 34.45 -18.94
CA THR C 157 -19.88 34.45 -18.73
C THR C 157 -20.47 35.78 -19.17
N VAL C 158 -21.59 35.73 -19.89
CA VAL C 158 -22.28 36.92 -20.36
C VAL C 158 -23.75 36.83 -19.97
N SER C 159 -24.25 37.88 -19.31
CA SER C 159 -25.65 38.02 -18.99
C SER C 159 -26.13 39.38 -19.47
N TRP C 160 -27.44 39.61 -19.38
CA TRP C 160 -28.04 40.87 -19.81
C TRP C 160 -28.93 41.43 -18.70
N ASN C 161 -28.67 42.68 -18.33
CA ASN C 161 -29.40 43.36 -17.25
C ASN C 161 -29.35 42.54 -15.96
N SER C 162 -28.18 41.99 -15.68
CA SER C 162 -27.94 41.11 -14.53
C SER C 162 -29.01 40.02 -14.46
N GLY C 163 -29.13 39.28 -15.55
CA GLY C 163 -30.02 38.13 -15.61
C GLY C 163 -31.49 38.45 -15.76
N ALA C 164 -31.87 39.73 -15.79
CA ALA C 164 -33.28 40.07 -15.93
C ALA C 164 -33.78 40.02 -17.36
N LEU C 165 -32.87 39.99 -18.34
CA LEU C 165 -33.22 39.90 -19.75
C LEU C 165 -32.61 38.61 -20.30
N THR C 166 -33.46 37.63 -20.58
CA THR C 166 -33.03 36.35 -21.11
C THR C 166 -33.68 35.98 -22.44
N SER C 167 -34.91 36.39 -22.67
CA SER C 167 -35.62 35.99 -23.89
C SER C 167 -34.98 36.63 -25.11
N GLY C 168 -34.67 35.81 -26.11
CA GLY C 168 -34.10 36.28 -27.35
C GLY C 168 -32.61 36.51 -27.32
N VAL C 169 -31.91 36.02 -26.31
CA VAL C 169 -30.48 36.22 -26.15
C VAL C 169 -29.75 35.01 -26.74
N HIS C 170 -28.72 35.28 -27.56
CA HIS C 170 -27.85 34.24 -28.09
C HIS C 170 -26.42 34.65 -27.79
N THR C 171 -25.76 33.90 -26.89
CA THR C 171 -24.34 34.06 -26.62
C THR C 171 -23.59 33.01 -27.41
N PHE C 172 -22.79 33.46 -28.37
CA PHE C 172 -22.16 32.53 -29.28
C PHE C 172 -20.95 31.85 -28.62
N PRO C 173 -20.63 30.62 -29.03
CA PRO C 173 -19.42 29.99 -28.52
C PRO C 173 -18.19 30.75 -28.96
N ALA C 174 -17.19 30.80 -28.07
CA ALA C 174 -15.96 31.50 -28.38
C ALA C 174 -15.23 30.85 -29.54
N VAL C 175 -14.58 31.68 -30.36
CA VAL C 175 -13.69 31.20 -31.42
C VAL C 175 -12.27 31.58 -31.06
N LEU C 176 -11.34 30.66 -31.31
CA LEU C 176 -9.93 30.90 -31.05
C LEU C 176 -9.30 31.56 -32.26
N GLN C 177 -8.91 32.83 -32.13
CA GLN C 177 -8.33 33.53 -33.25
C GLN C 177 -6.90 33.01 -33.50
N SER C 178 -6.32 33.46 -34.62
CA SER C 178 -4.90 33.22 -34.88
C SER C 178 -4.04 33.60 -33.68
N SER C 179 -4.28 34.80 -33.13
CA SER C 179 -3.42 35.41 -32.13
C SER C 179 -3.41 34.66 -30.80
N GLY C 180 -4.04 33.49 -30.74
CA GLY C 180 -4.14 32.72 -29.51
C GLY C 180 -5.15 33.20 -28.50
N LEU C 181 -5.83 34.32 -28.76
CA LEU C 181 -6.84 34.82 -27.86
C LEU C 181 -8.24 34.52 -28.39
N TYR C 182 -9.17 34.30 -27.46
CA TYR C 182 -10.55 33.98 -27.83
C TYR C 182 -11.36 35.25 -28.02
N SER C 183 -12.45 35.12 -28.78
CA SER C 183 -13.41 36.20 -28.90
C SER C 183 -14.80 35.60 -29.04
N LEU C 184 -15.80 36.42 -28.71
CA LEU C 184 -17.16 35.97 -28.50
C LEU C 184 -18.09 37.15 -28.76
N SER C 185 -19.36 36.84 -29.00
CA SER C 185 -20.36 37.88 -29.12
C SER C 185 -21.65 37.41 -28.48
N SER C 186 -22.35 38.36 -27.86
CA SER C 186 -23.65 38.11 -27.25
C SER C 186 -24.66 39.07 -27.88
N VAL C 187 -25.68 38.53 -28.55
CA VAL C 187 -26.67 39.35 -29.21
C VAL C 187 -28.02 39.12 -28.57
N VAL C 188 -28.91 40.08 -28.77
CA VAL C 188 -30.28 40.02 -28.27
C VAL C 188 -31.16 40.83 -29.20
N THR C 189 -32.35 40.29 -29.48
CA THR C 189 -33.34 40.99 -30.29
C THR C 189 -34.29 41.73 -29.35
N VAL C 190 -34.55 42.98 -29.68
CA VAL C 190 -35.22 43.92 -28.80
C VAL C 190 -36.31 44.61 -29.61
N PRO C 191 -37.40 45.06 -28.99
CA PRO C 191 -38.35 45.92 -29.72
C PRO C 191 -37.70 47.22 -30.14
N SER C 192 -38.03 47.66 -31.36
CA SER C 192 -37.57 48.96 -31.80
C SER C 192 -38.34 50.07 -31.09
N SER C 193 -39.47 49.74 -30.48
CA SER C 193 -40.09 50.55 -29.42
C SER C 193 -39.08 50.98 -28.36
N SER C 194 -38.57 49.99 -27.63
CA SER C 194 -37.61 50.16 -26.53
C SER C 194 -36.52 51.20 -26.78
N LEU C 195 -35.87 51.14 -27.95
CA LEU C 195 -34.45 51.48 -28.06
C LEU C 195 -34.03 52.81 -27.44
N GLY C 196 -34.85 53.85 -27.57
CA GLY C 196 -34.39 55.18 -27.13
C GLY C 196 -34.19 55.28 -25.64
N THR C 197 -35.11 54.72 -24.85
CA THR C 197 -35.15 54.93 -23.42
C THR C 197 -34.87 53.68 -22.59
N GLN C 198 -35.07 52.49 -23.16
CA GLN C 198 -34.85 51.27 -22.40
C GLN C 198 -33.34 51.02 -22.23
N THR C 199 -32.99 50.44 -21.08
CA THR C 199 -31.60 50.21 -20.72
C THR C 199 -31.21 48.77 -20.98
N TYR C 200 -30.11 48.57 -21.71
CA TYR C 200 -29.59 47.25 -22.02
C TYR C 200 -28.12 47.20 -21.64
N ILE C 201 -27.79 46.35 -20.67
CA ILE C 201 -26.44 46.24 -20.14
C ILE C 201 -25.99 44.80 -20.25
N CYS C 202 -24.90 44.56 -20.96
CA CYS C 202 -24.25 43.25 -20.97
C CYS C 202 -23.26 43.18 -19.82
N ASN C 203 -23.44 42.18 -18.97
CA ASN C 203 -22.55 41.90 -17.85
C ASN C 203 -21.64 40.76 -18.25
N VAL C 204 -20.35 41.07 -18.44
CA VAL C 204 -19.34 40.11 -18.85
C VAL C 204 -18.41 39.85 -17.67
N ASN C 205 -18.14 38.58 -17.40
CA ASN C 205 -17.26 38.17 -16.32
C ASN C 205 -16.23 37.20 -16.85
N HIS C 206 -14.95 37.52 -16.66
CA HIS C 206 -13.82 36.66 -16.98
C HIS C 206 -13.07 36.42 -15.67
N LYS C 207 -13.38 35.30 -15.02
CA LYS C 207 -12.86 34.98 -13.69
C LYS C 207 -11.36 34.69 -13.67
N PRO C 208 -10.77 34.05 -14.69
CA PRO C 208 -9.31 33.87 -14.66
C PRO C 208 -8.53 35.16 -14.55
N SER C 209 -8.98 36.22 -15.22
CA SER C 209 -8.33 37.52 -15.12
C SER C 209 -8.93 38.42 -14.05
N ASN C 210 -10.01 37.99 -13.40
CA ASN C 210 -10.73 38.80 -12.41
C ASN C 210 -11.28 40.08 -13.03
N THR C 211 -11.90 39.93 -14.20
CA THR C 211 -12.45 41.06 -14.93
C THR C 211 -13.97 41.00 -14.90
N LYS C 212 -14.60 42.13 -14.58
CA LYS C 212 -16.06 42.25 -14.61
C LYS C 212 -16.41 43.56 -15.29
N VAL C 213 -16.93 43.47 -16.53
CA VAL C 213 -17.25 44.65 -17.34
C VAL C 213 -18.75 44.64 -17.60
N ASP C 214 -19.43 45.68 -17.13
CA ASP C 214 -20.84 45.90 -17.42
C ASP C 214 -20.93 47.10 -18.35
N LYS C 215 -21.48 46.90 -19.55
CA LYS C 215 -21.57 47.95 -20.54
C LYS C 215 -23.00 48.14 -21.01
N LYS C 216 -23.39 49.41 -21.15
CA LYS C 216 -24.72 49.78 -21.63
C LYS C 216 -24.63 50.01 -23.13
N VAL C 217 -25.44 49.30 -23.89
CA VAL C 217 -25.45 49.40 -25.34
C VAL C 217 -26.61 50.32 -25.74
N GLU C 218 -26.29 51.36 -26.48
CA GLU C 218 -27.25 52.38 -26.87
C GLU C 218 -27.14 52.61 -28.38
N PRO C 219 -28.18 53.18 -28.98
CA PRO C 219 -28.05 53.62 -30.37
C PRO C 219 -27.01 54.72 -30.49
N LYS C 220 -26.31 54.71 -31.62
CA LYS C 220 -25.27 55.70 -31.87
C LYS C 220 -25.91 57.03 -32.25
N SER C 221 -25.26 58.12 -31.87
CA SER C 221 -25.76 59.44 -32.22
C SER C 221 -25.41 59.77 -33.66
N CYS C 222 -26.34 60.40 -34.35
CA CYS C 222 -26.20 60.70 -35.77
C CYS C 222 -25.48 62.03 -35.95
N ASP D 1 -6.36 -3.60 -34.61
CA ASP D 1 -7.42 -2.89 -33.91
C ASP D 1 -8.74 -2.96 -34.67
N ILE D 2 -9.83 -3.09 -33.93
CA ILE D 2 -11.15 -3.19 -34.53
C ILE D 2 -11.64 -1.79 -34.88
N GLN D 3 -11.96 -1.57 -36.13
CA GLN D 3 -12.40 -0.26 -36.62
C GLN D 3 -13.91 -0.20 -36.69
N LEU D 4 -14.49 0.83 -36.09
CA LEU D 4 -15.93 1.07 -36.14
C LEU D 4 -16.20 2.31 -36.98
N THR D 5 -17.25 2.25 -37.80
CA THR D 5 -17.67 3.38 -38.61
C THR D 5 -19.18 3.56 -38.48
N GLN D 6 -19.63 4.81 -38.38
CA GLN D 6 -21.04 5.08 -38.22
C GLN D 6 -21.61 5.75 -39.47
N SER D 7 -22.93 5.64 -39.62
CA SER D 7 -23.63 6.27 -40.73
C SER D 7 -25.06 6.58 -40.33
N PRO D 8 -25.55 7.81 -40.60
CA PRO D 8 -24.81 8.90 -41.23
C PRO D 8 -23.97 9.69 -40.24
N ASP D 9 -23.34 10.78 -40.71
CA ASP D 9 -22.61 11.66 -39.80
C ASP D 9 -23.54 12.61 -39.07
N SER D 10 -24.55 13.13 -39.76
CA SER D 10 -25.54 14.03 -39.18
C SER D 10 -26.93 13.54 -39.53
N LEU D 11 -27.89 13.84 -38.67
CA LEU D 11 -29.26 13.34 -38.81
C LEU D 11 -30.23 14.39 -38.30
N ALA D 12 -31.21 14.74 -39.12
CA ALA D 12 -32.27 15.68 -38.74
C ALA D 12 -33.61 14.99 -38.92
N VAL D 13 -34.41 14.95 -37.85
CA VAL D 13 -35.68 14.25 -37.82
C VAL D 13 -36.65 15.03 -36.95
N SER D 14 -37.90 15.11 -37.37
CA SER D 14 -38.88 15.91 -36.66
C SER D 14 -39.32 15.24 -35.37
N LEU D 15 -39.94 16.03 -34.50
CA LEU D 15 -40.44 15.55 -33.22
C LEU D 15 -41.35 14.33 -33.39
N GLY D 16 -41.07 13.28 -32.63
CA GLY D 16 -41.87 12.09 -32.65
C GLY D 16 -41.62 11.14 -33.80
N GLU D 17 -40.70 11.47 -34.71
CA GLU D 17 -40.40 10.59 -35.83
C GLU D 17 -39.25 9.66 -35.48
N ARG D 18 -38.84 8.84 -36.45
CA ARG D 18 -37.88 7.76 -36.21
C ARG D 18 -36.50 8.17 -36.68
N ALA D 19 -35.48 7.74 -35.94
CA ALA D 19 -34.08 8.01 -36.26
C ALA D 19 -33.29 6.71 -36.25
N THR D 20 -32.45 6.51 -37.26
CA THR D 20 -31.69 5.28 -37.42
C THR D 20 -30.21 5.61 -37.56
N ILE D 21 -29.37 4.91 -36.81
CA ILE D 21 -27.92 5.06 -36.86
C ILE D 21 -27.30 3.69 -37.01
N ASN D 22 -26.42 3.53 -38.00
CA ASN D 22 -25.76 2.27 -38.28
C ASN D 22 -24.30 2.30 -37.82
N CYS D 23 -23.88 1.23 -37.17
CA CYS D 23 -22.49 0.99 -36.79
C CYS D 23 -21.98 -0.23 -37.52
N LYS D 24 -20.91 -0.05 -38.29
CA LYS D 24 -20.23 -1.13 -38.98
C LYS D 24 -18.92 -1.46 -38.26
N SER D 25 -18.65 -2.74 -38.11
CA SER D 25 -17.46 -3.25 -37.45
C SER D 25 -16.53 -3.88 -38.47
N SER D 26 -15.23 -3.57 -38.36
CA SER D 26 -14.24 -4.21 -39.21
C SER D 26 -13.95 -5.64 -38.77
N GLN D 27 -14.56 -6.10 -37.68
CA GLN D 27 -14.28 -7.42 -37.15
C GLN D 27 -15.46 -7.83 -36.25
N SER D 28 -15.72 -9.13 -36.21
CA SER D 28 -16.80 -9.64 -35.38
C SER D 28 -16.54 -9.36 -33.91
N VAL D 29 -17.56 -8.89 -33.21
CA VAL D 29 -17.47 -8.63 -31.78
C VAL D 29 -18.35 -9.59 -30.98
N LEU D 30 -18.77 -10.69 -31.59
CA LEU D 30 -19.57 -11.70 -30.92
C LEU D 30 -18.67 -12.71 -30.21
N TYR D 31 -18.87 -12.88 -28.91
CA TYR D 31 -18.22 -13.93 -28.15
C TYR D 31 -19.15 -15.14 -28.10
N SER D 32 -18.69 -16.27 -28.63
CA SER D 32 -19.52 -17.46 -28.71
C SER D 32 -19.63 -18.21 -27.38
N SER D 33 -18.89 -17.79 -26.36
CA SER D 33 -19.08 -18.30 -25.01
C SER D 33 -20.52 -18.12 -24.55
N ILE D 34 -20.95 -16.87 -24.39
CA ILE D 34 -22.29 -16.55 -23.90
C ILE D 34 -23.17 -16.01 -25.02
N ASN D 35 -22.68 -16.01 -26.26
CA ASN D 35 -23.47 -15.59 -27.43
C ASN D 35 -23.99 -14.17 -27.28
N LYS D 36 -23.06 -13.24 -27.01
CA LYS D 36 -23.39 -11.82 -26.87
C LYS D 36 -22.42 -10.99 -27.68
N ASN D 37 -22.93 -9.93 -28.30
CA ASN D 37 -22.12 -8.99 -29.06
C ASN D 37 -21.62 -7.89 -28.12
N TYR D 38 -20.30 -7.71 -28.08
CA TYR D 38 -19.70 -6.76 -27.15
C TYR D 38 -19.64 -5.38 -27.80
N LEU D 39 -20.83 -4.79 -27.93
CA LEU D 39 -21.05 -3.52 -28.60
C LEU D 39 -21.92 -2.64 -27.71
N ALA D 40 -21.55 -1.37 -27.58
CA ALA D 40 -22.24 -0.44 -26.72
C ALA D 40 -22.58 0.83 -27.50
N TRP D 41 -23.65 1.48 -27.07
CA TRP D 41 -24.12 2.74 -27.62
C TRP D 41 -24.17 3.78 -26.51
N TYR D 42 -23.54 4.92 -26.75
CA TYR D 42 -23.47 6.04 -25.82
C TYR D 42 -24.10 7.28 -26.44
N GLN D 43 -24.66 8.13 -25.59
CA GLN D 43 -25.21 9.42 -26.01
C GLN D 43 -24.49 10.54 -25.25
N GLN D 44 -24.14 11.61 -25.97
CA GLN D 44 -23.47 12.75 -25.37
C GLN D 44 -24.18 14.03 -25.81
N LYS D 45 -24.69 14.78 -24.85
CA LYS D 45 -25.31 16.08 -25.08
C LYS D 45 -24.27 17.18 -24.96
N PRO D 46 -24.55 18.36 -25.50
CA PRO D 46 -23.56 19.45 -25.44
C PRO D 46 -23.15 19.78 -24.02
N GLY D 47 -21.84 19.94 -23.83
CA GLY D 47 -21.28 20.27 -22.53
C GLY D 47 -21.40 19.20 -21.47
N GLN D 48 -21.91 18.03 -21.83
CA GLN D 48 -22.15 16.94 -20.89
C GLN D 48 -21.22 15.77 -21.19
N PRO D 49 -20.89 14.96 -20.18
CA PRO D 49 -20.15 13.72 -20.44
C PRO D 49 -21.01 12.71 -21.17
N PRO D 50 -20.39 11.75 -21.85
CA PRO D 50 -21.17 10.67 -22.48
C PRO D 50 -21.98 9.89 -21.46
N LYS D 51 -23.05 9.27 -21.95
CA LYS D 51 -23.95 8.48 -21.13
C LYS D 51 -24.20 7.15 -21.81
N LEU D 52 -24.04 6.06 -21.07
CA LEU D 52 -24.21 4.74 -21.65
C LEU D 52 -25.69 4.47 -21.88
N LEU D 53 -26.05 4.21 -23.15
CA LEU D 53 -27.42 3.92 -23.52
C LEU D 53 -27.68 2.42 -23.58
N ILE D 54 -26.92 1.71 -24.40
CA ILE D 54 -27.18 0.29 -24.66
C ILE D 54 -25.87 -0.47 -24.58
N TYR D 55 -25.92 -1.70 -24.05
CA TYR D 55 -24.77 -2.58 -24.05
C TYR D 55 -25.19 -3.95 -24.56
N TRP D 56 -24.19 -4.77 -24.87
CA TRP D 56 -24.39 -6.10 -25.45
C TRP D 56 -25.30 -6.01 -26.68
N ALA D 57 -25.10 -4.95 -27.47
CA ALA D 57 -25.77 -4.68 -28.74
C ALA D 57 -27.25 -4.36 -28.59
N SER D 58 -27.96 -5.06 -27.69
CA SER D 58 -29.41 -4.94 -27.63
C SER D 58 -29.97 -4.75 -26.22
N THR D 59 -29.14 -4.70 -25.19
CA THR D 59 -29.61 -4.62 -23.81
C THR D 59 -29.60 -3.16 -23.35
N ARG D 60 -30.76 -2.68 -22.94
CA ARG D 60 -30.90 -1.30 -22.47
C ARG D 60 -30.34 -1.15 -21.06
N GLU D 61 -29.52 -0.14 -20.84
CA GLU D 61 -29.10 0.22 -19.49
C GLU D 61 -30.31 0.65 -18.67
N SER D 62 -30.22 0.46 -17.36
CA SER D 62 -31.30 0.83 -16.47
C SER D 62 -31.55 2.33 -16.53
N GLY D 63 -32.83 2.70 -16.62
CA GLY D 63 -33.20 4.10 -16.72
C GLY D 63 -33.16 4.69 -18.11
N VAL D 64 -32.95 3.88 -19.13
CA VAL D 64 -32.95 4.36 -20.52
C VAL D 64 -34.34 4.17 -21.09
N PRO D 65 -34.91 5.21 -21.72
CA PRO D 65 -36.28 5.07 -22.25
C PRO D 65 -36.37 3.97 -23.30
N ASP D 66 -37.54 3.33 -23.35
CA ASP D 66 -37.78 2.25 -24.30
C ASP D 66 -37.61 2.69 -25.75
N ARG D 67 -37.72 3.99 -26.03
CA ARG D 67 -37.63 4.48 -27.39
C ARG D 67 -36.23 4.32 -27.99
N PHE D 68 -35.23 3.97 -27.19
CA PHE D 68 -33.91 3.62 -27.68
C PHE D 68 -33.82 2.10 -27.79
N SER D 69 -33.55 1.60 -28.99
CA SER D 69 -33.42 0.16 -29.20
C SER D 69 -32.15 -0.15 -29.96
N GLY D 70 -31.42 -1.17 -29.51
CA GLY D 70 -30.23 -1.64 -30.19
C GLY D 70 -30.50 -2.97 -30.88
N SER D 71 -29.95 -3.12 -32.08
CA SER D 71 -30.19 -4.30 -32.89
C SER D 71 -28.93 -4.63 -33.68
N GLY D 72 -28.89 -5.85 -34.20
CA GLY D 72 -27.83 -6.27 -35.10
C GLY D 72 -26.95 -7.34 -34.49
N SER D 73 -25.99 -7.78 -35.28
CA SER D 73 -25.01 -8.76 -34.84
C SER D 73 -23.87 -8.78 -35.85
N GLY D 74 -22.88 -9.64 -35.57
CA GLY D 74 -21.69 -9.75 -36.40
C GLY D 74 -20.97 -8.43 -36.55
N THR D 75 -21.07 -7.83 -37.73
CA THR D 75 -20.45 -6.55 -38.01
C THR D 75 -21.45 -5.44 -38.31
N ASP D 76 -22.75 -5.72 -38.23
CA ASP D 76 -23.77 -4.73 -38.56
C ASP D 76 -24.66 -4.51 -37.34
N PHE D 77 -24.70 -3.27 -36.86
CA PHE D 77 -25.51 -2.93 -35.71
C PHE D 77 -26.27 -1.63 -35.99
N THR D 78 -27.34 -1.42 -35.25
CA THR D 78 -28.23 -0.29 -35.49
C THR D 78 -28.81 0.20 -34.17
N LEU D 79 -28.78 1.51 -33.98
CA LEU D 79 -29.48 2.18 -32.90
C LEU D 79 -30.68 2.91 -33.47
N THR D 80 -31.87 2.62 -32.93
CA THR D 80 -33.12 3.19 -33.41
C THR D 80 -33.76 4.00 -32.30
N ILE D 81 -33.96 5.29 -32.57
CA ILE D 81 -34.73 6.17 -31.70
C ILE D 81 -36.12 6.27 -32.33
N SER D 82 -37.03 5.42 -31.87
CA SER D 82 -38.44 5.61 -32.20
C SER D 82 -38.97 6.82 -31.43
N SER D 83 -39.66 7.72 -32.14
CA SER D 83 -40.23 8.91 -31.55
C SER D 83 -39.15 9.80 -30.93
N LEU D 84 -38.42 10.52 -31.79
CA LEU D 84 -37.37 11.41 -31.31
C LEU D 84 -37.97 12.53 -30.47
N GLN D 85 -37.38 12.79 -29.32
CA GLN D 85 -37.80 13.87 -28.43
C GLN D 85 -36.73 14.96 -28.42
N ALA D 86 -37.12 16.14 -27.91
CA ALA D 86 -36.18 17.24 -27.81
C ALA D 86 -35.01 16.90 -26.90
N GLU D 87 -35.25 16.09 -25.87
CA GLU D 87 -34.20 15.68 -24.95
C GLU D 87 -33.11 14.90 -25.66
N ASP D 88 -33.42 14.23 -26.76
CA ASP D 88 -32.51 13.29 -27.39
C ASP D 88 -31.57 13.95 -28.40
N VAL D 89 -31.66 15.27 -28.60
CA VAL D 89 -30.73 15.95 -29.49
C VAL D 89 -29.33 15.83 -28.93
N ALA D 90 -28.45 15.13 -29.67
CA ALA D 90 -27.14 14.80 -29.12
C ALA D 90 -26.26 14.10 -30.14
N VAL D 91 -25.02 13.79 -29.78
CA VAL D 91 -24.14 12.97 -30.61
C VAL D 91 -24.11 11.57 -30.02
N TYR D 92 -24.27 10.57 -30.89
CA TYR D 92 -24.35 9.17 -30.48
C TYR D 92 -23.14 8.42 -31.02
N TYR D 93 -22.53 7.61 -30.16
CA TYR D 93 -21.31 6.87 -30.50
C TYR D 93 -21.54 5.38 -30.27
N CYS D 94 -21.18 4.55 -31.26
CA CYS D 94 -20.96 3.13 -31.00
C CYS D 94 -19.53 2.89 -30.55
N GLN D 95 -19.37 1.91 -29.66
CA GLN D 95 -18.06 1.51 -29.15
C GLN D 95 -18.01 0.00 -29.02
N GLN D 96 -16.88 -0.60 -29.39
CA GLN D 96 -16.65 -2.02 -29.13
C GLN D 96 -15.82 -2.18 -27.86
N TYR D 97 -16.22 -3.11 -27.01
CA TYR D 97 -15.43 -3.53 -25.86
C TYR D 97 -15.13 -5.02 -25.94
N TYR D 98 -15.13 -5.56 -27.16
CA TYR D 98 -14.74 -6.96 -27.36
C TYR D 98 -13.31 -7.21 -26.92
N SER D 99 -12.40 -6.29 -27.26
CA SER D 99 -10.99 -6.46 -26.92
C SER D 99 -10.33 -5.09 -26.84
N THR D 100 -9.41 -4.94 -25.89
CA THR D 100 -8.57 -3.76 -25.85
C THR D 100 -7.58 -3.80 -27.01
N PRO D 101 -7.26 -2.65 -27.62
CA PRO D 101 -7.75 -1.31 -27.29
C PRO D 101 -9.19 -1.04 -27.71
N TYR D 102 -10.01 -0.54 -26.79
CA TYR D 102 -11.37 -0.16 -27.12
C TYR D 102 -11.36 0.94 -28.18
N THR D 103 -12.34 0.90 -29.07
CA THR D 103 -12.42 1.85 -30.18
C THR D 103 -13.84 2.37 -30.30
N PHE D 104 -13.96 3.59 -30.79
CA PHE D 104 -15.24 4.27 -30.92
C PHE D 104 -15.56 4.48 -32.40
N GLY D 105 -16.86 4.58 -32.69
CA GLY D 105 -17.28 5.16 -33.95
C GLY D 105 -17.05 6.67 -33.94
N GLN D 106 -17.12 7.26 -35.12
CA GLN D 106 -16.83 8.69 -35.24
C GLN D 106 -17.93 9.57 -34.70
N GLY D 107 -19.12 9.01 -34.42
CA GLY D 107 -20.20 9.78 -33.86
C GLY D 107 -21.20 10.27 -34.88
N THR D 108 -22.48 10.30 -34.50
CA THR D 108 -23.55 10.75 -35.36
C THR D 108 -24.34 11.83 -34.63
N LYS D 109 -24.47 12.99 -35.24
CA LYS D 109 -25.20 14.10 -34.62
C LYS D 109 -26.67 14.00 -34.98
N VAL D 110 -27.53 14.09 -33.97
CA VAL D 110 -28.97 13.95 -34.12
C VAL D 110 -29.63 15.23 -33.61
N GLU D 111 -30.34 15.91 -34.51
CA GLU D 111 -30.97 17.19 -34.24
C GLU D 111 -32.42 17.14 -34.69
N ILE D 112 -33.21 18.10 -34.20
CA ILE D 112 -34.63 18.18 -34.53
C ILE D 112 -34.79 18.83 -35.90
N LYS D 113 -35.65 18.25 -36.73
CA LYS D 113 -36.01 18.83 -38.01
C LYS D 113 -37.29 19.64 -37.86
N ARG D 114 -37.29 20.85 -38.43
CA ARG D 114 -38.44 21.74 -38.38
C ARG D 114 -38.63 22.39 -39.74
N THR D 115 -39.77 23.07 -39.90
CA THR D 115 -40.06 23.76 -41.15
C THR D 115 -39.00 24.82 -41.43
N VAL D 116 -38.89 25.19 -42.71
CA VAL D 116 -37.90 26.18 -43.12
C VAL D 116 -38.21 27.53 -42.50
N ALA D 117 -37.20 28.16 -41.92
CA ALA D 117 -37.32 29.49 -41.35
C ALA D 117 -36.15 30.33 -41.85
N ALA D 118 -36.45 31.43 -42.51
CA ALA D 118 -35.40 32.31 -43.01
C ALA D 118 -34.78 33.08 -41.85
N PRO D 119 -33.51 33.48 -41.97
CA PRO D 119 -32.87 34.23 -40.89
C PRO D 119 -33.23 35.70 -40.90
N SER D 120 -33.21 36.29 -39.71
CA SER D 120 -33.22 37.75 -39.57
C SER D 120 -31.77 38.23 -39.64
N VAL D 121 -31.48 39.10 -40.60
CA VAL D 121 -30.10 39.51 -40.87
C VAL D 121 -29.88 40.91 -40.31
N PHE D 122 -28.82 41.07 -39.51
CA PHE D 122 -28.42 42.35 -38.97
C PHE D 122 -26.92 42.56 -39.21
N ILE D 123 -26.52 43.82 -39.36
CA ILE D 123 -25.12 44.18 -39.52
C ILE D 123 -24.76 45.22 -38.48
N PHE D 124 -23.55 45.08 -37.90
CA PHE D 124 -23.09 45.95 -36.84
C PHE D 124 -21.72 46.51 -37.24
N PRO D 125 -21.57 47.83 -37.32
CA PRO D 125 -20.26 48.42 -37.61
C PRO D 125 -19.39 48.45 -36.37
N PRO D 126 -18.08 48.68 -36.53
CA PRO D 126 -17.20 48.74 -35.36
C PRO D 126 -17.41 50.01 -34.54
N SER D 127 -17.33 49.87 -33.23
CA SER D 127 -17.42 50.99 -32.32
C SER D 127 -16.24 51.94 -32.50
N ASP D 128 -16.44 53.18 -32.07
CA ASP D 128 -15.34 54.13 -32.01
C ASP D 128 -14.25 53.64 -31.06
N GLU D 129 -14.64 52.94 -29.98
CA GLU D 129 -13.68 52.25 -29.12
C GLU D 129 -12.73 51.32 -29.88
N GLN D 130 -13.28 50.37 -30.64
CA GLN D 130 -12.43 49.40 -31.32
C GLN D 130 -11.58 50.08 -32.40
N LEU D 131 -12.20 50.92 -33.23
CA LEU D 131 -11.45 51.77 -34.15
C LEU D 131 -10.34 52.50 -33.42
N LYS D 132 -10.59 52.80 -32.15
CA LYS D 132 -9.76 53.58 -31.26
C LYS D 132 -8.69 52.74 -30.55
N SER D 133 -8.73 51.42 -30.73
CA SER D 133 -7.61 50.56 -30.34
C SER D 133 -6.75 50.09 -31.51
N GLY D 134 -7.17 50.35 -32.74
CA GLY D 134 -6.42 49.95 -33.91
C GLY D 134 -6.92 48.73 -34.64
N THR D 135 -8.17 48.32 -34.42
CA THR D 135 -8.75 47.16 -35.09
C THR D 135 -10.24 47.40 -35.29
N ALA D 136 -10.77 46.93 -36.41
CA ALA D 136 -12.19 47.05 -36.72
C ALA D 136 -12.78 45.67 -36.89
N SER D 137 -13.81 45.36 -36.09
CA SER D 137 -14.57 44.13 -36.20
C SER D 137 -15.99 44.48 -36.60
N VAL D 138 -16.40 44.04 -37.78
CA VAL D 138 -17.74 44.24 -38.30
C VAL D 138 -18.48 42.91 -38.20
N VAL D 139 -19.69 42.94 -37.65
CA VAL D 139 -20.41 41.71 -37.32
C VAL D 139 -21.65 41.60 -38.20
N CYS D 140 -21.94 40.38 -38.66
CA CYS D 140 -23.19 40.06 -39.34
C CYS D 140 -23.86 38.92 -38.58
N LEU D 141 -25.11 39.15 -38.18
CA LEU D 141 -25.85 38.20 -37.36
C LEU D 141 -27.03 37.65 -38.15
N LEU D 142 -27.18 36.33 -38.14
CA LEU D 142 -28.33 35.64 -38.70
C LEU D 142 -29.10 35.02 -37.55
N ASN D 143 -30.35 35.46 -37.36
CA ASN D 143 -31.12 35.12 -36.17
C ASN D 143 -32.25 34.16 -36.52
N ASN D 144 -32.30 33.04 -35.80
CA ASN D 144 -33.42 32.11 -35.77
C ASN D 144 -33.81 31.64 -37.17
N PHE D 145 -32.97 30.76 -37.71
CA PHE D 145 -33.20 30.18 -39.03
C PHE D 145 -33.04 28.67 -38.97
N TYR D 146 -33.53 28.01 -40.03
CA TYR D 146 -33.42 26.58 -40.21
C TYR D 146 -33.66 26.27 -41.68
N PRO D 147 -32.91 25.35 -42.30
CA PRO D 147 -31.85 24.52 -41.71
C PRO D 147 -30.56 25.29 -41.45
N ARG D 148 -29.54 24.59 -40.93
CA ARG D 148 -28.32 25.27 -40.53
C ARG D 148 -27.53 25.77 -41.73
N GLU D 149 -27.62 25.08 -42.87
CA GLU D 149 -26.82 25.46 -44.03
C GLU D 149 -27.19 26.85 -44.52
N ALA D 150 -26.16 27.69 -44.66
CA ALA D 150 -26.29 29.08 -45.10
C ALA D 150 -24.92 29.63 -45.44
N LYS D 151 -24.95 30.76 -46.13
CA LYS D 151 -23.81 31.47 -46.65
C LYS D 151 -23.82 32.92 -46.20
N VAL D 152 -22.65 33.41 -45.75
CA VAL D 152 -22.49 34.78 -45.25
C VAL D 152 -21.23 35.29 -45.94
N GLN D 153 -21.42 36.11 -46.97
CA GLN D 153 -20.31 36.57 -47.81
C GLN D 153 -20.09 38.04 -47.49
N TRP D 154 -18.86 38.38 -47.12
CA TRP D 154 -18.51 39.76 -46.82
C TRP D 154 -18.09 40.48 -48.09
N LYS D 155 -18.54 41.72 -48.22
CA LYS D 155 -18.22 42.53 -49.38
C LYS D 155 -17.83 43.93 -48.94
N VAL D 156 -16.68 44.40 -49.40
CA VAL D 156 -16.12 45.69 -49.01
C VAL D 156 -15.88 46.48 -50.28
N ASP D 157 -16.66 47.55 -50.47
CA ASP D 157 -16.67 48.31 -51.73
C ASP D 157 -16.95 47.38 -52.91
N ASN D 158 -17.94 46.51 -52.72
CA ASN D 158 -18.33 45.49 -53.69
C ASN D 158 -17.17 44.58 -54.09
N ALA D 159 -16.18 44.41 -53.21
CA ALA D 159 -15.12 43.42 -53.38
C ALA D 159 -15.32 42.29 -52.38
N LEU D 160 -15.26 41.06 -52.86
CA LEU D 160 -15.49 39.91 -51.99
C LEU D 160 -14.29 39.68 -51.07
N GLN D 161 -14.58 39.36 -49.82
CA GLN D 161 -13.57 39.15 -48.80
C GLN D 161 -13.29 37.66 -48.60
N SER D 162 -12.04 37.36 -48.25
CA SER D 162 -11.61 35.97 -48.11
C SER D 162 -10.57 35.87 -47.01
N GLY D 163 -10.72 34.86 -46.15
CA GLY D 163 -9.74 34.59 -45.12
C GLY D 163 -9.65 35.60 -44.01
N ASN D 164 -10.64 36.49 -43.87
CA ASN D 164 -10.63 37.49 -42.82
C ASN D 164 -11.94 37.50 -42.03
N SER D 165 -12.65 36.39 -42.02
CA SER D 165 -13.95 36.28 -41.35
C SER D 165 -13.99 34.99 -40.56
N GLN D 166 -14.64 35.05 -39.38
CA GLN D 166 -14.81 33.88 -38.54
C GLN D 166 -16.28 33.69 -38.22
N GLU D 167 -16.76 32.46 -38.33
CA GLU D 167 -18.15 32.11 -38.12
C GLU D 167 -18.28 31.27 -36.85
N SER D 168 -19.28 31.61 -36.04
CA SER D 168 -19.65 30.87 -34.84
C SER D 168 -21.16 30.63 -34.87
N VAL D 169 -21.58 29.48 -34.33
CA VAL D 169 -22.96 29.06 -34.46
C VAL D 169 -23.44 28.57 -33.10
N THR D 170 -24.70 28.85 -32.76
CA THR D 170 -25.28 28.38 -31.52
C THR D 170 -25.86 26.98 -31.69
N GLU D 171 -26.14 26.33 -30.56
CA GLU D 171 -26.85 25.05 -30.64
C GLU D 171 -28.31 25.28 -31.01
N GLN D 172 -28.99 24.21 -31.39
CA GLN D 172 -30.40 24.29 -31.73
C GLN D 172 -31.20 24.79 -30.53
N ASP D 173 -31.95 25.87 -30.75
CA ASP D 173 -32.67 26.51 -29.65
C ASP D 173 -33.69 25.54 -29.04
N SER D 174 -33.87 25.65 -27.73
CA SER D 174 -34.79 24.78 -27.00
C SER D 174 -36.20 24.84 -27.58
N LYS D 175 -36.71 26.05 -27.80
CA LYS D 175 -38.13 26.22 -28.07
C LYS D 175 -38.48 26.07 -29.55
N ASP D 176 -37.84 26.85 -30.42
CA ASP D 176 -38.21 26.87 -31.83
C ASP D 176 -37.28 26.05 -32.71
N SER D 177 -36.31 25.35 -32.12
CA SER D 177 -35.38 24.48 -32.85
C SER D 177 -34.73 25.18 -34.03
N THR D 178 -34.34 26.43 -33.83
CA THR D 178 -33.61 27.17 -34.86
C THR D 178 -32.17 27.40 -34.43
N TYR D 179 -31.38 27.91 -35.36
CA TYR D 179 -30.00 28.29 -35.12
C TYR D 179 -29.84 29.78 -35.35
N SER D 180 -28.78 30.33 -34.77
CA SER D 180 -28.30 31.66 -35.09
C SER D 180 -26.80 31.61 -35.30
N LEU D 181 -26.30 32.52 -36.15
CA LEU D 181 -24.94 32.45 -36.63
C LEU D 181 -24.35 33.85 -36.60
N SER D 182 -23.07 33.94 -36.25
CA SER D 182 -22.34 35.20 -36.23
C SER D 182 -21.15 35.08 -37.15
N SER D 183 -20.98 36.06 -38.04
CA SER D 183 -19.82 36.17 -38.90
C SER D 183 -19.12 37.49 -38.59
N THR D 184 -17.89 37.41 -38.13
CA THR D 184 -17.13 38.59 -37.74
C THR D 184 -15.99 38.78 -38.73
N LEU D 185 -15.99 39.93 -39.40
CA LEU D 185 -14.92 40.34 -40.30
C LEU D 185 -13.98 41.27 -39.53
N THR D 186 -12.72 40.88 -39.42
CA THR D 186 -11.72 41.61 -38.66
C THR D 186 -10.68 42.19 -39.59
N LEU D 187 -10.36 43.48 -39.40
CA LEU D 187 -9.34 44.13 -40.21
C LEU D 187 -8.70 45.25 -39.39
N SER D 188 -7.60 45.79 -39.90
CA SER D 188 -6.99 46.95 -39.26
C SER D 188 -7.90 48.18 -39.36
N LYS D 189 -7.77 49.07 -38.36
CA LYS D 189 -8.53 50.33 -38.38
C LYS D 189 -8.13 51.22 -39.55
N ALA D 190 -6.83 51.37 -39.79
CA ALA D 190 -6.34 52.19 -40.89
C ALA D 190 -6.93 51.73 -42.21
N ASP D 191 -7.24 50.45 -42.26
CA ASP D 191 -7.44 49.73 -43.50
C ASP D 191 -8.91 49.40 -43.68
N TYR D 192 -9.74 49.80 -42.68
CA TYR D 192 -11.17 49.99 -42.61
C TYR D 192 -11.54 51.42 -42.98
N GLU D 193 -10.70 52.38 -42.59
CA GLU D 193 -10.94 53.75 -43.02
C GLU D 193 -10.67 53.93 -44.51
N LYS D 194 -10.27 52.85 -45.19
CA LYS D 194 -9.97 52.89 -46.62
C LYS D 194 -11.20 52.73 -47.50
N HIS D 195 -12.26 52.12 -47.00
CA HIS D 195 -13.44 51.82 -47.81
C HIS D 195 -14.67 52.40 -47.12
N LYS D 196 -15.78 52.37 -47.85
CA LYS D 196 -17.03 52.98 -47.38
C LYS D 196 -18.13 51.95 -47.20
N VAL D 197 -18.49 51.20 -48.24
CA VAL D 197 -19.63 50.29 -48.17
C VAL D 197 -19.16 48.95 -47.62
N TYR D 198 -19.78 48.52 -46.53
CA TYR D 198 -19.55 47.21 -45.93
C TYR D 198 -20.86 46.45 -45.95
N ALA D 199 -20.89 45.30 -46.61
CA ALA D 199 -22.12 44.56 -46.86
C ALA D 199 -21.93 43.10 -46.49
N CYS D 200 -22.99 42.51 -45.96
CA CYS D 200 -23.06 41.09 -45.63
C CYS D 200 -24.18 40.48 -46.44
N GLU D 201 -23.85 39.49 -47.26
CA GLU D 201 -24.79 38.85 -48.18
C GLU D 201 -25.10 37.46 -47.67
N VAL D 202 -26.37 37.20 -47.38
CA VAL D 202 -26.82 35.97 -46.77
C VAL D 202 -27.62 35.18 -47.80
N THR D 203 -27.16 33.98 -48.11
CA THR D 203 -27.87 33.04 -48.95
C THR D 203 -28.38 31.90 -48.08
N HIS D 204 -29.69 31.66 -48.13
CA HIS D 204 -30.32 30.63 -47.31
C HIS D 204 -31.51 30.05 -48.07
N GLN D 205 -31.88 28.82 -47.70
CA GLN D 205 -32.99 28.14 -48.36
C GLN D 205 -34.31 28.89 -48.16
N GLY D 206 -34.48 29.55 -47.02
CA GLY D 206 -35.71 30.27 -46.74
C GLY D 206 -35.88 31.58 -47.48
N LEU D 207 -34.83 32.06 -48.15
CA LEU D 207 -34.88 33.31 -48.88
C LEU D 207 -34.91 33.01 -50.38
N SER D 208 -35.84 33.66 -51.08
CA SER D 208 -35.95 33.45 -52.53
C SER D 208 -34.74 33.99 -53.27
N SER D 209 -34.05 34.97 -52.68
CA SER D 209 -32.84 35.55 -53.24
C SER D 209 -32.00 36.08 -52.09
N PRO D 210 -30.68 36.11 -52.23
CA PRO D 210 -29.82 36.48 -51.10
C PRO D 210 -30.12 37.88 -50.59
N VAL D 211 -30.12 38.01 -49.26
CA VAL D 211 -30.42 39.27 -48.58
C VAL D 211 -29.10 39.96 -48.22
N THR D 212 -28.95 41.20 -48.64
CA THR D 212 -27.76 41.99 -48.35
C THR D 212 -28.10 43.05 -47.31
N LYS D 213 -27.30 43.10 -46.24
CA LYS D 213 -27.38 44.16 -45.25
C LYS D 213 -26.07 44.92 -45.24
N SER D 214 -26.14 46.24 -45.39
CA SER D 214 -24.95 47.04 -45.62
C SER D 214 -24.99 48.32 -44.81
N PHE D 215 -23.83 48.95 -44.69
CA PHE D 215 -23.71 50.27 -44.10
C PHE D 215 -22.53 51.00 -44.73
N ASN D 216 -22.61 52.32 -44.73
CA ASN D 216 -21.54 53.17 -45.23
C ASN D 216 -20.77 53.74 -44.04
N ARG D 217 -19.44 53.63 -44.11
CA ARG D 217 -18.62 54.21 -43.05
C ARG D 217 -18.75 55.72 -43.05
N GLY D 218 -18.81 56.30 -41.85
CA GLY D 218 -18.99 57.73 -41.72
C GLY D 218 -20.43 58.22 -41.71
N GLU D 219 -21.39 57.37 -42.06
CA GLU D 219 -22.79 57.78 -42.10
C GLU D 219 -23.56 57.06 -41.00
N CYS D 220 -24.63 57.71 -40.52
CA CYS D 220 -25.43 57.17 -39.41
C CYS D 220 -26.22 55.94 -39.81
N SER D 221 -25.61 54.76 -39.68
CA SER D 221 -26.29 53.48 -39.84
C SER D 221 -25.34 52.35 -39.49
N ASN E 16 -0.98 -14.07 37.57
CA ASN E 16 -1.49 -12.70 37.69
C ASN E 16 -0.98 -11.83 36.55
N LEU E 17 -1.22 -12.28 35.32
CA LEU E 17 -0.74 -11.55 34.16
C LEU E 17 -1.45 -10.20 34.04
N CYS E 18 -0.79 -9.26 33.36
CA CYS E 18 -1.40 -7.95 33.17
C CYS E 18 -2.55 -8.05 32.19
N PRO E 19 -3.66 -7.34 32.45
CA PRO E 19 -4.85 -7.52 31.60
C PRO E 19 -4.77 -6.71 30.31
N PHE E 20 -3.74 -6.99 29.51
CA PHE E 20 -3.60 -6.32 28.22
C PHE E 20 -4.60 -6.85 27.20
N GLY E 21 -5.09 -8.07 27.39
CA GLY E 21 -6.12 -8.59 26.50
C GLY E 21 -7.37 -7.76 26.53
N GLU E 22 -7.83 -7.40 27.73
CA GLU E 22 -9.03 -6.59 27.86
C GLU E 22 -8.85 -5.18 27.31
N VAL E 23 -7.61 -4.75 27.05
CA VAL E 23 -7.36 -3.47 26.41
C VAL E 23 -7.31 -3.60 24.90
N PHE E 24 -6.50 -4.53 24.39
CA PHE E 24 -6.37 -4.66 22.93
C PHE E 24 -7.59 -5.34 22.32
N ASN E 25 -8.17 -6.30 23.02
CA ASN E 25 -9.30 -7.07 22.51
C ASN E 25 -10.63 -6.59 23.07
N ALA E 26 -10.69 -5.36 23.55
CA ALA E 26 -11.96 -4.79 23.99
C ALA E 26 -12.94 -4.70 22.83
N THR E 27 -14.19 -5.11 23.10
CA THR E 27 -15.20 -5.11 22.06
C THR E 27 -15.51 -3.70 21.57
N ARG E 28 -15.56 -2.74 22.48
CA ARG E 28 -15.85 -1.35 22.15
C ARG E 28 -14.69 -0.46 22.51
N PHE E 29 -14.39 0.50 21.64
CA PHE E 29 -13.36 1.49 21.87
C PHE E 29 -13.98 2.86 22.08
N ALA E 30 -13.22 3.76 22.69
CA ALA E 30 -13.69 5.09 22.99
C ALA E 30 -13.39 6.06 21.85
N SER E 31 -14.15 7.15 21.82
CA SER E 31 -13.83 8.25 20.92
C SER E 31 -12.53 8.91 21.37
N VAL E 32 -11.79 9.50 20.43
CA VAL E 32 -10.48 10.05 20.75
C VAL E 32 -10.62 11.25 21.67
N TYR E 33 -11.68 12.05 21.51
CA TYR E 33 -11.89 13.18 22.40
C TYR E 33 -12.15 12.72 23.83
N ALA E 34 -12.78 11.55 24.00
CA ALA E 34 -12.99 10.97 25.32
C ALA E 34 -12.17 9.70 25.46
N TRP E 35 -10.87 9.79 25.16
CA TRP E 35 -10.02 8.60 25.15
C TRP E 35 -10.01 7.91 26.50
N ASN E 36 -10.02 6.58 26.47
CA ASN E 36 -10.07 5.76 27.67
C ASN E 36 -8.66 5.55 28.22
N ARG E 37 -8.57 5.41 29.53
CA ARG E 37 -7.31 5.11 30.19
C ARG E 37 -7.50 3.95 31.15
N LYS E 38 -6.67 2.92 31.01
CA LYS E 38 -6.62 1.80 31.94
C LYS E 38 -5.26 1.80 32.62
N ARG E 39 -5.27 1.87 33.95
CA ARG E 39 -4.04 1.79 34.72
C ARG E 39 -3.70 0.34 34.99
N ILE E 40 -2.46 -0.03 34.68
CA ILE E 40 -1.98 -1.41 34.81
C ILE E 40 -0.94 -1.44 35.92
N SER E 41 -1.18 -2.28 36.93
CA SER E 41 -0.37 -2.29 38.13
C SER E 41 -0.41 -3.67 38.77
N ASN E 42 0.63 -3.96 39.56
CA ASN E 42 0.69 -5.17 40.37
C ASN E 42 0.52 -6.44 39.53
N CYS E 43 1.17 -6.45 38.37
CA CYS E 43 0.95 -7.49 37.37
C CYS E 43 2.28 -7.87 36.72
N VAL E 44 2.36 -9.13 36.28
CA VAL E 44 3.43 -9.57 35.40
C VAL E 44 2.94 -9.48 33.95
N ALA E 45 3.79 -8.93 33.07
CA ALA E 45 3.45 -8.72 31.67
C ALA E 45 4.32 -9.55 30.75
N ASP E 46 3.73 -10.02 29.65
CA ASP E 46 4.46 -10.68 28.57
C ASP E 46 4.25 -9.80 27.33
N TYR E 47 5.18 -8.88 27.09
CA TYR E 47 5.07 -7.97 25.97
C TYR E 47 5.33 -8.65 24.63
N SER E 48 5.94 -9.84 24.64
CA SER E 48 6.14 -10.60 23.41
C SER E 48 4.86 -10.71 22.60
N VAL E 49 3.77 -11.11 23.26
CA VAL E 49 2.47 -11.33 22.62
C VAL E 49 2.06 -10.09 21.84
N LEU E 50 2.60 -8.93 22.21
CA LEU E 50 2.35 -7.71 21.47
C LEU E 50 3.32 -7.53 20.30
N TYR E 51 4.62 -7.61 20.56
CA TYR E 51 5.58 -7.26 19.50
C TYR E 51 5.89 -8.42 18.57
N ASN E 52 5.43 -9.63 18.88
CA ASN E 52 5.52 -10.76 17.96
C ASN E 52 4.23 -10.99 17.20
N SER E 53 3.23 -10.13 17.40
CA SER E 53 1.97 -10.23 16.67
C SER E 53 2.12 -9.72 15.25
N ALA E 54 1.29 -10.27 14.35
CA ALA E 54 1.20 -9.82 12.97
C ALA E 54 -0.07 -9.05 12.68
N SER E 55 -0.82 -8.68 13.73
CA SER E 55 -2.12 -8.04 13.57
C SER E 55 -2.03 -6.52 13.54
N PHE E 56 -0.84 -5.94 13.71
CA PHE E 56 -0.68 -4.52 13.90
C PHE E 56 -0.12 -3.86 12.65
N SER E 57 -0.60 -2.65 12.35
CA SER E 57 -0.11 -1.84 11.24
C SER E 57 0.95 -0.84 11.69
N THR E 58 0.81 -0.28 12.89
CA THR E 58 1.78 0.66 13.44
C THR E 58 2.19 0.18 14.84
N PHE E 59 3.49 0.30 15.13
CA PHE E 59 4.08 -0.12 16.39
C PHE E 59 5.32 0.75 16.62
N LYS E 60 5.08 2.00 17.01
CA LYS E 60 6.14 2.99 17.16
C LYS E 60 6.44 3.18 18.64
N CYS E 61 7.68 2.91 19.03
CA CYS E 61 8.11 3.04 20.41
C CYS E 61 9.11 4.18 20.53
N TYR E 62 9.16 4.77 21.73
CA TYR E 62 9.86 6.04 21.95
C TYR E 62 10.64 5.93 23.24
N GLY E 63 11.97 5.97 23.15
CA GLY E 63 12.82 5.94 24.32
C GLY E 63 12.88 4.61 25.05
N VAL E 64 12.34 3.55 24.47
CA VAL E 64 12.35 2.23 25.11
C VAL E 64 12.18 1.17 24.04
N SER E 65 12.85 0.04 24.23
CA SER E 65 12.76 -1.08 23.30
C SER E 65 11.68 -2.04 23.77
N PRO E 66 10.66 -2.33 22.95
CA PRO E 66 9.71 -3.38 23.35
C PRO E 66 10.35 -4.75 23.49
N THR E 67 11.33 -5.06 22.63
CA THR E 67 12.08 -6.31 22.72
C THR E 67 12.76 -6.51 24.06
N LYS E 68 12.91 -5.45 24.86
CA LYS E 68 13.52 -5.52 26.18
C LYS E 68 12.53 -5.24 27.30
N LEU E 69 11.27 -4.98 26.99
CA LEU E 69 10.30 -4.64 28.03
C LEU E 69 10.09 -5.77 29.02
N ASN E 70 10.37 -7.00 28.63
CA ASN E 70 10.25 -8.14 29.53
C ASN E 70 11.43 -8.27 30.49
N ASP E 71 12.49 -7.49 30.30
CA ASP E 71 13.62 -7.47 31.21
C ASP E 71 13.56 -6.31 32.19
N LEU E 72 12.50 -5.51 32.15
CA LEU E 72 12.42 -4.26 32.88
C LEU E 72 11.29 -4.32 33.90
N CYS E 73 11.26 -3.30 34.76
CA CYS E 73 10.19 -3.13 35.72
C CYS E 73 9.77 -1.67 35.75
N PHE E 74 8.54 -1.44 36.20
CA PHE E 74 7.94 -0.12 36.13
C PHE E 74 6.94 0.02 37.26
N THR E 75 6.78 1.25 37.75
CA THR E 75 5.77 1.50 38.78
C THR E 75 4.37 1.28 38.24
N ASN E 76 4.06 1.90 37.10
CA ASN E 76 2.76 1.76 36.47
C ASN E 76 2.92 1.79 34.96
N VAL E 77 1.96 1.18 34.27
CA VAL E 77 1.83 1.28 32.82
C VAL E 77 0.42 1.77 32.53
N TYR E 78 0.32 2.86 31.79
CA TYR E 78 -0.97 3.42 31.39
C TYR E 78 -1.26 3.02 29.95
N ALA E 79 -2.46 2.49 29.72
CA ALA E 79 -2.89 2.05 28.40
C ALA E 79 -4.06 2.93 27.97
N ASP E 80 -3.79 3.88 27.09
CA ASP E 80 -4.83 4.74 26.54
C ASP E 80 -5.25 4.22 25.17
N SER E 81 -6.55 4.06 24.98
CA SER E 81 -7.09 3.47 23.76
C SER E 81 -8.21 4.34 23.21
N PHE E 82 -8.28 4.42 21.88
CA PHE E 82 -9.30 5.21 21.18
C PHE E 82 -9.28 4.81 19.72
N VAL E 83 -10.16 5.42 18.94
CA VAL E 83 -10.28 5.17 17.51
C VAL E 83 -10.11 6.50 16.78
N ILE E 84 -9.29 6.48 15.73
CA ILE E 84 -9.13 7.59 14.81
C ILE E 84 -9.15 7.03 13.38
N ARG E 85 -8.98 7.92 12.40
CA ARG E 85 -8.85 7.45 11.03
C ARG E 85 -7.37 7.30 10.69
N GLY E 86 -7.11 6.48 9.66
CA GLY E 86 -5.75 6.05 9.39
C GLY E 86 -4.75 7.18 9.23
N ASP E 87 -5.10 8.17 8.40
CA ASP E 87 -4.18 9.27 8.12
C ASP E 87 -3.91 10.13 9.34
N GLU E 88 -4.53 9.85 10.48
CA GLU E 88 -4.27 10.59 11.71
C GLU E 88 -3.43 9.80 12.71
N VAL E 89 -3.10 8.53 12.41
CA VAL E 89 -2.28 7.75 13.32
C VAL E 89 -0.91 8.40 13.49
N ARG E 90 -0.41 9.05 12.44
CA ARG E 90 0.86 9.76 12.53
C ARG E 90 0.83 10.83 13.61
N GLN E 91 -0.35 11.36 13.94
CA GLN E 91 -0.46 12.43 14.92
C GLN E 91 -0.27 11.96 16.35
N ILE E 92 -0.36 10.65 16.61
CA ILE E 92 -0.20 10.14 17.96
C ILE E 92 1.27 9.88 18.20
N ALA E 93 2.03 10.95 18.39
CA ALA E 93 3.47 10.89 18.58
C ALA E 93 3.93 12.20 19.21
N PRO E 94 5.05 12.20 19.91
CA PRO E 94 5.57 13.47 20.45
C PRO E 94 5.90 14.46 19.35
N GLY E 95 5.58 15.72 19.61
CA GLY E 95 5.94 16.80 18.70
C GLY E 95 5.08 16.94 17.46
N GLN E 96 3.88 16.37 17.46
CA GLN E 96 3.00 16.45 16.30
C GLN E 96 1.95 17.55 16.50
N THR E 97 1.41 18.03 15.38
CA THR E 97 0.34 19.02 15.37
C THR E 97 -0.80 18.51 14.50
N GLY E 98 -1.90 19.23 14.54
CA GLY E 98 -3.11 18.84 13.85
C GLY E 98 -4.28 18.73 14.82
N LYS E 99 -5.46 18.42 14.24
CA LYS E 99 -6.68 18.45 15.04
C LYS E 99 -6.62 17.43 16.18
N ILE E 100 -6.11 16.24 15.91
CA ILE E 100 -6.04 15.21 16.95
C ILE E 100 -5.02 15.60 18.02
N ALA E 101 -3.83 16.01 17.61
CA ALA E 101 -2.78 16.31 18.57
C ALA E 101 -3.06 17.60 19.33
N ASP E 102 -3.72 18.57 18.68
CA ASP E 102 -3.98 19.83 19.34
C ASP E 102 -5.22 19.78 20.24
N TYR E 103 -6.26 19.07 19.81
CA TYR E 103 -7.56 19.17 20.45
C TYR E 103 -8.07 17.89 21.07
N ASN E 104 -7.41 16.74 20.85
CA ASN E 104 -8.00 15.48 21.27
C ASN E 104 -7.07 14.65 22.16
N TYR E 105 -5.87 14.34 21.69
CA TYR E 105 -4.93 13.52 22.45
C TYR E 105 -3.52 14.02 22.14
N LYS E 106 -2.81 14.48 23.16
CA LYS E 106 -1.51 15.12 22.99
C LYS E 106 -0.46 14.40 23.83
N LEU E 107 0.62 14.00 23.19
CA LEU E 107 1.75 13.32 23.81
C LEU E 107 2.85 14.31 24.15
N PRO E 108 3.52 14.14 25.29
CA PRO E 108 4.60 15.04 25.66
C PRO E 108 5.85 14.78 24.84
N ASP E 109 6.77 15.75 24.89
CA ASP E 109 8.02 15.61 24.15
C ASP E 109 8.88 14.48 24.73
N ASP E 110 8.89 14.36 26.07
CA ASP E 110 9.65 13.30 26.75
C ASP E 110 8.85 12.01 26.86
N PHE E 111 7.96 11.74 25.90
CA PHE E 111 7.17 10.52 25.93
C PHE E 111 8.07 9.28 25.90
N THR E 112 7.79 8.34 26.80
CA THR E 112 8.46 7.04 26.81
C THR E 112 7.38 5.96 26.78
N GLY E 113 7.33 5.21 25.68
CA GLY E 113 6.31 4.20 25.51
C GLY E 113 6.15 3.86 24.05
N CYS E 114 5.01 3.24 23.73
CA CYS E 114 4.76 2.75 22.38
C CYS E 114 3.36 3.12 21.93
N VAL E 115 3.21 3.28 20.62
CA VAL E 115 1.96 3.64 19.98
C VAL E 115 1.62 2.54 19.00
N ILE E 116 0.55 1.79 19.29
CA ILE E 116 0.19 0.60 18.52
C ILE E 116 -1.17 0.84 17.88
N ALA E 117 -1.26 0.58 16.58
CA ALA E 117 -2.49 0.83 15.83
C ALA E 117 -2.71 -0.28 14.82
N TRP E 118 -3.98 -0.55 14.53
CA TRP E 118 -4.35 -1.53 13.52
C TRP E 118 -5.69 -1.16 12.92
N ASN E 119 -5.85 -1.49 11.63
CA ASN E 119 -7.08 -1.18 10.91
C ASN E 119 -8.25 -1.97 11.50
N SER E 120 -9.33 -1.26 11.80
CA SER E 120 -10.54 -1.85 12.37
C SER E 120 -11.77 -1.60 11.50
N ASN E 121 -11.57 -1.52 10.18
CA ASN E 121 -12.68 -1.26 9.27
C ASN E 121 -13.77 -2.31 9.40
N ASN E 122 -13.40 -3.56 9.65
CA ASN E 122 -14.38 -4.63 9.75
C ASN E 122 -15.20 -4.56 11.04
N LEU E 123 -14.78 -3.76 12.01
CA LEU E 123 -15.47 -3.66 13.29
C LEU E 123 -16.13 -2.31 13.54
N ASP E 124 -15.50 -1.21 13.10
CA ASP E 124 -15.96 0.13 13.46
C ASP E 124 -16.60 0.88 12.29
N SER E 125 -16.69 0.27 11.12
CA SER E 125 -17.47 0.80 10.02
C SER E 125 -18.70 -0.08 9.80
N LYS E 126 -19.75 0.51 9.24
CA LYS E 126 -20.96 -0.24 8.95
C LYS E 126 -21.72 0.42 7.82
N VAL E 127 -22.61 -0.36 7.21
CA VAL E 127 -23.45 0.16 6.13
C VAL E 127 -24.39 1.21 6.71
N GLY E 128 -24.48 2.35 6.03
CA GLY E 128 -25.16 3.50 6.56
C GLY E 128 -24.31 4.41 7.41
N GLY E 129 -23.07 4.01 7.69
CA GLY E 129 -22.14 4.86 8.43
C GLY E 129 -22.19 4.66 9.92
N ASN E 130 -21.03 4.58 10.55
CA ASN E 130 -20.92 4.58 12.01
C ASN E 130 -20.56 6.00 12.44
N TYR E 131 -21.49 6.66 13.12
CA TYR E 131 -21.28 8.03 13.60
C TYR E 131 -21.03 8.10 15.10
N ASN E 132 -20.80 6.96 15.75
CA ASN E 132 -20.61 6.95 17.19
C ASN E 132 -19.23 7.45 17.62
N TYR E 133 -18.25 7.45 16.72
CA TYR E 133 -16.90 7.92 17.05
C TYR E 133 -16.78 9.39 16.70
N LEU E 134 -16.43 10.21 17.67
CA LEU E 134 -16.33 11.66 17.51
C LEU E 134 -14.91 12.12 17.80
N TYR E 135 -14.56 13.28 17.24
CA TYR E 135 -13.35 13.98 17.60
C TYR E 135 -13.65 15.46 17.75
N ARG E 136 -12.85 16.14 18.56
CA ARG E 136 -13.04 17.56 18.81
C ARG E 136 -12.50 18.39 17.65
N LEU E 137 -13.35 19.26 17.10
CA LEU E 137 -13.02 20.08 15.94
C LEU E 137 -12.52 21.46 16.31
N PHE E 138 -13.11 22.08 17.33
CA PHE E 138 -12.74 23.42 17.76
C PHE E 138 -12.37 23.40 19.24
N ARG E 139 -11.44 24.26 19.61
CA ARG E 139 -11.09 24.45 21.01
C ARG E 139 -10.43 25.81 21.17
N LYS E 140 -10.54 26.37 22.38
CA LYS E 140 -9.96 27.68 22.65
C LYS E 140 -8.44 27.65 22.69
N SER E 141 -7.84 26.49 22.98
CA SER E 141 -6.39 26.39 23.06
C SER E 141 -5.98 24.94 22.89
N ASN E 142 -4.70 24.73 22.59
CA ASN E 142 -4.16 23.39 22.46
C ASN E 142 -4.19 22.67 23.81
N LEU E 143 -4.42 21.36 23.74
CA LEU E 143 -4.36 20.52 24.93
C LEU E 143 -2.94 20.45 25.48
N LYS E 144 -2.85 20.25 26.79
CA LYS E 144 -1.58 19.95 27.42
C LYS E 144 -1.32 18.45 27.36
N PRO E 145 -0.08 18.00 27.56
CA PRO E 145 0.22 16.57 27.42
C PRO E 145 -0.69 15.73 28.30
N PHE E 146 -1.34 14.74 27.68
CA PHE E 146 -2.23 13.78 28.33
C PHE E 146 -3.51 14.43 28.86
N GLU E 147 -3.82 15.66 28.47
CA GLU E 147 -5.06 16.28 28.91
C GLU E 147 -6.25 15.67 28.16
N ARG E 148 -7.35 15.45 28.88
N ARG E 148 -7.33 15.43 28.88
CA ARG E 148 -8.58 14.93 28.31
CA ARG E 148 -8.57 14.94 28.30
C ARG E 148 -9.66 15.98 28.45
C ARG E 148 -9.64 16.01 28.43
N ASP E 149 -10.25 16.36 27.31
CA ASP E 149 -11.33 17.35 27.27
C ASP E 149 -12.58 16.68 26.75
N ILE E 150 -13.61 16.62 27.58
CA ILE E 150 -14.91 16.06 27.21
C ILE E 150 -16.00 17.14 27.24
N SER E 151 -15.59 18.41 27.23
CA SER E 151 -16.50 19.53 27.04
C SER E 151 -17.42 19.30 25.84
N THR E 152 -18.67 19.68 25.99
CA THR E 152 -19.65 19.69 24.90
C THR E 152 -20.31 21.05 24.78
N GLU E 153 -19.56 22.12 25.02
CA GLU E 153 -20.09 23.48 24.92
C GLU E 153 -19.87 24.03 23.51
N ILE E 154 -20.87 24.77 23.03
CA ILE E 154 -20.77 25.40 21.71
C ILE E 154 -19.54 26.30 21.67
N TYR E 155 -18.74 26.15 20.62
CA TYR E 155 -17.52 26.93 20.50
C TYR E 155 -17.84 28.33 19.98
N GLN E 156 -17.43 29.35 20.72
CA GLN E 156 -17.68 30.74 20.36
C GLN E 156 -16.51 31.28 19.56
N ALA E 157 -16.71 31.43 18.24
CA ALA E 157 -15.67 31.92 17.35
C ALA E 157 -15.75 33.42 17.10
N GLY E 158 -16.83 34.07 17.50
CA GLY E 158 -16.97 35.50 17.30
C GLY E 158 -17.08 36.26 18.60
N SER E 159 -17.73 37.42 18.58
CA SER E 159 -17.79 38.28 19.76
C SER E 159 -19.03 38.05 20.60
N THR E 160 -20.12 37.54 20.00
CA THR E 160 -21.37 37.34 20.72
C THR E 160 -21.37 35.99 21.41
N PRO E 161 -21.77 35.92 22.69
CA PRO E 161 -21.93 34.62 23.34
C PRO E 161 -22.95 33.78 22.59
N CYS E 162 -22.81 32.46 22.73
CA CYS E 162 -23.60 31.53 21.93
C CYS E 162 -24.89 31.10 22.61
N ASN E 163 -25.05 31.36 23.90
CA ASN E 163 -26.26 31.03 24.66
C ASN E 163 -26.58 29.54 24.57
N GLY E 164 -25.56 28.72 24.34
CA GLY E 164 -25.71 27.28 24.35
C GLY E 164 -26.33 26.67 23.11
N VAL E 165 -26.46 27.43 22.02
CA VAL E 165 -27.03 26.91 20.78
C VAL E 165 -26.12 27.24 19.62
N GLU E 166 -26.18 26.41 18.57
CA GLU E 166 -25.43 26.66 17.36
C GLU E 166 -26.02 27.84 16.59
N GLY E 167 -25.15 28.60 15.94
CA GLY E 167 -25.59 29.76 15.19
C GLY E 167 -24.45 30.50 14.52
N PHE E 168 -24.65 31.81 14.32
CA PHE E 168 -23.63 32.63 13.69
C PHE E 168 -22.36 32.67 14.53
N ASN E 169 -21.26 32.18 13.95
CA ASN E 169 -19.96 32.14 14.62
C ASN E 169 -19.98 31.30 15.89
N CYS E 170 -20.85 30.30 15.95
CA CYS E 170 -20.92 29.40 17.08
C CYS E 170 -21.18 27.98 16.57
N TYR E 171 -20.25 27.07 16.86
CA TYR E 171 -20.23 25.75 16.24
C TYR E 171 -20.27 24.66 17.30
N PHE E 172 -20.81 23.52 16.91
CA PHE E 172 -20.73 22.32 17.74
C PHE E 172 -19.26 21.96 17.96
N PRO E 173 -18.84 21.67 19.19
CA PRO E 173 -17.41 21.39 19.42
C PRO E 173 -16.94 20.07 18.84
N LEU E 174 -17.80 19.05 18.82
CA LEU E 174 -17.41 17.72 18.40
C LEU E 174 -17.88 17.44 16.98
N GLN E 175 -17.12 16.62 16.27
CA GLN E 175 -17.43 16.23 14.90
C GLN E 175 -17.36 14.71 14.81
N SER E 176 -18.33 14.12 14.12
CA SER E 176 -18.41 12.68 14.02
C SER E 176 -17.66 12.16 12.80
N TYR E 177 -17.04 11.00 12.96
CA TYR E 177 -16.35 10.34 11.85
C TYR E 177 -17.41 9.69 10.95
N GLY E 178 -17.21 9.83 9.64
CA GLY E 178 -18.15 9.24 8.70
C GLY E 178 -17.69 7.87 8.25
N PHE E 179 -17.57 6.93 9.19
CA PHE E 179 -16.96 5.63 8.90
C PHE E 179 -17.91 4.80 8.04
N GLN E 180 -17.59 4.70 6.76
CA GLN E 180 -18.25 3.87 5.77
C GLN E 180 -17.30 2.78 5.30
N PRO E 181 -17.79 1.56 5.07
CA PRO E 181 -16.90 0.49 4.59
C PRO E 181 -16.21 0.81 3.28
N THR E 182 -16.80 1.69 2.47
CA THR E 182 -16.22 2.07 1.18
C THR E 182 -15.16 3.15 1.29
N ASN E 183 -14.96 3.72 2.48
CA ASN E 183 -13.93 4.74 2.67
C ASN E 183 -12.57 4.21 2.22
N GLY E 184 -11.74 5.11 1.72
CA GLY E 184 -10.34 4.77 1.51
C GLY E 184 -9.67 4.42 2.82
N VAL E 185 -8.52 3.75 2.70
CA VAL E 185 -7.85 3.22 3.89
C VAL E 185 -7.44 4.36 4.82
N GLY E 186 -7.07 5.50 4.27
CA GLY E 186 -6.70 6.64 5.10
C GLY E 186 -7.86 7.27 5.84
N TYR E 187 -9.10 6.96 5.45
CA TYR E 187 -10.29 7.44 6.14
C TYR E 187 -11.03 6.34 6.88
N GLN E 188 -10.49 5.12 6.88
CA GLN E 188 -11.08 4.01 7.61
C GLN E 188 -10.73 4.12 9.10
N PRO E 189 -11.50 3.46 9.96
CA PRO E 189 -11.18 3.52 11.40
C PRO E 189 -9.97 2.68 11.75
N TYR E 190 -9.14 3.21 12.64
CA TYR E 190 -8.00 2.50 13.19
C TYR E 190 -8.08 2.55 14.71
N ARG E 191 -7.92 1.40 15.35
CA ARG E 191 -7.90 1.34 16.80
C ARG E 191 -6.46 1.54 17.28
N VAL E 192 -6.29 2.41 18.28
CA VAL E 192 -4.98 2.84 18.74
C VAL E 192 -4.87 2.58 20.23
N VAL E 193 -3.74 2.01 20.65
CA VAL E 193 -3.43 1.82 22.05
C VAL E 193 -2.07 2.46 22.33
N VAL E 194 -2.04 3.40 23.27
CA VAL E 194 -0.81 4.08 23.66
C VAL E 194 -0.40 3.56 25.03
N LEU E 195 0.76 2.92 25.10
CA LEU E 195 1.32 2.43 26.35
C LEU E 195 2.37 3.41 26.85
N SER E 196 2.15 3.95 28.04
CA SER E 196 3.12 4.80 28.72
C SER E 196 3.66 4.07 29.94
N PHE E 197 4.98 4.17 30.14
CA PHE E 197 5.67 3.46 31.21
C PHE E 197 6.11 4.46 32.26
N GLU E 198 5.62 4.27 33.48
CA GLU E 198 5.80 5.22 34.57
C GLU E 198 6.78 4.66 35.58
N LEU E 199 7.84 5.39 35.86
CA LEU E 199 8.82 5.02 36.88
C LEU E 199 8.86 6.12 37.94
N LEU E 200 8.22 5.87 39.07
CA LEU E 200 8.26 6.76 40.22
C LEU E 200 9.27 6.24 41.24
N HIS E 201 9.63 7.12 42.18
CA HIS E 201 10.51 6.74 43.29
C HIS E 201 9.68 5.91 44.27
N ALA E 202 9.42 4.68 43.89
CA ALA E 202 8.45 3.83 44.58
C ALA E 202 8.69 2.39 44.14
N PRO E 203 8.07 1.42 44.82
CA PRO E 203 8.18 0.03 44.36
C PRO E 203 7.61 -0.15 42.97
N ALA E 204 8.26 -1.01 42.18
CA ALA E 204 7.84 -1.31 40.82
C ALA E 204 6.92 -2.52 40.84
N THR E 205 5.76 -2.40 40.19
CA THR E 205 4.75 -3.44 40.27
C THR E 205 4.31 -4.00 38.92
N VAL E 206 4.81 -3.47 37.82
CA VAL E 206 4.61 -4.08 36.50
C VAL E 206 5.96 -4.54 36.00
N CYS E 207 6.12 -5.86 35.85
CA CYS E 207 7.41 -6.44 35.51
C CYS E 207 7.21 -7.55 34.49
N GLY E 208 8.33 -7.99 33.91
CA GLY E 208 8.33 -9.08 32.96
C GLY E 208 8.43 -10.42 33.65
N PRO E 209 8.29 -11.50 32.88
CA PRO E 209 8.33 -12.87 33.41
C PRO E 209 9.69 -13.24 33.99
N GLN F 1 -44.75 2.16 16.19
CA GLN F 1 -43.42 2.74 16.12
C GLN F 1 -43.48 4.26 16.29
N VAL F 2 -42.45 4.94 15.79
CA VAL F 2 -42.36 6.38 15.95
C VAL F 2 -43.53 7.05 15.23
N GLN F 3 -44.18 7.99 15.91
CA GLN F 3 -45.35 8.66 15.38
C GLN F 3 -45.45 10.06 15.96
N LEU F 4 -45.74 11.03 15.10
CA LEU F 4 -45.95 12.42 15.49
C LEU F 4 -47.35 12.82 15.04
N VAL F 5 -48.22 13.15 15.99
CA VAL F 5 -49.61 13.49 15.71
C VAL F 5 -49.86 14.93 16.13
N GLN F 6 -50.25 15.77 15.18
CA GLN F 6 -50.47 17.18 15.44
C GLN F 6 -51.95 17.46 15.69
N SER F 7 -52.22 18.68 16.16
CA SER F 7 -53.59 19.09 16.43
C SER F 7 -54.28 19.51 15.13
N GLY F 8 -55.58 19.80 15.23
CA GLY F 8 -56.38 20.05 14.05
C GLY F 8 -56.18 21.43 13.46
N ALA F 9 -56.82 21.63 12.30
CA ALA F 9 -56.69 22.89 11.58
C ALA F 9 -57.21 24.06 12.40
N GLU F 10 -56.66 25.24 12.14
CA GLU F 10 -57.01 26.45 12.88
C GLU F 10 -57.23 27.61 11.91
N VAL F 11 -58.20 28.46 12.24
CA VAL F 11 -58.46 29.70 11.52
C VAL F 11 -58.42 30.84 12.54
N LYS F 12 -57.55 31.82 12.28
CA LYS F 12 -57.33 32.93 13.20
C LYS F 12 -57.43 34.25 12.45
N LYS F 13 -57.53 35.36 13.23
CA LYS F 13 -57.60 36.74 12.79
C LYS F 13 -56.20 37.36 12.76
N PRO F 14 -55.98 38.39 11.91
CA PRO F 14 -54.62 38.89 11.69
C PRO F 14 -53.99 39.62 12.89
N GLY F 15 -54.44 39.32 14.10
CA GLY F 15 -53.79 39.88 15.27
C GLY F 15 -53.52 38.83 16.34
N ALA F 16 -54.16 37.68 16.20
CA ALA F 16 -54.20 36.68 17.27
C ALA F 16 -52.93 35.85 17.26
N SER F 17 -52.93 34.77 18.05
CA SER F 17 -51.86 33.80 18.08
C SER F 17 -52.44 32.41 17.80
N VAL F 18 -51.57 31.49 17.44
CA VAL F 18 -51.95 30.10 17.23
C VAL F 18 -50.99 29.21 18.01
N LYS F 19 -51.52 28.12 18.57
CA LYS F 19 -50.71 27.16 19.32
C LYS F 19 -50.99 25.77 18.76
N VAL F 20 -49.98 25.18 18.13
CA VAL F 20 -50.08 23.84 17.55
C VAL F 20 -49.34 22.88 18.45
N SER F 21 -49.97 21.74 18.74
CA SER F 21 -49.35 20.68 19.52
C SER F 21 -48.93 19.52 18.62
N CYS F 22 -47.99 18.74 19.14
CA CYS F 22 -47.42 17.61 18.40
C CYS F 22 -47.05 16.54 19.42
N LYS F 23 -47.89 15.51 19.51
CA LYS F 23 -47.69 14.43 20.45
C LYS F 23 -46.81 13.35 19.80
N ALA F 24 -45.74 12.98 20.50
CA ALA F 24 -44.80 11.98 20.04
C ALA F 24 -45.08 10.65 20.72
N SER F 25 -44.92 9.56 19.98
CA SER F 25 -45.15 8.23 20.54
C SER F 25 -44.21 7.24 19.86
N GLY F 26 -43.92 6.15 20.58
CA GLY F 26 -43.11 5.08 20.05
C GLY F 26 -41.61 5.25 20.24
N TYR F 27 -41.16 6.31 20.92
CA TYR F 27 -39.75 6.51 21.17
C TYR F 27 -39.58 7.37 22.41
N THR F 28 -38.33 7.53 22.84
CA THR F 28 -38.01 8.33 24.02
C THR F 28 -38.05 9.80 23.62
N PHE F 29 -39.03 10.52 24.16
CA PHE F 29 -39.29 11.90 23.73
C PHE F 29 -38.06 12.79 23.93
N THR F 30 -37.38 12.66 25.06
CA THR F 30 -36.28 13.55 25.41
C THR F 30 -35.01 13.31 24.60
N GLY F 31 -35.00 12.35 23.69
CA GLY F 31 -33.79 12.04 22.93
C GLY F 31 -33.59 12.82 21.64
N TYR F 32 -34.67 13.40 21.10
CA TYR F 32 -34.66 13.97 19.76
C TYR F 32 -35.09 15.44 19.82
N TYR F 33 -34.36 16.30 19.12
CA TYR F 33 -34.85 17.64 18.79
C TYR F 33 -36.24 17.53 18.19
N MET F 34 -37.09 18.50 18.51
CA MET F 34 -38.35 18.69 17.79
C MET F 34 -38.24 19.99 17.01
N HIS F 35 -38.15 19.88 15.68
CA HIS F 35 -38.17 21.02 14.79
C HIS F 35 -39.59 21.31 14.33
N TRP F 36 -39.81 22.56 13.95
CA TRP F 36 -41.06 22.98 13.30
C TRP F 36 -40.73 23.57 11.94
N VAL F 37 -41.47 23.14 10.92
CA VAL F 37 -41.25 23.56 9.54
C VAL F 37 -42.60 23.95 8.96
N ARG F 38 -42.65 25.06 8.22
CA ARG F 38 -43.92 25.49 7.67
C ARG F 38 -43.82 25.60 6.15
N GLN F 39 -44.98 25.47 5.50
CA GLN F 39 -45.06 25.50 4.04
C GLN F 39 -46.29 26.30 3.65
N ALA F 40 -46.08 27.46 3.02
CA ALA F 40 -47.17 28.27 2.50
C ALA F 40 -47.73 27.65 1.22
N PRO F 41 -48.99 27.96 0.87
CA PRO F 41 -49.58 27.38 -0.35
C PRO F 41 -48.74 27.60 -1.59
N GLY F 42 -48.39 26.51 -2.27
CA GLY F 42 -47.57 26.56 -3.46
C GLY F 42 -46.12 26.93 -3.24
N GLN F 43 -45.68 27.04 -1.99
CA GLN F 43 -44.32 27.47 -1.68
C GLN F 43 -43.50 26.30 -1.17
N GLY F 44 -42.24 26.58 -0.83
CA GLY F 44 -41.31 25.58 -0.33
C GLY F 44 -41.42 25.41 1.16
N LEU F 45 -40.34 24.90 1.75
CA LEU F 45 -40.27 24.63 3.18
C LEU F 45 -39.40 25.68 3.86
N GLU F 46 -39.85 26.16 5.01
CA GLU F 46 -39.09 27.11 5.81
C GLU F 46 -38.96 26.58 7.22
N TRP F 47 -37.74 26.58 7.74
CA TRP F 47 -37.47 26.15 9.10
C TRP F 47 -37.87 27.24 10.08
N MET F 48 -38.52 26.84 11.17
CA MET F 48 -38.95 27.77 12.21
C MET F 48 -38.12 27.71 13.48
N GLY F 49 -37.57 26.54 13.81
CA GLY F 49 -36.77 26.39 15.01
C GLY F 49 -36.83 24.96 15.52
N TRP F 50 -36.00 24.70 16.52
CA TRP F 50 -36.04 23.43 17.23
C TRP F 50 -36.10 23.66 18.73
N ILE F 51 -36.59 22.64 19.43
CA ILE F 51 -36.60 22.59 20.88
C ILE F 51 -35.93 21.30 21.33
N ASN F 52 -35.14 21.42 22.40
CA ASN F 52 -34.60 20.26 23.10
C ASN F 52 -35.63 19.82 24.14
N PRO F 53 -36.34 18.71 23.92
CA PRO F 53 -37.36 18.30 24.90
C PRO F 53 -36.80 17.92 26.25
N ASN F 54 -35.51 17.57 26.33
CA ASN F 54 -34.91 17.23 27.61
C ASN F 54 -34.72 18.48 28.48
N SER F 55 -33.98 19.45 27.96
CA SER F 55 -33.66 20.66 28.72
C SER F 55 -34.71 21.76 28.58
N GLY F 56 -35.48 21.76 27.49
CA GLY F 56 -36.41 22.82 27.22
C GLY F 56 -35.82 23.99 26.44
N GLY F 57 -34.52 23.98 26.19
CA GLY F 57 -33.91 25.04 25.41
C GLY F 57 -34.36 25.00 23.97
N THR F 58 -34.31 26.17 23.33
CA THR F 58 -34.78 26.32 21.96
C THR F 58 -33.73 27.03 21.12
N ASN F 59 -33.92 26.91 19.80
CA ASN F 59 -33.10 27.62 18.82
C ASN F 59 -34.06 28.02 17.69
N TYR F 60 -34.38 29.31 17.61
CA TYR F 60 -35.40 29.79 16.70
C TYR F 60 -34.78 30.28 15.39
N ALA F 61 -35.54 30.14 14.31
CA ALA F 61 -35.12 30.66 13.03
C ALA F 61 -35.12 32.18 13.04
N GLN F 62 -34.27 32.76 12.19
CA GLN F 62 -34.12 34.21 12.16
C GLN F 62 -35.44 34.90 11.84
N LYS F 63 -36.24 34.33 10.92
CA LYS F 63 -37.47 34.98 10.50
C LYS F 63 -38.48 35.08 11.63
N PHE F 64 -38.48 34.14 12.57
CA PHE F 64 -39.50 34.07 13.59
C PHE F 64 -38.99 34.40 14.98
N GLN F 65 -37.70 34.69 15.14
CA GLN F 65 -37.15 35.08 16.43
C GLN F 65 -37.81 36.37 16.92
N GLY F 66 -38.59 36.27 17.99
CA GLY F 66 -39.30 37.40 18.57
C GLY F 66 -40.80 37.19 18.70
N ARG F 67 -41.37 36.32 17.87
CA ARG F 67 -42.80 36.05 17.95
C ARG F 67 -43.13 34.56 17.86
N VAL F 68 -42.15 33.67 17.98
CA VAL F 68 -42.39 32.24 18.06
C VAL F 68 -41.95 31.76 19.45
N THR F 69 -42.72 30.83 20.01
CA THR F 69 -42.46 30.29 21.34
C THR F 69 -42.65 28.79 21.28
N MET F 70 -41.59 28.04 21.53
CA MET F 70 -41.64 26.59 21.50
C MET F 70 -41.49 26.05 22.92
N THR F 71 -42.44 25.20 23.32
CA THR F 71 -42.46 24.63 24.66
C THR F 71 -42.65 23.12 24.54
N ARG F 72 -42.59 22.44 25.69
CA ARG F 72 -42.81 21.00 25.70
C ARG F 72 -43.35 20.58 27.05
N ASP F 73 -44.17 19.52 27.02
CA ASP F 73 -44.62 18.81 28.21
C ASP F 73 -44.11 17.38 28.08
N THR F 74 -43.07 17.05 28.85
CA THR F 74 -42.46 15.73 28.75
C THR F 74 -43.36 14.65 29.32
N SER F 75 -44.17 14.98 30.34
CA SER F 75 -45.02 13.97 30.97
C SER F 75 -46.01 13.37 29.98
N ILE F 76 -46.43 14.14 28.97
CA ILE F 76 -47.30 13.65 27.91
C ILE F 76 -46.58 13.58 26.57
N SER F 77 -45.27 13.82 26.55
CA SER F 77 -44.45 13.74 25.34
C SER F 77 -45.04 14.59 24.21
N THR F 78 -45.26 15.86 24.49
CA THR F 78 -45.89 16.76 23.52
C THR F 78 -45.04 18.01 23.36
N ALA F 79 -44.81 18.41 22.11
CA ALA F 79 -44.18 19.69 21.81
C ALA F 79 -45.25 20.69 21.39
N TYR F 80 -44.98 21.97 21.65
CA TYR F 80 -45.91 23.04 21.35
C TYR F 80 -45.19 24.16 20.61
N MET F 81 -45.83 24.66 19.56
CA MET F 81 -45.35 25.81 18.81
C MET F 81 -46.43 26.88 18.83
N GLU F 82 -46.11 28.04 19.40
CA GLU F 82 -47.00 29.18 19.41
C GLU F 82 -46.44 30.27 18.52
N LEU F 83 -47.24 30.73 17.57
CA LEU F 83 -46.89 31.83 16.68
C LEU F 83 -47.80 33.01 17.02
N SER F 84 -47.19 34.15 17.33
CA SER F 84 -47.92 35.32 17.77
C SER F 84 -47.92 36.41 16.71
N ARG F 85 -48.83 37.36 16.89
CA ARG F 85 -48.99 38.50 15.98
C ARG F 85 -49.12 38.03 14.53
N LEU F 86 -50.06 37.12 14.32
CA LEU F 86 -50.19 36.44 13.03
C LEU F 86 -50.57 37.42 11.92
N ARG F 87 -50.05 37.14 10.73
CA ARG F 87 -50.41 37.85 9.51
C ARG F 87 -51.01 36.87 8.52
N SER F 88 -51.58 37.42 7.44
CA SER F 88 -52.20 36.57 6.43
C SER F 88 -51.18 35.69 5.74
N ASP F 89 -49.95 36.18 5.56
CA ASP F 89 -48.90 35.37 4.96
C ASP F 89 -48.32 34.35 5.94
N ASP F 90 -48.82 34.29 7.17
CA ASP F 90 -48.54 33.17 8.06
C ASP F 90 -49.40 31.96 7.75
N THR F 91 -50.40 32.10 6.86
CA THR F 91 -51.21 30.98 6.43
C THR F 91 -50.33 29.91 5.79
N ALA F 92 -50.39 28.70 6.32
CA ALA F 92 -49.48 27.64 5.87
C ALA F 92 -49.85 26.35 6.58
N VAL F 93 -49.23 25.25 6.12
CA VAL F 93 -49.24 23.99 6.84
C VAL F 93 -48.01 23.93 7.72
N TYR F 94 -48.20 23.58 8.99
CA TYR F 94 -47.13 23.53 9.97
C TYR F 94 -46.87 22.09 10.38
N TYR F 95 -45.62 21.65 10.26
CA TYR F 95 -45.20 20.29 10.56
C TYR F 95 -44.25 20.27 11.75
N CYS F 96 -44.43 19.32 12.66
CA CYS F 96 -43.38 18.93 13.60
C CYS F 96 -42.57 17.80 12.99
N ALA F 97 -41.25 17.81 13.21
CA ALA F 97 -40.39 16.72 12.78
C ALA F 97 -39.29 16.49 13.81
N ARG F 98 -38.99 15.22 14.09
CA ARG F 98 -37.96 14.87 15.06
C ARG F 98 -36.61 14.73 14.37
N GLU F 99 -35.54 15.00 15.13
CA GLU F 99 -34.19 14.79 14.65
C GLU F 99 -33.31 14.40 15.84
N VAL F 100 -32.62 13.27 15.74
CA VAL F 100 -31.89 12.74 16.89
C VAL F 100 -30.88 13.78 17.38
N MET F 101 -30.71 13.83 18.70
CA MET F 101 -29.76 14.74 19.32
C MET F 101 -28.46 14.02 19.60
N VAL F 102 -27.35 14.72 19.37
CA VAL F 102 -26.01 14.23 19.68
C VAL F 102 -25.32 15.31 20.50
N ARG F 103 -24.93 14.97 21.72
CA ARG F 103 -24.31 15.97 22.59
C ARG F 103 -23.01 16.47 21.98
N GLY F 104 -22.99 17.76 21.66
CA GLY F 104 -21.79 18.40 21.15
C GLY F 104 -21.51 18.23 19.67
N ALA F 105 -22.42 17.62 18.91
CA ALA F 105 -22.16 17.35 17.51
C ALA F 105 -23.42 17.58 16.68
N LEU F 106 -23.22 17.89 15.40
CA LEU F 106 -24.33 18.00 14.47
C LEU F 106 -25.01 16.63 14.29
N PRO F 107 -26.33 16.59 14.21
CA PRO F 107 -27.01 15.32 13.92
C PRO F 107 -26.80 14.93 12.47
N PRO F 108 -26.49 13.65 12.21
CA PRO F 108 -26.23 13.24 10.82
C PRO F 108 -27.43 12.62 10.11
N TYR F 109 -28.46 12.23 10.86
CA TYR F 109 -29.50 11.37 10.33
C TYR F 109 -30.71 12.12 9.77
N GLY F 110 -30.72 13.45 9.82
CA GLY F 110 -31.81 14.21 9.25
C GLY F 110 -33.10 14.11 10.07
N MET F 111 -34.15 14.70 9.51
CA MET F 111 -35.48 14.69 10.13
C MET F 111 -36.24 13.48 9.59
N ASP F 112 -36.22 12.39 10.35
CA ASP F 112 -36.64 11.10 9.82
C ASP F 112 -38.12 10.81 9.99
N VAL F 113 -38.82 11.50 10.89
CA VAL F 113 -40.25 11.31 11.09
C VAL F 113 -40.92 12.66 11.22
N TRP F 114 -41.98 12.88 10.43
CA TRP F 114 -42.71 14.14 10.43
C TRP F 114 -44.13 13.92 10.91
N GLY F 115 -44.74 14.98 11.44
CA GLY F 115 -46.16 14.98 11.71
C GLY F 115 -46.97 15.12 10.43
N GLN F 116 -48.28 14.94 10.57
CA GLN F 116 -49.16 15.03 9.41
C GLN F 116 -49.42 16.46 8.97
N GLY F 117 -49.06 17.45 9.78
CA GLY F 117 -49.24 18.83 9.40
C GLY F 117 -50.53 19.42 9.96
N THR F 118 -50.51 20.73 10.16
CA THR F 118 -51.65 21.47 10.69
C THR F 118 -51.87 22.70 9.83
N THR F 119 -53.02 22.78 9.17
CA THR F 119 -53.33 23.93 8.35
C THR F 119 -53.73 25.10 9.25
N VAL F 120 -53.06 26.23 9.09
CA VAL F 120 -53.37 27.45 9.83
C VAL F 120 -53.67 28.54 8.81
N THR F 121 -54.91 29.03 8.85
CA THR F 121 -55.37 30.08 7.95
C THR F 121 -55.58 31.35 8.77
N VAL F 122 -54.84 32.41 8.43
CA VAL F 122 -54.96 33.69 9.09
C VAL F 122 -55.61 34.67 8.11
N SER F 123 -56.76 35.20 8.50
CA SER F 123 -57.51 36.10 7.62
C SER F 123 -58.44 36.95 8.47
N SER F 124 -58.72 38.15 7.97
CA SER F 124 -59.71 39.02 8.59
C SER F 124 -61.13 38.68 8.15
N ALA F 125 -61.29 37.83 7.14
CA ALA F 125 -62.61 37.44 6.69
C ALA F 125 -63.30 36.54 7.71
N SER F 126 -64.62 36.54 7.67
CA SER F 126 -65.44 35.64 8.47
C SER F 126 -66.02 34.55 7.60
N THR F 127 -66.62 33.56 8.25
CA THR F 127 -67.20 32.42 7.53
C THR F 127 -68.32 32.89 6.60
N LYS F 128 -68.24 32.49 5.34
CA LYS F 128 -69.20 32.91 4.34
C LYS F 128 -69.38 31.78 3.32
N GLY F 129 -70.64 31.45 3.03
CA GLY F 129 -70.95 30.47 2.02
C GLY F 129 -70.72 31.02 0.62
N PRO F 130 -70.53 30.13 -0.35
CA PRO F 130 -70.23 30.57 -1.71
C PRO F 130 -71.48 30.78 -2.56
N SER F 131 -71.34 31.67 -3.53
CA SER F 131 -72.33 31.82 -4.59
C SER F 131 -71.92 30.93 -5.76
N VAL F 132 -72.88 30.19 -6.30
CA VAL F 132 -72.62 29.26 -7.40
C VAL F 132 -73.25 29.85 -8.66
N PHE F 133 -72.42 30.02 -9.69
CA PHE F 133 -72.85 30.55 -10.97
C PHE F 133 -72.55 29.56 -12.08
N PRO F 134 -73.39 29.49 -13.11
CA PRO F 134 -73.14 28.54 -14.19
C PRO F 134 -72.12 29.05 -15.20
N LEU F 135 -71.31 28.13 -15.70
CA LEU F 135 -70.47 28.32 -16.88
C LEU F 135 -71.14 27.45 -17.94
N ALA F 136 -72.03 28.07 -18.73
CA ALA F 136 -72.93 27.37 -19.63
C ALA F 136 -72.18 26.88 -20.87
N PRO F 137 -72.51 25.68 -21.35
CA PRO F 137 -71.88 25.19 -22.58
C PRO F 137 -72.24 26.07 -23.77
N SER F 138 -71.32 26.12 -24.74
CA SER F 138 -71.53 26.95 -25.91
C SER F 138 -72.74 26.48 -26.71
N SER F 139 -73.53 27.43 -27.18
CA SER F 139 -74.71 27.10 -27.98
C SER F 139 -74.37 26.66 -29.39
N LYS F 140 -73.12 26.81 -29.83
CA LYS F 140 -72.69 26.37 -31.14
C LYS F 140 -72.10 24.97 -31.03
N SER F 141 -72.60 24.06 -31.86
CA SER F 141 -72.32 22.64 -31.73
C SER F 141 -71.95 22.04 -33.07
N THR F 142 -71.00 21.10 -33.04
CA THR F 142 -70.73 20.21 -34.16
C THR F 142 -71.11 18.79 -33.77
N SER F 143 -71.29 17.94 -34.78
CA SER F 143 -71.88 16.62 -34.54
C SER F 143 -70.93 15.69 -33.78
N GLY F 144 -69.63 15.81 -34.02
CA GLY F 144 -68.63 15.09 -33.26
C GLY F 144 -68.00 15.86 -32.13
N GLY F 145 -68.37 17.12 -31.94
CA GLY F 145 -67.67 18.01 -31.04
C GLY F 145 -67.85 17.66 -29.58
N THR F 146 -66.99 18.26 -28.77
CA THR F 146 -67.04 18.17 -27.31
C THR F 146 -67.36 19.55 -26.73
N ALA F 147 -68.30 19.59 -25.79
CA ALA F 147 -68.68 20.82 -25.12
C ALA F 147 -68.10 20.86 -23.72
N ALA F 148 -67.86 22.07 -23.23
CA ALA F 148 -67.36 22.29 -21.88
C ALA F 148 -68.41 23.07 -21.08
N LEU F 149 -68.58 22.69 -19.81
CA LEU F 149 -69.47 23.42 -18.93
C LEU F 149 -68.94 23.32 -17.52
N GLY F 150 -69.57 24.04 -16.59
CA GLY F 150 -69.09 23.98 -15.23
C GLY F 150 -69.80 24.95 -14.31
N CYS F 151 -69.20 25.10 -13.12
CA CYS F 151 -69.74 25.91 -12.04
C CYS F 151 -68.63 26.77 -11.46
N LEU F 152 -68.86 28.08 -11.41
CA LEU F 152 -68.00 29.02 -10.71
C LEU F 152 -68.49 29.15 -9.27
N VAL F 153 -67.67 28.72 -8.32
CA VAL F 153 -67.97 28.77 -6.90
C VAL F 153 -67.18 29.94 -6.32
N LYS F 154 -67.86 31.05 -6.05
CA LYS F 154 -67.21 32.33 -5.79
C LYS F 154 -67.51 32.82 -4.38
N ASP F 155 -66.51 33.50 -3.78
CA ASP F 155 -66.69 34.29 -2.57
C ASP F 155 -67.15 33.42 -1.39
N TYR F 156 -66.22 32.58 -0.93
CA TYR F 156 -66.44 31.76 0.25
C TYR F 156 -65.21 31.79 1.14
N PHE F 157 -65.42 31.42 2.41
CA PHE F 157 -64.37 31.37 3.41
C PHE F 157 -64.86 30.56 4.60
N PRO F 158 -64.04 29.67 5.17
CA PRO F 158 -62.71 29.34 4.65
C PRO F 158 -62.74 28.10 3.77
N GLU F 159 -61.56 27.63 3.37
CA GLU F 159 -61.46 26.36 2.65
C GLU F 159 -61.90 25.22 3.57
N PRO F 160 -62.36 24.09 2.98
CA PRO F 160 -62.52 23.86 1.55
C PRO F 160 -63.97 23.81 1.08
N VAL F 161 -64.13 23.77 -0.24
CA VAL F 161 -65.39 23.40 -0.87
C VAL F 161 -65.18 22.09 -1.61
N THR F 162 -66.17 21.20 -1.55
CA THR F 162 -66.15 19.96 -2.29
C THR F 162 -67.14 20.04 -3.45
N VAL F 163 -66.68 19.67 -4.64
CA VAL F 163 -67.51 19.72 -5.84
C VAL F 163 -67.60 18.31 -6.42
N SER F 164 -68.83 17.88 -6.68
CA SER F 164 -69.10 16.63 -7.41
C SER F 164 -70.04 16.94 -8.56
N TRP F 165 -70.24 15.95 -9.43
CA TRP F 165 -71.13 16.11 -10.57
C TRP F 165 -72.10 14.95 -10.64
N ASN F 166 -73.40 15.26 -10.73
CA ASN F 166 -74.48 14.28 -10.78
C ASN F 166 -74.41 13.33 -9.58
N SER F 167 -74.24 13.92 -8.40
CA SER F 167 -74.17 13.18 -7.13
C SER F 167 -73.08 12.12 -7.17
N GLY F 168 -71.94 12.46 -7.79
CA GLY F 168 -70.82 11.55 -7.86
C GLY F 168 -70.89 10.52 -8.96
N ALA F 169 -71.90 10.57 -9.83
CA ALA F 169 -72.04 9.62 -10.91
C ALA F 169 -71.34 10.06 -12.19
N LEU F 170 -70.76 11.26 -12.21
CA LEU F 170 -70.02 11.76 -13.37
C LEU F 170 -68.64 12.20 -12.88
N THR F 171 -67.64 11.37 -13.16
CA THR F 171 -66.25 11.63 -12.79
C THR F 171 -65.36 11.86 -13.99
N SER F 172 -65.58 11.12 -15.08
CA SER F 172 -64.71 11.21 -16.26
C SER F 172 -64.77 12.62 -16.85
N GLY F 173 -63.59 13.19 -17.09
CA GLY F 173 -63.50 14.50 -17.69
C GLY F 173 -63.77 15.66 -16.76
N VAL F 174 -63.80 15.43 -15.45
CA VAL F 174 -64.09 16.48 -14.49
C VAL F 174 -62.78 17.08 -13.98
N HIS F 175 -62.71 18.41 -13.97
CA HIS F 175 -61.54 19.13 -13.47
C HIS F 175 -62.04 20.15 -12.46
N THR F 176 -61.76 19.91 -11.18
CA THR F 176 -62.05 20.86 -10.12
C THR F 176 -60.74 21.56 -9.76
N PHE F 177 -60.60 22.81 -10.19
CA PHE F 177 -59.35 23.52 -10.03
C PHE F 177 -59.10 23.86 -8.56
N PRO F 178 -57.84 23.97 -8.16
CA PRO F 178 -57.53 24.45 -6.81
C PRO F 178 -58.08 25.85 -6.60
N ALA F 179 -58.54 26.11 -5.39
CA ALA F 179 -59.06 27.43 -5.05
C ALA F 179 -57.95 28.48 -5.17
N VAL F 180 -58.35 29.70 -5.51
CA VAL F 180 -57.46 30.85 -5.49
C VAL F 180 -57.98 31.84 -4.46
N LEU F 181 -57.05 32.57 -3.84
CA LEU F 181 -57.41 33.60 -2.89
C LEU F 181 -57.54 34.93 -3.61
N GLN F 182 -58.70 35.57 -3.47
CA GLN F 182 -58.97 36.83 -4.14
C GLN F 182 -58.48 38.00 -3.30
N SER F 183 -58.37 39.16 -3.94
CA SER F 183 -57.94 40.37 -3.24
C SER F 183 -58.88 40.71 -2.09
N SER F 184 -60.16 40.36 -2.20
CA SER F 184 -61.13 40.61 -1.14
C SER F 184 -60.91 39.75 0.09
N GLY F 185 -60.02 38.77 0.04
CA GLY F 185 -59.84 37.84 1.12
C GLY F 185 -60.73 36.61 1.05
N LEU F 186 -61.58 36.51 0.05
CA LEU F 186 -62.47 35.37 -0.13
C LEU F 186 -61.91 34.44 -1.21
N TYR F 187 -62.29 33.17 -1.12
CA TYR F 187 -61.80 32.15 -2.04
C TYR F 187 -62.76 31.99 -3.23
N SER F 188 -62.20 31.59 -4.35
CA SER F 188 -62.99 31.26 -5.53
C SER F 188 -62.39 30.05 -6.21
N LEU F 189 -63.24 29.32 -6.93
CA LEU F 189 -62.90 28.02 -7.50
C LEU F 189 -63.81 27.82 -8.70
N SER F 190 -63.35 27.00 -9.65
CA SER F 190 -64.18 26.62 -10.78
C SER F 190 -64.05 25.13 -11.01
N SER F 191 -65.18 24.49 -11.28
CA SER F 191 -65.20 23.07 -11.64
C SER F 191 -65.80 22.92 -13.02
N VAL F 192 -65.08 22.30 -13.93
CA VAL F 192 -65.52 22.16 -15.32
C VAL F 192 -65.55 20.68 -15.68
N VAL F 193 -66.23 20.40 -16.80
CA VAL F 193 -66.35 19.06 -17.31
C VAL F 193 -66.63 19.15 -18.81
N THR F 194 -65.99 18.25 -19.56
CA THR F 194 -66.21 18.13 -21.00
C THR F 194 -67.10 16.93 -21.27
N VAL F 195 -68.13 17.14 -22.09
CA VAL F 195 -69.13 16.13 -22.39
C VAL F 195 -69.36 16.11 -23.90
N PRO F 196 -69.97 15.06 -24.42
CA PRO F 196 -70.42 15.11 -25.82
C PRO F 196 -71.45 16.23 -26.01
N SER F 197 -71.32 16.93 -27.15
CA SER F 197 -72.35 17.89 -27.53
C SER F 197 -73.71 17.22 -27.61
N SER F 198 -73.80 16.10 -28.34
CA SER F 198 -74.95 15.20 -28.36
C SER F 198 -75.67 15.13 -27.02
N SER F 199 -74.92 14.90 -25.94
CA SER F 199 -75.51 14.60 -24.65
C SER F 199 -76.24 15.79 -24.02
N LEU F 200 -75.98 17.02 -24.49
CA LEU F 200 -76.52 18.20 -23.82
C LEU F 200 -78.04 18.17 -23.76
N GLY F 201 -78.69 17.70 -24.82
CA GLY F 201 -80.14 17.64 -24.83
C GLY F 201 -80.70 16.57 -23.92
N THR F 202 -80.02 15.42 -23.84
CA THR F 202 -80.58 14.29 -23.11
C THR F 202 -80.10 14.21 -21.66
N GLN F 203 -78.85 14.56 -21.38
CA GLN F 203 -78.29 14.37 -20.04
C GLN F 203 -78.38 15.67 -19.25
N THR F 204 -79.03 15.61 -18.09
CA THR F 204 -78.92 16.64 -17.07
C THR F 204 -77.55 16.62 -16.39
N TYR F 205 -76.89 17.76 -16.36
CA TYR F 205 -75.62 17.94 -15.64
C TYR F 205 -75.82 18.88 -14.47
N ILE F 206 -75.47 18.43 -13.27
CA ILE F 206 -75.64 19.18 -12.03
C ILE F 206 -74.35 19.12 -11.23
N CYS F 207 -73.88 20.28 -10.79
CA CYS F 207 -72.73 20.36 -9.90
C CYS F 207 -73.23 20.46 -8.46
N ASN F 208 -72.68 19.61 -7.59
CA ASN F 208 -72.99 19.60 -6.18
C ASN F 208 -71.84 20.25 -5.42
N VAL F 209 -72.09 21.42 -4.87
CA VAL F 209 -71.11 22.22 -4.14
C VAL F 209 -71.44 22.12 -2.66
N ASN F 210 -70.44 21.77 -1.85
CA ASN F 210 -70.61 21.65 -0.41
C ASN F 210 -69.54 22.47 0.29
N HIS F 211 -69.98 23.33 1.21
CA HIS F 211 -69.11 24.17 2.03
C HIS F 211 -69.56 23.95 3.47
N LYS F 212 -68.89 23.05 4.17
CA LYS F 212 -69.28 22.62 5.51
C LYS F 212 -69.09 23.70 6.59
N PRO F 213 -68.02 24.51 6.55
CA PRO F 213 -67.89 25.56 7.58
C PRO F 213 -69.07 26.51 7.63
N SER F 214 -69.72 26.79 6.50
CA SER F 214 -70.90 27.64 6.46
C SER F 214 -72.19 26.85 6.33
N ASN F 215 -72.11 25.52 6.25
CA ASN F 215 -73.29 24.66 6.08
C ASN F 215 -74.07 25.06 4.82
N THR F 216 -73.36 25.24 3.73
CA THR F 216 -73.95 25.64 2.45
C THR F 216 -73.85 24.47 1.47
N LYS F 217 -75.00 24.02 0.98
CA LYS F 217 -75.04 22.93 0.00
C LYS F 217 -75.90 23.39 -1.16
N VAL F 218 -75.30 23.45 -2.35
CA VAL F 218 -75.95 24.00 -3.54
C VAL F 218 -75.81 22.99 -4.67
N ASP F 219 -76.94 22.57 -5.23
CA ASP F 219 -76.95 21.67 -6.39
C ASP F 219 -77.44 22.49 -7.58
N LYS F 220 -76.51 22.93 -8.41
CA LYS F 220 -76.82 23.81 -9.53
C LYS F 220 -76.81 23.02 -10.84
N LYS F 221 -77.91 23.12 -11.58
CA LYS F 221 -78.01 22.51 -12.90
C LYS F 221 -77.52 23.50 -13.94
N VAL F 222 -76.53 23.10 -14.72
CA VAL F 222 -75.99 23.92 -15.80
C VAL F 222 -76.68 23.52 -17.09
N GLU F 223 -77.38 24.47 -17.71
CA GLU F 223 -78.27 24.21 -18.82
C GLU F 223 -77.72 24.80 -20.12
N PRO F 224 -78.05 24.19 -21.27
CA PRO F 224 -77.75 24.84 -22.55
C PRO F 224 -78.43 26.19 -22.65
N LYS F 225 -77.79 27.11 -23.35
CA LYS F 225 -78.26 28.49 -23.39
C LYS F 225 -79.51 28.62 -24.25
N SER F 226 -80.53 29.28 -23.70
CA SER F 226 -81.69 29.71 -24.47
C SER F 226 -81.30 30.89 -25.35
N CYS F 227 -80.96 30.62 -26.60
CA CYS F 227 -80.67 31.70 -27.55
C CYS F 227 -81.97 32.39 -28.00
N GLU G 1 -35.22 34.09 3.72
CA GLU G 1 -33.95 33.55 4.15
C GLU G 1 -33.20 32.91 2.98
N ILE G 2 -32.00 32.38 3.28
CA ILE G 2 -31.22 31.70 2.25
C ILE G 2 -31.93 30.44 1.80
N VAL G 3 -31.93 30.21 0.49
CA VAL G 3 -32.52 29.02 -0.12
C VAL G 3 -31.45 28.33 -0.95
N LEU G 4 -31.32 27.01 -0.79
CA LEU G 4 -30.35 26.26 -1.57
C LEU G 4 -30.81 26.11 -3.01
N THR G 5 -29.88 26.33 -3.95
CA THR G 5 -30.20 26.27 -5.37
C THR G 5 -30.38 24.81 -5.78
N GLN G 6 -31.62 24.43 -6.07
CA GLN G 6 -31.93 23.11 -6.62
C GLN G 6 -32.15 23.23 -8.11
N SER G 7 -31.64 22.25 -8.86
CA SER G 7 -31.67 22.29 -10.31
C SER G 7 -32.00 20.91 -10.89
N PRO G 8 -32.85 20.85 -11.91
CA PRO G 8 -33.59 22.03 -12.40
C PRO G 8 -34.86 22.25 -11.58
N ALA G 9 -35.61 23.31 -11.88
CA ALA G 9 -36.86 23.54 -11.17
C ALA G 9 -37.86 22.43 -11.44
N THR G 10 -37.96 21.97 -12.69
CA THR G 10 -38.87 20.91 -13.07
C THR G 10 -38.12 19.89 -13.92
N LEU G 11 -38.32 18.62 -13.62
CA LEU G 11 -37.75 17.52 -14.40
C LEU G 11 -38.89 16.74 -15.03
N SER G 12 -38.96 16.76 -16.36
CA SER G 12 -39.97 16.02 -17.09
C SER G 12 -39.34 14.76 -17.66
N LEU G 13 -39.76 13.61 -17.15
CA LEU G 13 -39.20 12.33 -17.55
C LEU G 13 -40.32 11.31 -17.69
N SER G 14 -40.05 10.26 -18.44
CA SER G 14 -41.02 9.19 -18.63
C SER G 14 -40.88 8.16 -17.52
N PRO G 15 -41.93 7.37 -17.27
CA PRO G 15 -41.81 6.30 -16.28
C PRO G 15 -40.69 5.32 -16.66
N GLY G 16 -39.89 4.95 -15.66
CA GLY G 16 -38.75 4.09 -15.89
C GLY G 16 -37.47 4.81 -16.26
N GLU G 17 -37.52 6.13 -16.42
CA GLU G 17 -36.33 6.89 -16.79
C GLU G 17 -35.46 7.18 -15.56
N ARG G 18 -34.19 7.48 -15.83
CA ARG G 18 -33.27 7.87 -14.77
C ARG G 18 -33.46 9.34 -14.43
N ALA G 19 -33.46 9.64 -13.13
CA ALA G 19 -33.68 11.00 -12.65
C ALA G 19 -32.43 11.48 -11.92
N THR G 20 -31.93 12.65 -12.30
CA THR G 20 -30.76 13.26 -11.70
C THR G 20 -31.12 14.66 -11.21
N LEU G 21 -31.03 14.89 -9.91
CA LEU G 21 -31.40 16.16 -9.29
C LEU G 21 -30.18 16.74 -8.59
N SER G 22 -29.97 18.05 -8.72
CA SER G 22 -28.79 18.71 -8.19
C SER G 22 -29.18 19.71 -7.12
N CYS G 23 -28.35 19.81 -6.08
CA CYS G 23 -28.50 20.80 -5.03
C CYS G 23 -27.14 21.39 -4.72
N ARG G 24 -27.01 22.70 -4.86
CA ARG G 24 -25.79 23.41 -4.51
C ARG G 24 -25.88 23.87 -3.05
N ALA G 25 -25.06 23.26 -2.19
CA ALA G 25 -25.05 23.61 -0.78
C ALA G 25 -24.28 24.90 -0.53
N SER G 26 -24.67 25.60 0.53
CA SER G 26 -23.95 26.79 0.96
C SER G 26 -22.58 26.41 1.51
N GLN G 27 -21.69 27.40 1.56
CA GLN G 27 -20.38 27.18 2.15
C GLN G 27 -20.53 26.98 3.65
N SER G 28 -19.85 25.96 4.18
CA SER G 28 -20.01 25.59 5.58
C SER G 28 -18.71 24.97 6.09
N VAL G 29 -18.39 25.23 7.35
CA VAL G 29 -17.30 24.52 8.00
C VAL G 29 -17.63 23.04 8.13
N SER G 30 -18.86 22.73 8.54
CA SER G 30 -19.31 21.35 8.63
C SER G 30 -20.83 21.33 8.50
N SER G 31 -21.35 20.34 7.77
CA SER G 31 -22.79 20.25 7.53
C SER G 31 -23.13 18.86 7.02
N TYR G 32 -24.43 18.55 7.06
CA TYR G 32 -24.97 17.29 6.58
C TYR G 32 -26.04 17.56 5.55
N LEU G 33 -26.00 16.84 4.44
CA LEU G 33 -26.92 17.04 3.32
C LEU G 33 -27.92 15.88 3.29
N ALA G 34 -29.20 16.22 3.28
CA ALA G 34 -30.28 15.23 3.25
C ALA G 34 -31.22 15.54 2.09
N TRP G 35 -31.90 14.50 1.62
CA TRP G 35 -32.88 14.60 0.55
C TRP G 35 -34.21 14.06 1.05
N TYR G 36 -35.29 14.81 0.79
CA TYR G 36 -36.65 14.49 1.19
C TYR G 36 -37.56 14.48 -0.02
N GLN G 37 -38.58 13.63 0.02
CA GLN G 37 -39.60 13.56 -1.01
C GLN G 37 -40.95 14.00 -0.42
N GLN G 38 -41.69 14.79 -1.17
CA GLN G 38 -43.01 15.27 -0.75
C GLN G 38 -44.00 15.09 -1.89
N LYS G 39 -45.08 14.35 -1.61
CA LYS G 39 -46.24 14.14 -2.44
C LYS G 39 -47.33 15.15 -2.10
N PRO G 40 -48.27 15.40 -3.00
CA PRO G 40 -49.32 16.40 -2.73
C PRO G 40 -50.12 16.05 -1.48
N GLY G 41 -50.25 17.04 -0.59
CA GLY G 41 -51.03 16.88 0.63
C GLY G 41 -50.39 16.04 1.70
N GLN G 42 -49.12 15.69 1.58
CA GLN G 42 -48.43 14.85 2.54
C GLN G 42 -47.21 15.56 3.09
N ALA G 43 -46.77 15.12 4.26
CA ALA G 43 -45.54 15.64 4.83
C ALA G 43 -44.33 15.11 4.05
N PRO G 44 -43.24 15.87 3.99
CA PRO G 44 -42.02 15.36 3.37
C PRO G 44 -41.53 14.11 4.08
N ARG G 45 -40.80 13.28 3.33
CA ARG G 45 -40.36 11.98 3.81
C ARG G 45 -38.86 11.85 3.53
N LEU G 46 -38.09 11.50 4.55
CA LEU G 46 -36.65 11.42 4.41
C LEU G 46 -36.27 10.31 3.44
N LEU G 47 -35.49 10.67 2.42
CA LEU G 47 -34.94 9.71 1.48
C LEU G 47 -33.48 9.41 1.78
N ILE G 48 -32.67 10.45 1.94
CA ILE G 48 -31.22 10.28 2.05
C ILE G 48 -30.71 11.17 3.17
N TYR G 49 -29.80 10.64 3.97
CA TYR G 49 -29.08 11.41 4.97
C TYR G 49 -27.58 11.34 4.72
N ASP G 50 -26.87 12.39 5.12
CA ASP G 50 -25.43 12.51 4.90
C ASP G 50 -25.05 12.26 3.44
N ALA G 51 -25.85 12.84 2.54
CA ALA G 51 -25.53 12.93 1.12
C ALA G 51 -25.57 11.59 0.38
N SER G 52 -25.39 10.48 1.08
CA SER G 52 -25.15 9.22 0.38
C SER G 52 -25.89 8.01 0.95
N ASN G 53 -26.50 8.09 2.13
CA ASN G 53 -27.04 6.92 2.80
C ASN G 53 -28.56 6.89 2.70
N ARG G 54 -29.10 5.76 2.29
CA ARG G 54 -30.55 5.60 2.19
C ARG G 54 -31.16 5.52 3.59
N ALA G 55 -32.25 6.27 3.78
CA ALA G 55 -32.99 6.18 5.03
C ALA G 55 -33.73 4.84 5.12
N THR G 56 -34.26 4.56 6.31
CA THR G 56 -34.95 3.30 6.54
C THR G 56 -36.18 3.18 5.66
N GLY G 57 -36.32 2.04 5.00
CA GLY G 57 -37.46 1.80 4.13
C GLY G 57 -37.40 2.46 2.77
N ILE G 58 -36.25 3.02 2.39
CA ILE G 58 -36.09 3.68 1.10
C ILE G 58 -35.60 2.67 0.08
N PRO G 59 -36.25 2.56 -1.08
CA PRO G 59 -35.89 1.53 -2.05
C PRO G 59 -34.49 1.75 -2.63
N ALA G 60 -33.92 0.66 -3.15
CA ALA G 60 -32.54 0.66 -3.61
C ALA G 60 -32.32 1.58 -4.80
N ARG G 61 -33.38 1.95 -5.53
CA ARG G 61 -33.20 2.80 -6.70
C ARG G 61 -32.79 4.23 -6.35
N PHE G 62 -33.01 4.65 -5.11
CA PHE G 62 -32.60 5.97 -4.65
C PHE G 62 -31.15 5.91 -4.18
N SER G 63 -30.34 6.85 -4.66
CA SER G 63 -28.96 6.97 -4.20
C SER G 63 -28.56 8.44 -4.22
N GLY G 64 -27.45 8.75 -3.59
CA GLY G 64 -26.98 10.13 -3.52
C GLY G 64 -25.48 10.20 -3.44
N SER G 65 -24.93 11.29 -3.97
CA SER G 65 -23.49 11.51 -3.91
C SER G 65 -23.23 13.00 -3.74
N GLY G 66 -22.00 13.32 -3.33
CA GLY G 66 -21.63 14.71 -3.11
C GLY G 66 -20.16 14.99 -3.36
N SER G 67 -19.88 16.08 -4.09
CA SER G 67 -18.51 16.52 -4.31
C SER G 67 -18.45 18.02 -4.08
N GLY G 68 -17.60 18.43 -3.15
CA GLY G 68 -17.50 19.83 -2.78
C GLY G 68 -18.80 20.39 -2.26
N THR G 69 -19.40 21.32 -3.01
CA THR G 69 -20.69 21.89 -2.66
C THR G 69 -21.82 21.40 -3.56
N ASP G 70 -21.54 20.52 -4.51
CA ASP G 70 -22.55 20.00 -5.42
C ASP G 70 -22.98 18.62 -4.98
N PHE G 71 -24.27 18.46 -4.69
CA PHE G 71 -24.82 17.19 -4.27
C PHE G 71 -25.86 16.73 -5.28
N THR G 72 -25.94 15.42 -5.49
CA THR G 72 -26.80 14.83 -6.50
C THR G 72 -27.64 13.73 -5.88
N LEU G 73 -28.94 13.78 -6.15
CA LEU G 73 -29.85 12.68 -5.87
C LEU G 73 -30.18 11.97 -7.18
N THR G 74 -29.97 10.66 -7.20
CA THR G 74 -30.20 9.85 -8.39
C THR G 74 -31.30 8.84 -8.10
N ILE G 75 -32.24 8.71 -9.03
CA ILE G 75 -33.21 7.64 -9.05
C ILE G 75 -32.93 6.81 -10.29
N SER G 76 -32.51 5.56 -10.10
CA SER G 76 -32.01 4.76 -11.22
C SER G 76 -33.10 4.50 -12.25
N SER G 77 -34.32 4.28 -11.81
CA SER G 77 -35.44 4.05 -12.73
C SER G 77 -36.71 4.51 -12.05
N LEU G 78 -37.36 5.51 -12.64
CA LEU G 78 -38.50 6.15 -12.01
C LEU G 78 -39.70 5.22 -11.98
N GLU G 79 -40.32 5.11 -10.81
CA GLU G 79 -41.58 4.43 -10.61
C GLU G 79 -42.71 5.44 -10.58
N PRO G 80 -43.96 5.01 -10.82
CA PRO G 80 -45.07 5.97 -10.78
C PRO G 80 -45.17 6.75 -9.48
N GLU G 81 -44.92 6.09 -8.35
CA GLU G 81 -44.96 6.76 -7.05
C GLU G 81 -43.82 7.73 -6.83
N ASP G 82 -42.81 7.75 -7.71
CA ASP G 82 -41.66 8.62 -7.53
C ASP G 82 -41.87 10.03 -8.07
N PHE G 83 -42.94 10.27 -8.82
CA PHE G 83 -43.22 11.59 -9.36
C PHE G 83 -43.81 12.46 -8.26
N ALA G 84 -43.03 13.45 -7.81
CA ALA G 84 -43.34 14.26 -6.64
C ALA G 84 -42.34 15.42 -6.62
N VAL G 85 -42.29 16.13 -5.49
CA VAL G 85 -41.33 17.21 -5.30
C VAL G 85 -40.22 16.71 -4.38
N TYR G 86 -39.00 17.19 -4.61
CA TYR G 86 -37.84 16.75 -3.85
C TYR G 86 -37.09 17.95 -3.31
N TYR G 87 -36.78 17.92 -2.01
CA TYR G 87 -36.11 19.02 -1.32
C TYR G 87 -34.79 18.53 -0.72
N CYS G 88 -33.69 19.15 -1.11
CA CYS G 88 -32.45 19.08 -0.34
C CYS G 88 -32.54 19.94 0.92
N GLN G 89 -32.03 19.41 2.04
CA GLN G 89 -31.86 20.16 3.27
C GLN G 89 -30.42 20.06 3.77
N GLN G 90 -29.90 21.18 4.27
CA GLN G 90 -28.56 21.26 4.84
C GLN G 90 -28.67 21.55 6.33
N ARG G 91 -28.09 20.67 7.15
CA ARG G 91 -28.00 20.85 8.60
C ARG G 91 -26.60 21.35 8.95
N SER G 92 -26.54 22.48 9.63
CA SER G 92 -25.25 23.13 9.87
C SER G 92 -25.38 23.99 11.13
N ASN G 93 -24.43 24.91 11.31
CA ASN G 93 -24.47 25.85 12.42
C ASN G 93 -25.27 27.10 12.10
N TRP G 94 -24.98 27.73 10.95
CA TRP G 94 -25.62 28.97 10.57
C TRP G 94 -25.94 28.99 9.08
N PRO G 95 -27.23 28.86 8.70
CA PRO G 95 -28.33 28.63 9.63
C PRO G 95 -28.36 27.18 10.08
N PRO G 96 -28.93 26.90 11.25
CA PRO G 96 -29.01 25.50 11.71
C PRO G 96 -29.66 24.58 10.69
N VAL G 97 -30.67 25.04 9.98
CA VAL G 97 -31.35 24.26 8.95
C VAL G 97 -31.60 25.17 7.75
N THR G 98 -31.24 24.69 6.57
CA THR G 98 -31.52 25.41 5.32
C THR G 98 -32.18 24.45 4.35
N PHE G 99 -33.18 24.93 3.61
CA PHE G 99 -33.88 24.10 2.64
C PHE G 99 -33.58 24.56 1.23
N GLY G 100 -33.64 23.61 0.29
CA GLY G 100 -33.57 23.95 -1.11
C GLY G 100 -34.91 24.42 -1.63
N GLY G 101 -34.89 24.93 -2.87
CA GLY G 101 -36.11 25.42 -3.48
C GLY G 101 -37.05 24.35 -4.00
N GLY G 102 -36.59 23.11 -4.08
CA GLY G 102 -37.43 22.02 -4.55
C GLY G 102 -37.34 21.76 -6.03
N THR G 103 -37.32 20.48 -6.41
CA THR G 103 -37.36 20.06 -7.80
C THR G 103 -38.60 19.19 -8.00
N LYS G 104 -39.45 19.58 -8.93
CA LYS G 104 -40.63 18.80 -9.26
C LYS G 104 -40.31 17.83 -10.39
N VAL G 105 -40.57 16.55 -10.16
CA VAL G 105 -40.36 15.51 -11.16
C VAL G 105 -41.74 15.13 -11.70
N GLU G 106 -42.02 15.55 -12.92
CA GLU G 106 -43.32 15.32 -13.56
C GLU G 106 -43.17 14.31 -14.69
N ILE G 107 -44.31 13.80 -15.14
CA ILE G 107 -44.35 12.76 -16.17
C ILE G 107 -44.32 13.42 -17.54
N LYS G 108 -43.26 13.16 -18.31
CA LYS G 108 -43.18 13.64 -19.67
C LYS G 108 -44.06 12.79 -20.59
N ARG G 109 -44.71 13.45 -21.54
CA ARG G 109 -45.56 12.76 -22.50
C ARG G 109 -45.57 13.56 -23.80
N THR G 110 -46.26 13.03 -24.80
CA THR G 110 -46.37 13.71 -26.08
C THR G 110 -47.08 15.06 -25.92
N VAL G 111 -46.65 16.03 -26.73
CA VAL G 111 -47.25 17.36 -26.71
C VAL G 111 -48.73 17.27 -27.07
N ALA G 112 -49.56 17.98 -26.32
CA ALA G 112 -50.99 18.05 -26.57
C ALA G 112 -51.45 19.49 -26.45
N ALA G 113 -52.01 20.02 -27.52
CA ALA G 113 -52.52 21.39 -27.49
C ALA G 113 -53.78 21.46 -26.63
N PRO G 114 -53.99 22.57 -25.92
CA PRO G 114 -55.18 22.68 -25.08
C PRO G 114 -56.43 22.94 -25.90
N SER G 115 -57.55 22.37 -25.45
CA SER G 115 -58.85 22.77 -25.97
C SER G 115 -59.29 24.03 -25.23
N VAL G 116 -59.47 25.12 -25.95
CA VAL G 116 -59.71 26.43 -25.35
C VAL G 116 -61.18 26.77 -25.44
N PHE G 117 -61.78 27.13 -24.30
CA PHE G 117 -63.17 27.52 -24.21
C PHE G 117 -63.26 28.83 -23.43
N ILE G 118 -64.27 29.63 -23.77
CA ILE G 118 -64.49 30.91 -23.11
C ILE G 118 -65.92 30.95 -22.59
N PHE G 119 -66.09 31.43 -21.36
CA PHE G 119 -67.39 31.52 -20.71
C PHE G 119 -67.65 32.96 -20.30
N PRO G 120 -68.65 33.61 -20.87
CA PRO G 120 -69.05 34.95 -20.42
C PRO G 120 -69.64 34.88 -19.02
N PRO G 121 -69.78 36.02 -18.34
CA PRO G 121 -70.41 36.00 -17.01
C PRO G 121 -71.88 35.63 -17.10
N SER G 122 -72.31 34.77 -16.18
CA SER G 122 -73.70 34.35 -16.11
C SER G 122 -74.62 35.53 -15.79
N ASP G 123 -75.90 35.36 -16.15
CA ASP G 123 -76.89 36.38 -15.82
C ASP G 123 -77.04 36.55 -14.31
N GLU G 124 -76.79 35.50 -13.55
CA GLU G 124 -77.01 35.55 -12.11
C GLU G 124 -75.92 36.34 -11.40
N GLN G 125 -74.71 36.36 -11.96
CA GLN G 125 -73.64 37.18 -11.38
C GLN G 125 -73.76 38.63 -11.82
N LEU G 126 -74.23 38.88 -13.05
CA LEU G 126 -74.47 40.25 -13.47
C LEU G 126 -75.55 40.89 -12.60
N LYS G 127 -76.42 40.07 -12.02
CA LYS G 127 -77.42 40.51 -11.05
C LYS G 127 -76.80 40.71 -9.67
N SER G 128 -75.51 41.06 -9.61
CA SER G 128 -74.86 41.25 -8.32
C SER G 128 -73.68 42.22 -8.42
N GLY G 129 -73.49 42.84 -9.58
CA GLY G 129 -72.56 43.94 -9.72
C GLY G 129 -71.13 43.57 -10.09
N THR G 130 -70.84 42.29 -10.34
CA THR G 130 -69.49 41.85 -10.69
C THR G 130 -69.56 40.91 -11.88
N ALA G 131 -68.57 40.99 -12.77
CA ALA G 131 -68.49 40.17 -13.96
C ALA G 131 -67.25 39.28 -13.89
N SER G 132 -67.46 37.98 -14.07
CA SER G 132 -66.39 36.99 -14.11
C SER G 132 -66.38 36.32 -15.47
N VAL G 133 -65.30 36.54 -16.23
CA VAL G 133 -65.12 35.90 -17.52
C VAL G 133 -64.10 34.79 -17.34
N VAL G 134 -64.44 33.58 -17.79
CA VAL G 134 -63.62 32.40 -17.54
C VAL G 134 -63.03 31.91 -18.85
N CYS G 135 -61.75 31.51 -18.80
CA CYS G 135 -61.09 30.89 -19.94
C CYS G 135 -60.52 29.55 -19.50
N LEU G 136 -60.91 28.49 -20.20
CA LEU G 136 -60.52 27.13 -19.85
C LEU G 136 -59.60 26.56 -20.93
N LEU G 137 -58.43 26.09 -20.51
CA LEU G 137 -57.50 25.34 -21.34
C LEU G 137 -57.55 23.90 -20.86
N ASN G 138 -58.03 23.00 -21.70
CA ASN G 138 -58.32 21.63 -21.31
C ASN G 138 -57.28 20.67 -21.88
N ASN G 139 -56.75 19.82 -21.01
CA ASN G 139 -55.94 18.64 -21.36
C ASN G 139 -54.80 19.01 -22.31
N PHE G 140 -53.80 19.68 -21.76
CA PHE G 140 -52.65 20.09 -22.55
C PHE G 140 -51.36 19.61 -21.88
N TYR G 141 -50.30 19.56 -22.69
CA TYR G 141 -48.96 19.26 -22.23
C TYR G 141 -48.00 19.86 -23.24
N PRO G 142 -46.89 20.49 -22.81
CA PRO G 142 -46.48 20.64 -21.40
C PRO G 142 -47.24 21.72 -20.63
N ARG G 143 -46.85 21.91 -19.38
CA ARG G 143 -47.58 22.81 -18.49
C ARG G 143 -47.42 24.28 -18.87
N GLU G 144 -46.29 24.64 -19.49
CA GLU G 144 -46.06 26.02 -19.88
C GLU G 144 -47.10 26.48 -20.89
N ALA G 145 -47.79 27.57 -20.54
CA ALA G 145 -48.80 28.14 -21.42
C ALA G 145 -49.04 29.58 -21.01
N LYS G 146 -49.15 30.48 -21.98
CA LYS G 146 -49.38 31.90 -21.73
C LYS G 146 -50.82 32.24 -22.07
N VAL G 147 -51.55 32.76 -21.09
CA VAL G 147 -52.94 33.16 -21.27
C VAL G 147 -53.03 34.67 -21.09
N GLN G 148 -53.61 35.35 -22.07
CA GLN G 148 -53.69 36.81 -22.07
C GLN G 148 -55.13 37.23 -22.31
N TRP G 149 -55.58 38.22 -21.56
CA TRP G 149 -56.94 38.75 -21.68
C TRP G 149 -56.92 40.03 -22.48
N LYS G 150 -57.89 40.19 -23.39
CA LYS G 150 -57.98 41.36 -24.24
C LYS G 150 -59.42 41.86 -24.24
N VAL G 151 -59.60 43.12 -23.88
CA VAL G 151 -60.91 43.77 -23.85
C VAL G 151 -60.87 44.92 -24.85
N ASP G 152 -61.68 44.80 -25.91
CA ASP G 152 -61.65 45.75 -27.03
C ASP G 152 -60.23 45.85 -27.61
N ASN G 153 -59.58 44.71 -27.76
CA ASN G 153 -58.23 44.55 -28.30
C ASN G 153 -57.15 45.14 -27.40
N ALA G 154 -57.47 45.46 -26.14
CA ALA G 154 -56.52 46.03 -25.20
C ALA G 154 -56.10 44.95 -24.21
N LEU G 155 -54.79 44.68 -24.15
CA LEU G 155 -54.26 43.67 -23.24
C LEU G 155 -54.53 44.06 -21.78
N GLN G 156 -55.15 43.15 -21.04
CA GLN G 156 -55.45 43.38 -19.64
C GLN G 156 -54.24 43.05 -18.76
N SER G 157 -54.17 43.72 -17.61
CA SER G 157 -53.07 43.51 -16.69
C SER G 157 -53.56 43.69 -15.26
N GLY G 158 -53.27 42.69 -14.42
CA GLY G 158 -53.54 42.78 -13.00
C GLY G 158 -54.97 42.56 -12.57
N ASN G 159 -55.84 42.04 -13.45
CA ASN G 159 -57.23 41.81 -13.10
C ASN G 159 -57.66 40.37 -13.39
N SER G 160 -56.72 39.43 -13.44
CA SER G 160 -57.02 38.04 -13.74
C SER G 160 -56.21 37.13 -12.81
N GLN G 161 -56.76 35.95 -12.53
CA GLN G 161 -56.12 34.96 -11.69
C GLN G 161 -56.14 33.60 -12.37
N GLU G 162 -55.07 32.82 -12.16
CA GLU G 162 -54.91 31.53 -12.82
C GLU G 162 -54.92 30.39 -11.81
N SER G 163 -55.51 29.27 -12.22
CA SER G 163 -55.55 28.03 -11.45
C SER G 163 -55.17 26.88 -12.36
N VAL G 164 -54.29 26.00 -11.89
CA VAL G 164 -53.86 24.83 -12.64
C VAL G 164 -54.07 23.59 -11.79
N THR G 165 -54.54 22.51 -12.41
CA THR G 165 -54.67 21.23 -11.74
C THR G 165 -53.34 20.48 -11.76
N GLU G 166 -53.26 19.45 -10.92
CA GLU G 166 -52.14 18.53 -10.98
C GLU G 166 -52.23 17.67 -12.24
N GLN G 167 -51.11 17.03 -12.57
CA GLN G 167 -51.07 16.14 -13.73
C GLN G 167 -52.14 15.06 -13.61
N ASP G 168 -52.89 14.87 -14.70
CA ASP G 168 -54.05 13.99 -14.67
C ASP G 168 -53.64 12.54 -14.41
N SER G 169 -54.47 11.84 -13.66
CA SER G 169 -54.21 10.44 -13.33
C SER G 169 -54.13 9.57 -14.59
N LYS G 170 -54.96 9.86 -15.59
CA LYS G 170 -55.11 8.96 -16.72
C LYS G 170 -54.21 9.31 -17.90
N ASP G 171 -54.27 10.56 -18.38
CA ASP G 171 -53.53 10.95 -19.58
C ASP G 171 -52.36 11.90 -19.31
N SER G 172 -52.07 12.18 -18.03
CA SER G 172 -50.90 12.97 -17.65
C SER G 172 -50.89 14.36 -18.29
N THR G 173 -52.06 14.94 -18.51
CA THR G 173 -52.16 16.30 -19.03
C THR G 173 -52.51 17.28 -17.91
N TYR G 174 -52.37 18.56 -18.23
CA TYR G 174 -52.74 19.64 -17.32
C TYR G 174 -54.00 20.33 -17.81
N SER G 175 -54.67 21.00 -16.90
CA SER G 175 -55.80 21.87 -17.22
C SER G 175 -55.64 23.18 -16.48
N LEU G 176 -56.00 24.28 -17.14
CA LEU G 176 -55.81 25.61 -16.59
C LEU G 176 -57.10 26.41 -16.74
N SER G 177 -57.36 27.26 -15.75
CA SER G 177 -58.47 28.20 -15.79
C SER G 177 -57.95 29.57 -15.45
N SER G 178 -58.26 30.56 -16.28
CA SER G 178 -57.90 31.94 -16.03
C SER G 178 -59.19 32.74 -15.93
N THR G 179 -59.37 33.44 -14.81
CA THR G 179 -60.60 34.16 -14.52
C THR G 179 -60.29 35.65 -14.48
N LEU G 180 -60.99 36.42 -15.32
CA LEU G 180 -60.88 37.86 -15.35
C LEU G 180 -62.08 38.46 -14.64
N THR G 181 -61.81 39.31 -13.65
CA THR G 181 -62.84 39.87 -12.79
C THR G 181 -62.91 41.38 -12.98
N LEU G 182 -64.11 41.90 -13.25
CA LEU G 182 -64.28 43.33 -13.40
C LEU G 182 -65.60 43.75 -12.77
N SER G 183 -65.72 45.05 -12.50
CA SER G 183 -67.01 45.62 -12.12
C SER G 183 -68.01 45.46 -13.26
N LYS G 184 -69.29 45.38 -12.90
CA LYS G 184 -70.35 45.27 -13.89
C LYS G 184 -70.35 46.46 -14.85
N ALA G 185 -70.13 47.67 -14.30
CA ALA G 185 -70.07 48.86 -15.14
C ALA G 185 -68.96 48.74 -16.18
N ASP G 186 -67.78 48.31 -15.76
CA ASP G 186 -66.66 48.17 -16.68
C ASP G 186 -66.94 47.09 -17.72
N TYR G 187 -67.58 46.00 -17.31
CA TYR G 187 -68.03 44.98 -18.26
C TYR G 187 -68.94 45.58 -19.33
N GLU G 188 -69.92 46.38 -18.90
CA GLU G 188 -70.88 46.96 -19.84
C GLU G 188 -70.28 48.07 -20.69
N LYS G 189 -69.15 48.65 -20.28
CA LYS G 189 -68.51 49.69 -21.08
C LYS G 189 -67.73 49.17 -22.28
N HIS G 190 -67.65 47.86 -22.48
CA HIS G 190 -66.85 47.31 -23.56
C HIS G 190 -67.62 46.21 -24.28
N LYS G 191 -67.13 45.84 -25.46
CA LYS G 191 -67.82 44.88 -26.32
C LYS G 191 -67.05 43.57 -26.47
N VAL G 192 -65.85 43.61 -27.04
CA VAL G 192 -65.10 42.41 -27.39
C VAL G 192 -64.33 41.91 -26.16
N TYR G 193 -64.47 40.62 -25.86
CA TYR G 193 -63.73 39.98 -24.79
C TYR G 193 -63.07 38.74 -25.36
N ALA G 194 -61.73 38.68 -25.26
CA ALA G 194 -60.96 37.64 -25.91
C ALA G 194 -59.95 37.03 -24.96
N CYS G 195 -59.81 35.71 -25.03
CA CYS G 195 -58.77 34.96 -24.34
C CYS G 195 -57.79 34.44 -25.39
N GLU G 196 -56.52 34.80 -25.25
CA GLU G 196 -55.48 34.46 -26.22
C GLU G 196 -54.51 33.50 -25.56
N VAL G 197 -54.34 32.32 -26.15
CA VAL G 197 -53.55 31.24 -25.58
C VAL G 197 -52.35 30.98 -26.49
N THR G 198 -51.17 30.97 -25.89
CA THR G 198 -49.92 30.59 -26.55
C THR G 198 -49.41 29.31 -25.90
N HIS G 199 -49.22 28.28 -26.71
CA HIS G 199 -48.79 26.97 -26.23
C HIS G 199 -47.95 26.30 -27.31
N GLN G 200 -47.03 25.44 -26.85
CA GLN G 200 -46.11 24.77 -27.78
C GLN G 200 -46.85 23.90 -28.79
N GLY G 201 -48.00 23.35 -28.40
CA GLY G 201 -48.80 22.53 -29.29
C GLY G 201 -49.62 23.26 -30.31
N LEU G 202 -49.64 24.59 -30.28
CA LEU G 202 -50.40 25.40 -31.22
C LEU G 202 -49.44 26.08 -32.18
N SER G 203 -49.63 25.84 -33.48
CA SER G 203 -48.78 26.45 -34.50
C SER G 203 -48.82 27.97 -34.44
N SER G 204 -49.88 28.54 -33.87
CA SER G 204 -50.00 29.96 -33.64
C SER G 204 -50.98 30.17 -32.49
N PRO G 205 -50.94 31.32 -31.82
CA PRO G 205 -51.82 31.53 -30.67
C PRO G 205 -53.29 31.39 -31.07
N VAL G 206 -54.08 30.80 -30.19
CA VAL G 206 -55.51 30.60 -30.42
C VAL G 206 -56.28 31.61 -29.60
N THR G 207 -57.19 32.32 -30.25
CA THR G 207 -58.00 33.34 -29.59
C THR G 207 -59.46 32.89 -29.57
N LYS G 208 -60.07 32.92 -28.39
CA LYS G 208 -61.50 32.67 -28.25
C LYS G 208 -62.17 33.96 -27.81
N SER G 209 -63.11 34.43 -28.61
CA SER G 209 -63.70 35.76 -28.48
C SER G 209 -65.20 35.68 -28.31
N PHE G 210 -65.76 36.67 -27.62
CA PHE G 210 -67.20 36.86 -27.63
C PHE G 210 -67.52 38.34 -27.45
N ASN G 211 -68.65 38.75 -27.99
CA ASN G 211 -69.17 40.09 -27.78
C ASN G 211 -70.18 40.07 -26.64
N ARG G 212 -70.24 41.17 -25.89
CA ARG G 212 -71.19 41.28 -24.80
C ARG G 212 -72.62 41.19 -25.32
N GLY G 213 -73.40 40.26 -24.79
CA GLY G 213 -74.75 40.02 -25.21
C GLY G 213 -74.93 38.86 -26.17
N GLU G 214 -73.86 38.46 -26.85
CA GLU G 214 -73.92 37.31 -27.75
C GLU G 214 -74.27 36.04 -26.95
N CYS G 215 -75.00 35.14 -27.60
CA CYS G 215 -75.44 33.90 -26.94
C CYS G 215 -74.25 33.09 -26.44
N SER G 216 -73.46 32.55 -27.35
CA SER G 216 -72.30 31.76 -26.97
C SER G 216 -71.03 32.60 -26.92
N GLN H 1 5.35 -39.71 22.21
CA GLN H 1 6.67 -40.03 22.71
C GLN H 1 7.47 -40.80 21.65
N VAL H 2 7.92 -40.08 20.62
CA VAL H 2 8.67 -40.70 19.55
C VAL H 2 9.99 -41.24 20.10
N GLN H 3 10.33 -42.46 19.69
CA GLN H 3 11.52 -43.13 20.22
C GLN H 3 12.08 -44.06 19.16
N LEU H 4 13.40 -44.00 18.98
CA LEU H 4 14.13 -44.89 18.06
C LEU H 4 15.19 -45.62 18.87
N VAL H 5 15.07 -46.95 18.94
CA VAL H 5 15.98 -47.77 19.74
C VAL H 5 16.72 -48.70 18.79
N GLN H 6 18.04 -48.61 18.77
CA GLN H 6 18.87 -49.39 17.88
C GLN H 6 19.41 -50.64 18.58
N SER H 7 19.98 -51.54 17.78
CA SER H 7 20.54 -52.76 18.30
C SER H 7 21.93 -52.53 18.89
N GLY H 8 22.48 -53.58 19.51
CA GLY H 8 23.73 -53.45 20.24
C GLY H 8 24.96 -53.42 19.36
N ALA H 9 26.10 -53.18 20.02
CA ALA H 9 27.38 -53.06 19.32
C ALA H 9 27.74 -54.36 18.61
N GLU H 10 28.52 -54.21 17.53
CA GLU H 10 28.93 -55.34 16.71
C GLU H 10 30.41 -55.26 16.40
N VAL H 11 31.07 -56.41 16.37
CA VAL H 11 32.45 -56.55 15.94
C VAL H 11 32.49 -57.60 14.84
N LYS H 12 32.98 -57.22 13.66
CA LYS H 12 32.99 -58.08 12.49
C LYS H 12 34.37 -58.10 11.87
N LYS H 13 34.59 -59.09 10.95
CA LYS H 13 35.78 -59.34 10.16
C LYS H 13 35.71 -58.64 8.81
N PRO H 14 36.86 -58.29 8.21
CA PRO H 14 36.87 -57.45 7.01
C PRO H 14 36.30 -58.09 5.75
N GLY H 15 35.43 -59.10 5.89
CA GLY H 15 34.76 -59.65 4.73
C GLY H 15 33.27 -59.83 4.94
N ALA H 16 32.83 -59.73 6.19
CA ALA H 16 31.48 -60.12 6.56
C ALA H 16 30.49 -59.00 6.25
N SER H 17 29.26 -59.16 6.73
CA SER H 17 28.23 -58.14 6.67
C SER H 17 27.74 -57.86 8.09
N VAL H 18 27.09 -56.71 8.25
CA VAL H 18 26.50 -56.33 9.52
C VAL H 18 25.05 -55.91 9.26
N LYS H 19 24.17 -56.23 10.21
CA LYS H 19 22.76 -55.88 10.12
C LYS H 19 22.36 -55.15 11.39
N VAL H 20 22.03 -53.86 11.25
CA VAL H 20 21.63 -53.01 12.36
C VAL H 20 20.12 -52.83 12.32
N SER H 21 19.48 -52.97 13.47
CA SER H 21 18.04 -52.77 13.60
C SER H 21 17.75 -51.42 14.27
N CYS H 22 16.54 -50.93 14.02
CA CYS H 22 16.11 -49.64 14.55
C CYS H 22 14.60 -49.72 14.75
N LYS H 23 14.18 -49.94 16.00
CA LYS H 23 12.77 -50.05 16.33
C LYS H 23 12.19 -48.69 16.68
N ALA H 24 11.09 -48.34 16.01
CA ALA H 24 10.41 -47.08 16.22
C ALA H 24 9.18 -47.27 17.10
N SER H 25 8.90 -46.29 17.95
CA SER H 25 7.74 -46.34 18.82
C SER H 25 7.22 -44.93 19.05
N GLY H 26 5.93 -44.81 19.34
CA GLY H 26 5.33 -43.54 19.66
C GLY H 26 4.80 -42.75 18.47
N TYR H 27 4.88 -43.29 17.26
CA TYR H 27 4.34 -42.61 16.09
C TYR H 27 4.03 -43.64 15.02
N THR H 28 3.40 -43.17 13.95
CA THR H 28 3.02 -44.03 12.83
C THR H 28 4.24 -44.30 11.97
N PHE H 29 4.70 -45.55 11.97
CA PHE H 29 5.97 -45.91 11.35
C PHE H 29 6.00 -45.55 9.86
N THR H 30 4.90 -45.82 9.15
CA THR H 30 4.86 -45.67 7.70
C THR H 30 4.83 -44.21 7.23
N GLY H 31 4.80 -43.24 8.13
CA GLY H 31 4.69 -41.85 7.73
C GLY H 31 6.00 -41.13 7.44
N TYR H 32 7.11 -41.67 7.94
CA TYR H 32 8.39 -40.98 7.93
C TYR H 32 9.45 -41.83 7.23
N TYR H 33 10.23 -41.19 6.35
CA TYR H 33 11.50 -41.78 5.90
C TYR H 33 12.31 -42.23 7.09
N MET H 34 13.03 -43.34 6.92
CA MET H 34 14.06 -43.75 7.85
C MET H 34 15.41 -43.61 7.14
N HIS H 35 16.20 -42.62 7.55
CA HIS H 35 17.55 -42.42 7.07
C HIS H 35 18.55 -43.15 7.96
N TRP H 36 19.69 -43.48 7.37
CA TRP H 36 20.83 -44.01 8.11
C TRP H 36 22.04 -43.11 7.88
N VAL H 37 22.73 -42.77 8.97
CA VAL H 37 23.87 -41.87 8.96
C VAL H 37 24.98 -42.49 9.79
N ARG H 38 26.22 -42.40 9.30
CA ARG H 38 27.33 -43.01 10.02
C ARG H 38 28.38 -41.96 10.35
N GLN H 39 29.15 -42.24 11.42
CA GLN H 39 30.17 -41.33 11.93
C GLN H 39 31.38 -42.14 12.33
N ALA H 40 32.49 -41.97 11.61
CA ALA H 40 33.73 -42.64 11.96
C ALA H 40 34.36 -41.95 13.17
N PRO H 41 35.22 -42.67 13.92
CA PRO H 41 35.83 -42.07 15.12
C PRO H 41 36.51 -40.74 14.86
N GLY H 42 36.09 -39.70 15.59
CA GLY H 42 36.63 -38.38 15.41
C GLY H 42 36.24 -37.68 14.13
N GLN H 43 35.34 -38.26 13.33
CA GLN H 43 34.97 -37.73 12.03
C GLN H 43 33.57 -37.13 12.08
N GLY H 44 33.12 -36.63 10.93
CA GLY H 44 31.81 -36.02 10.80
C GLY H 44 30.73 -37.04 10.51
N LEU H 45 29.65 -36.54 9.92
CA LEU H 45 28.48 -37.36 9.60
C LEU H 45 28.43 -37.66 8.11
N GLU H 46 28.10 -38.89 7.77
CA GLU H 46 27.94 -39.31 6.39
C GLU H 46 26.57 -39.94 6.21
N TRP H 47 25.84 -39.46 5.21
CA TRP H 47 24.53 -40.01 4.89
C TRP H 47 24.71 -41.34 4.14
N MET H 48 23.90 -42.33 4.51
CA MET H 48 23.95 -43.64 3.85
C MET H 48 22.77 -43.90 2.94
N GLY H 49 21.61 -43.35 3.24
CA GLY H 49 20.42 -43.58 2.44
C GLY H 49 19.17 -43.44 3.27
N TRP H 50 18.04 -43.47 2.59
CA TRP H 50 16.74 -43.52 3.27
C TRP H 50 15.90 -44.66 2.71
N ILE H 51 14.93 -45.09 3.52
CA ILE H 51 13.93 -46.07 3.14
C ILE H 51 12.55 -45.50 3.43
N ASN H 52 11.62 -45.75 2.51
CA ASN H 52 10.21 -45.47 2.72
C ASN H 52 9.58 -46.67 3.41
N PRO H 53 9.23 -46.59 4.70
CA PRO H 53 8.65 -47.75 5.37
C PRO H 53 7.29 -48.16 4.83
N ASN H 54 6.58 -47.25 4.15
CA ASN H 54 5.29 -47.61 3.58
C ASN H 54 5.47 -48.50 2.35
N SER H 55 6.19 -48.00 1.35
CA SER H 55 6.36 -48.73 0.10
C SER H 55 7.54 -49.69 0.11
N GLY H 56 8.54 -49.44 0.95
CA GLY H 56 9.75 -50.24 0.93
C GLY H 56 10.82 -49.73 -0.01
N GLY H 57 10.53 -48.72 -0.82
CA GLY H 57 11.53 -48.19 -1.72
C GLY H 57 12.65 -47.48 -0.96
N THR H 58 13.82 -47.45 -1.59
CA THR H 58 15.01 -46.90 -0.96
C THR H 58 15.68 -45.90 -1.88
N ASN H 59 16.56 -45.10 -1.29
CA ASN H 59 17.42 -44.17 -2.01
C ASN H 59 18.76 -44.16 -1.30
N TYR H 60 19.77 -44.77 -1.93
CA TYR H 60 21.06 -45.00 -1.30
C TYR H 60 22.05 -43.90 -1.65
N ALA H 61 22.96 -43.64 -0.72
CA ALA H 61 24.04 -42.68 -0.96
C ALA H 61 25.03 -43.24 -1.99
N GLN H 62 25.69 -42.33 -2.69
CA GLN H 62 26.62 -42.72 -3.75
C GLN H 62 27.73 -43.63 -3.22
N LYS H 63 28.25 -43.32 -2.02
CA LYS H 63 29.37 -44.09 -1.49
C LYS H 63 29.01 -45.54 -1.22
N PHE H 64 27.75 -45.81 -0.88
CA PHE H 64 27.33 -47.13 -0.44
C PHE H 64 26.44 -47.85 -1.43
N GLN H 65 26.13 -47.22 -2.56
CA GLN H 65 25.32 -47.88 -3.59
C GLN H 65 26.03 -49.12 -4.11
N GLY H 66 25.48 -50.29 -3.81
CA GLY H 66 26.04 -51.56 -4.23
C GLY H 66 26.29 -52.55 -3.11
N ARG H 67 26.49 -52.04 -1.88
CA ARG H 67 26.73 -52.93 -0.74
C ARG H 67 25.93 -52.57 0.51
N VAL H 68 24.96 -51.68 0.41
CA VAL H 68 24.04 -51.41 1.51
C VAL H 68 22.63 -51.82 1.09
N THR H 69 21.89 -52.38 2.04
CA THR H 69 20.53 -52.86 1.80
C THR H 69 19.66 -52.42 2.97
N MET H 70 18.66 -51.60 2.70
CA MET H 70 17.75 -51.12 3.74
C MET H 70 16.40 -51.78 3.56
N THR H 71 15.91 -52.39 4.64
CA THR H 71 14.64 -53.10 4.64
C THR H 71 13.81 -52.63 5.82
N ARG H 72 12.57 -53.13 5.91
CA ARG H 72 11.70 -52.76 7.01
C ARG H 72 10.72 -53.89 7.31
N ASP H 73 10.34 -53.99 8.58
CA ASP H 73 9.25 -54.82 9.05
C ASP H 73 8.23 -53.87 9.68
N THR H 74 7.13 -53.63 8.96
CA THR H 74 6.13 -52.67 9.44
C THR H 74 5.36 -53.22 10.64
N SER H 75 5.17 -54.53 10.71
CA SER H 75 4.39 -55.12 11.78
C SER H 75 4.99 -54.83 13.16
N ILE H 76 6.31 -54.67 13.23
CA ILE H 76 6.98 -54.31 14.47
C ILE H 76 7.61 -52.92 14.40
N SER H 77 7.34 -52.18 13.31
CA SER H 77 7.86 -50.82 13.14
C SER H 77 9.38 -50.78 13.29
N THR H 78 10.07 -51.62 12.52
CA THR H 78 11.52 -51.73 12.63
C THR H 78 12.16 -51.56 11.27
N ALA H 79 13.20 -50.73 11.20
CA ALA H 79 14.01 -50.59 10.01
C ALA H 79 15.31 -51.36 10.17
N TYR H 80 15.87 -51.83 9.06
CA TYR H 80 17.10 -52.60 9.06
C TYR H 80 18.06 -52.05 8.02
N MET H 81 19.33 -51.94 8.40
CA MET H 81 20.40 -51.54 7.50
C MET H 81 21.46 -52.63 7.50
N GLU H 82 21.71 -53.23 6.34
CA GLU H 82 22.75 -54.23 6.18
C GLU H 82 23.87 -53.65 5.32
N LEU H 83 25.10 -53.71 5.84
CA LEU H 83 26.29 -53.30 5.12
C LEU H 83 27.14 -54.53 4.85
N SER H 84 27.46 -54.76 3.58
CA SER H 84 28.16 -55.96 3.15
C SER H 84 29.58 -55.63 2.71
N ARG H 85 30.40 -56.67 2.61
CA ARG H 85 31.79 -56.56 2.20
C ARG H 85 32.52 -55.50 3.05
N LEU H 86 32.41 -55.66 4.37
CA LEU H 86 32.89 -54.64 5.29
C LEU H 86 34.40 -54.47 5.17
N ARG H 87 34.85 -53.24 5.36
CA ARG H 87 36.27 -52.91 5.44
C ARG H 87 36.55 -52.29 6.80
N SER H 88 37.85 -52.11 7.10
CA SER H 88 38.22 -51.59 8.42
C SER H 88 37.77 -50.15 8.60
N ASP H 89 37.79 -49.34 7.54
CA ASP H 89 37.32 -47.96 7.66
C ASP H 89 35.81 -47.85 7.68
N ASP H 90 35.08 -48.98 7.65
CA ASP H 90 33.67 -48.98 7.94
C ASP H 90 33.38 -48.93 9.44
N THR H 91 34.41 -49.05 10.28
CA THR H 91 34.25 -48.90 11.71
C THR H 91 33.70 -47.51 12.01
N ALA H 92 32.56 -47.45 12.70
CA ALA H 92 31.87 -46.19 12.92
C ALA H 92 30.66 -46.44 13.81
N VAL H 93 30.05 -45.35 14.26
CA VAL H 93 28.74 -45.40 14.90
C VAL H 93 27.68 -45.15 13.84
N TYR H 94 26.65 -46.00 13.83
CA TYR H 94 25.58 -45.93 12.84
C TYR H 94 24.27 -45.54 13.51
N TYR H 95 23.64 -44.48 13.01
CA TYR H 95 22.39 -43.93 13.55
C TYR H 95 21.27 -44.07 12.53
N CYS H 96 20.09 -44.48 13.01
CA CYS H 96 18.85 -44.28 12.28
C CYS H 96 18.22 -42.97 12.70
N ALA H 97 17.63 -42.26 11.75
CA ALA H 97 16.87 -41.05 12.07
C ALA H 97 15.67 -40.91 11.16
N ARG H 98 14.54 -40.49 11.73
CA ARG H 98 13.31 -40.33 10.98
C ARG H 98 13.21 -38.94 10.36
N GLU H 99 12.49 -38.86 9.25
CA GLU H 99 12.22 -37.57 8.60
C GLU H 99 10.87 -37.64 7.92
N VAL H 100 9.98 -36.70 8.25
CA VAL H 100 8.60 -36.77 7.76
C VAL H 100 8.58 -36.80 6.24
N MET H 101 7.67 -37.59 5.69
CA MET H 101 7.52 -37.71 4.24
C MET H 101 6.40 -36.80 3.75
N VAL H 102 6.64 -36.16 2.61
CA VAL H 102 5.66 -35.33 1.92
C VAL H 102 5.59 -35.80 0.48
N ARG H 103 4.41 -36.22 0.04
CA ARG H 103 4.26 -36.74 -1.30
C ARG H 103 4.60 -35.67 -2.34
N GLY H 104 5.66 -35.92 -3.11
CA GLY H 104 6.03 -35.04 -4.21
C GLY H 104 6.85 -33.82 -3.84
N ALA H 105 7.26 -33.67 -2.59
CA ALA H 105 7.98 -32.47 -2.16
C ALA H 105 9.08 -32.83 -1.18
N LEU H 106 10.10 -31.97 -1.13
CA LEU H 106 11.16 -32.14 -0.14
C LEU H 106 10.60 -31.95 1.26
N PRO H 107 11.04 -32.76 2.22
CA PRO H 107 10.61 -32.55 3.61
C PRO H 107 11.26 -31.30 4.19
N PRO H 108 10.49 -30.48 4.90
CA PRO H 108 11.05 -29.23 5.43
C PRO H 108 11.54 -29.33 6.87
N TYR H 109 11.12 -30.36 7.60
CA TYR H 109 11.26 -30.39 9.05
C TYR H 109 12.53 -31.07 9.54
N GLY H 110 13.39 -31.55 8.64
CA GLY H 110 14.64 -32.15 9.06
C GLY H 110 14.47 -33.51 9.73
N MET H 111 15.59 -34.01 10.24
CA MET H 111 15.63 -35.30 10.94
C MET H 111 15.45 -35.02 12.43
N ASP H 112 14.22 -35.17 12.91
CA ASP H 112 13.85 -34.66 14.22
C ASP H 112 14.04 -35.67 15.36
N VAL H 113 14.14 -36.96 15.07
CA VAL H 113 14.35 -37.98 16.09
C VAL H 113 15.41 -38.95 15.61
N TRP H 114 16.42 -39.19 16.44
CA TRP H 114 17.53 -40.08 16.12
C TRP H 114 17.54 -41.26 17.08
N GLY H 115 18.12 -42.38 16.60
CA GLY H 115 18.42 -43.48 17.49
C GLY H 115 19.64 -43.20 18.34
N GLN H 116 19.88 -44.09 19.31
CA GLN H 116 21.02 -43.91 20.20
C GLN H 116 22.35 -44.30 19.56
N GLY H 117 22.33 -44.94 18.40
CA GLY H 117 23.56 -45.28 17.71
C GLY H 117 23.99 -46.71 17.99
N THR H 118 24.71 -47.28 17.03
CA THR H 118 25.24 -48.65 17.12
C THR H 118 26.69 -48.63 16.70
N THR H 119 27.58 -48.97 17.62
CA THR H 119 29.01 -49.04 17.32
C THR H 119 29.30 -50.31 16.52
N VAL H 120 29.95 -50.15 15.37
CA VAL H 120 30.36 -51.26 14.52
C VAL H 120 31.87 -51.17 14.33
N THR H 121 32.58 -52.19 14.82
CA THR H 121 34.03 -52.27 14.69
C THR H 121 34.37 -53.40 13.72
N VAL H 122 35.03 -53.06 12.62
CA VAL H 122 35.45 -54.03 11.62
C VAL H 122 36.97 -54.13 11.65
N SER H 123 37.48 -55.32 11.93
CA SER H 123 38.91 -55.53 12.05
C SER H 123 39.22 -57.00 11.83
N SER H 124 40.43 -57.27 11.33
CA SER H 124 40.92 -58.63 11.19
C SER H 124 41.50 -59.18 12.49
N ALA H 125 41.69 -58.34 13.49
CA ALA H 125 42.23 -58.79 14.76
C ALA H 125 41.25 -59.68 15.50
N SER H 126 41.77 -60.50 16.40
CA SER H 126 40.96 -61.31 17.29
C SER H 126 40.98 -60.70 18.69
N THR H 127 40.10 -61.21 19.55
CA THR H 127 40.04 -60.72 20.92
C THR H 127 41.34 -61.00 21.64
N LYS H 128 41.93 -59.96 22.23
CA LYS H 128 43.21 -60.10 22.92
C LYS H 128 43.28 -59.12 24.07
N GLY H 129 43.71 -59.62 25.24
CA GLY H 129 43.92 -58.79 26.40
C GLY H 129 45.16 -57.94 26.27
N PRO H 130 45.22 -56.85 27.04
CA PRO H 130 46.35 -55.92 26.93
C PRO H 130 47.51 -56.25 27.86
N SER H 131 48.69 -55.81 27.42
CA SER H 131 49.87 -55.79 28.27
C SER H 131 49.95 -54.44 28.98
N VAL H 132 50.18 -54.48 30.29
CA VAL H 132 50.24 -53.27 31.11
C VAL H 132 51.69 -53.04 31.52
N PHE H 133 52.20 -51.86 31.20
CA PHE H 133 53.56 -51.45 31.53
C PHE H 133 53.56 -50.20 32.39
N PRO H 134 54.50 -50.06 33.31
CA PRO H 134 54.53 -48.88 34.17
C PRO H 134 55.17 -47.68 33.48
N LEU H 135 54.63 -46.50 33.75
CA LEU H 135 55.24 -45.22 33.45
C LEU H 135 55.63 -44.67 34.82
N ALA H 136 56.86 -44.96 35.24
CA ALA H 136 57.29 -44.70 36.60
C ALA H 136 57.54 -43.21 36.82
N PRO H 137 57.19 -42.68 37.99
CA PRO H 137 57.48 -41.27 38.27
C PRO H 137 58.98 -41.03 38.31
N SER H 138 59.37 -39.81 37.93
CA SER H 138 60.78 -39.46 37.91
C SER H 138 61.37 -39.52 39.31
N SER H 139 62.59 -40.04 39.41
CA SER H 139 63.28 -40.14 40.69
C SER H 139 63.73 -38.79 41.23
N LYS H 140 63.60 -37.71 40.45
CA LYS H 140 63.99 -36.38 40.88
C LYS H 140 62.81 -35.67 41.52
N SER H 141 63.04 -35.08 42.69
CA SER H 141 61.97 -34.56 43.54
C SER H 141 62.28 -33.14 43.97
N THR H 142 61.25 -32.28 43.95
CA THR H 142 61.28 -31.00 44.62
C THR H 142 60.19 -30.99 45.69
N SER H 143 60.34 -30.07 46.65
CA SER H 143 59.46 -30.08 47.82
C SER H 143 58.05 -29.60 47.48
N GLY H 144 57.92 -28.66 46.55
CA GLY H 144 56.63 -28.24 46.07
C GLY H 144 56.20 -28.86 44.76
N GLY H 145 57.05 -29.70 44.16
CA GLY H 145 56.79 -30.19 42.82
C GLY H 145 55.67 -31.20 42.75
N THR H 146 55.20 -31.42 41.53
CA THR H 146 54.22 -32.45 41.23
C THR H 146 54.85 -33.47 40.29
N ALA H 147 54.66 -34.76 40.60
CA ALA H 147 55.20 -35.84 39.80
C ALA H 147 54.08 -36.49 38.98
N ALA H 148 54.44 -37.04 37.83
CA ALA H 148 53.50 -37.74 36.98
C ALA H 148 53.89 -39.20 36.85
N LEU H 149 52.89 -40.08 36.86
CA LEU H 149 53.12 -41.51 36.63
C LEU H 149 51.88 -42.09 35.95
N GLY H 150 51.95 -43.36 35.58
CA GLY H 150 50.81 -43.93 34.90
C GLY H 150 51.06 -45.35 34.41
N CYS H 151 50.13 -45.79 33.56
CA CYS H 151 50.09 -47.15 33.03
C CYS H 151 49.88 -47.10 31.53
N LEU H 152 50.77 -47.76 30.79
CA LEU H 152 50.60 -47.99 29.35
C LEU H 152 49.86 -49.31 29.14
N VAL H 153 48.65 -49.23 28.60
CA VAL H 153 47.80 -50.38 28.33
C VAL H 153 47.88 -50.61 26.82
N LYS H 154 48.65 -51.61 26.39
CA LYS H 154 49.03 -51.76 25.00
C LYS H 154 48.53 -53.07 24.42
N ASP H 155 48.19 -53.06 23.13
CA ASP H 155 47.96 -54.26 22.34
C ASP H 155 46.77 -55.06 22.88
N TYR H 156 45.59 -54.47 22.73
CA TYR H 156 44.35 -55.15 23.09
C TYR H 156 43.31 -54.93 21.99
N PHE H 157 42.29 -55.80 22.01
CA PHE H 157 41.20 -55.73 21.05
C PHE H 157 40.06 -56.59 21.56
N PRO H 158 38.79 -56.13 21.45
CA PRO H 158 38.45 -54.79 20.97
C PRO H 158 38.25 -53.80 22.11
N GLU H 159 37.76 -52.61 21.78
CA GLU H 159 37.40 -51.64 22.81
C GLU H 159 36.24 -52.19 23.63
N PRO H 160 36.09 -51.74 24.89
CA PRO H 160 36.94 -50.78 25.59
C PRO H 160 37.81 -51.39 26.69
N VAL H 161 38.68 -50.57 27.25
CA VAL H 161 39.38 -50.87 28.50
C VAL H 161 38.90 -49.86 29.54
N THR H 162 38.68 -50.33 30.76
CA THR H 162 38.36 -49.45 31.88
C THR H 162 39.57 -49.38 32.80
N VAL H 163 39.97 -48.16 33.15
CA VAL H 163 41.13 -47.93 34.00
C VAL H 163 40.68 -47.17 35.24
N SER H 164 41.01 -47.69 36.42
CA SER H 164 40.80 -46.98 37.66
C SER H 164 42.11 -46.95 38.44
N TRP H 165 42.14 -46.19 39.52
CA TRP H 165 43.31 -46.08 40.36
C TRP H 165 42.91 -46.31 41.81
N ASN H 166 43.62 -47.23 42.48
CA ASN H 166 43.33 -47.62 43.86
C ASN H 166 41.88 -48.09 44.00
N SER H 167 41.44 -48.91 43.04
CA SER H 167 40.08 -49.46 43.05
C SER H 167 39.03 -48.36 43.14
N GLY H 168 39.28 -47.27 42.41
CA GLY H 168 38.36 -46.15 42.38
C GLY H 168 38.52 -45.14 43.50
N ALA H 169 39.56 -45.27 44.32
CA ALA H 169 39.80 -44.34 45.42
C ALA H 169 40.67 -43.16 45.02
N LEU H 170 41.15 -43.12 43.78
CA LEU H 170 41.99 -42.02 43.29
C LEU H 170 41.36 -41.47 42.01
N THR H 171 40.70 -40.33 42.13
CA THR H 171 40.03 -39.66 41.02
C THR H 171 40.71 -38.36 40.61
N SER H 172 41.12 -37.55 41.57
CA SER H 172 41.68 -36.24 41.27
C SER H 172 42.98 -36.34 40.48
N GLY H 173 43.05 -35.61 39.39
CA GLY H 173 44.27 -35.54 38.59
C GLY H 173 44.52 -36.72 37.68
N VAL H 174 43.52 -37.58 37.46
CA VAL H 174 43.67 -38.77 36.63
C VAL H 174 43.20 -38.44 35.21
N HIS H 175 44.02 -38.80 34.23
CA HIS H 175 43.70 -38.60 32.81
C HIS H 175 43.91 -39.93 32.10
N THR H 176 42.82 -40.59 31.71
CA THR H 176 42.89 -41.79 30.89
C THR H 176 42.57 -41.39 29.46
N PHE H 177 43.60 -41.35 28.62
CA PHE H 177 43.44 -40.83 27.27
C PHE H 177 42.57 -41.77 26.43
N PRO H 178 41.88 -41.24 25.43
CA PRO H 178 41.16 -42.11 24.49
C PRO H 178 42.12 -43.08 23.81
N ALA H 179 41.64 -44.29 23.57
CA ALA H 179 42.46 -45.29 22.90
C ALA H 179 42.83 -44.85 21.50
N VAL H 180 44.00 -45.31 21.04
CA VAL H 180 44.42 -45.12 19.66
C VAL H 180 44.55 -46.49 19.01
N LEU H 181 44.26 -46.54 17.72
CA LEU H 181 44.40 -47.76 16.95
C LEU H 181 45.79 -47.81 16.33
N GLN H 182 46.53 -48.87 16.60
CA GLN H 182 47.87 -49.02 16.08
C GLN H 182 47.84 -49.67 14.69
N SER H 183 48.96 -49.54 13.98
CA SER H 183 49.07 -50.15 12.65
C SER H 183 48.86 -51.65 12.70
N SER H 184 49.21 -52.29 13.82
CA SER H 184 49.02 -53.72 13.97
C SER H 184 47.55 -54.12 14.09
N GLY H 185 46.64 -53.15 14.20
CA GLY H 185 45.24 -53.44 14.41
C GLY H 185 44.82 -53.56 15.86
N LEU H 186 45.75 -53.42 16.80
CA LEU H 186 45.44 -53.50 18.22
C LEU H 186 45.38 -52.09 18.81
N TYR H 187 44.62 -51.96 19.90
CA TYR H 187 44.44 -50.67 20.53
C TYR H 187 45.47 -50.46 21.62
N SER H 188 45.83 -49.20 21.85
CA SER H 188 46.70 -48.84 22.95
C SER H 188 46.21 -47.55 23.58
N LEU H 189 46.53 -47.39 24.86
CA LEU H 189 45.99 -46.33 25.68
C LEU H 189 46.98 -46.06 26.80
N SER H 190 46.94 -44.85 27.33
CA SER H 190 47.75 -44.52 28.50
C SER H 190 46.88 -43.81 29.52
N SER H 191 47.05 -44.18 30.78
CA SER H 191 46.38 -43.51 31.88
C SER H 191 47.43 -42.92 32.80
N VAL H 192 47.37 -41.62 33.04
CA VAL H 192 48.38 -40.93 33.83
C VAL H 192 47.70 -40.25 35.01
N VAL H 193 48.51 -39.84 35.97
CA VAL H 193 48.04 -39.16 37.17
C VAL H 193 49.19 -38.33 37.71
N THR H 194 48.86 -37.10 38.13
CA THR H 194 49.80 -36.20 38.78
C THR H 194 49.53 -36.21 40.27
N VAL H 195 50.60 -36.36 41.05
CA VAL H 195 50.51 -36.50 42.50
C VAL H 195 51.56 -35.61 43.14
N PRO H 196 51.40 -35.32 44.44
CA PRO H 196 52.49 -34.68 45.17
C PRO H 196 53.73 -35.57 45.20
N SER H 197 54.90 -34.93 45.07
CA SER H 197 56.15 -35.64 45.31
C SER H 197 56.13 -36.31 46.68
N SER H 198 55.74 -35.55 47.71
CA SER H 198 55.43 -36.04 49.04
C SER H 198 54.87 -37.46 49.07
N SER H 199 53.83 -37.71 48.26
CA SER H 199 53.09 -38.96 48.36
C SER H 199 53.89 -40.17 47.88
N LEU H 200 54.96 -39.97 47.10
CA LEU H 200 55.64 -41.09 46.46
C LEU H 200 56.17 -42.08 47.48
N GLY H 201 56.73 -41.60 48.59
CA GLY H 201 57.25 -42.49 49.61
C GLY H 201 56.17 -43.24 50.35
N THR H 202 55.03 -42.60 50.57
CA THR H 202 53.96 -43.15 51.38
C THR H 202 52.93 -43.95 50.59
N GLN H 203 52.65 -43.58 49.35
CA GLN H 203 51.52 -44.17 48.65
C GLN H 203 51.88 -45.33 47.74
N THR H 204 51.15 -46.43 47.92
CA THR H 204 51.00 -47.44 46.89
C THR H 204 50.14 -46.87 45.75
N TYR H 205 50.69 -46.84 44.55
CA TYR H 205 49.92 -46.42 43.38
C TYR H 205 49.75 -47.63 42.47
N ILE H 206 48.51 -48.02 42.24
CA ILE H 206 48.19 -49.19 41.43
C ILE H 206 47.04 -48.85 40.49
N CYS H 207 47.23 -49.14 39.21
CA CYS H 207 46.18 -48.98 38.22
C CYS H 207 45.49 -50.31 37.99
N ASN H 208 44.16 -50.28 38.00
CA ASN H 208 43.32 -51.44 37.75
C ASN H 208 42.80 -51.31 36.32
N VAL H 209 43.31 -52.18 35.43
CA VAL H 209 42.96 -52.18 34.02
C VAL H 209 42.06 -53.39 33.78
N ASN H 210 40.90 -53.15 33.17
CA ASN H 210 39.94 -54.22 32.94
C ASN H 210 39.51 -54.24 31.48
N HIS H 211 39.58 -55.42 30.87
CA HIS H 211 39.20 -55.67 29.48
C HIS H 211 38.27 -56.87 29.46
N LYS H 212 36.96 -56.60 29.41
CA LYS H 212 35.91 -57.60 29.51
C LYS H 212 35.82 -58.54 28.31
N PRO H 213 36.00 -58.08 27.06
CA PRO H 213 35.95 -59.03 25.93
C PRO H 213 36.95 -60.17 26.04
N SER H 214 38.12 -59.93 26.65
CA SER H 214 39.11 -60.98 26.87
C SER H 214 39.12 -61.48 28.31
N ASN H 215 38.29 -60.92 29.18
CA ASN H 215 38.23 -61.29 30.59
C ASN H 215 39.60 -61.17 31.25
N THR H 216 40.28 -60.05 30.98
CA THR H 216 41.60 -59.80 31.55
C THR H 216 41.51 -58.61 32.51
N LYS H 217 41.82 -58.85 33.78
CA LYS H 217 41.78 -57.82 34.82
C LYS H 217 43.14 -57.81 35.49
N VAL H 218 43.83 -56.67 35.42
CA VAL H 218 45.23 -56.56 35.83
C VAL H 218 45.38 -55.38 36.79
N ASP H 219 45.99 -55.63 37.95
CA ASP H 219 46.30 -54.58 38.92
C ASP H 219 47.81 -54.38 38.92
N LYS H 220 48.28 -53.34 38.24
CA LYS H 220 49.71 -53.09 38.10
C LYS H 220 50.12 -51.94 39.03
N LYS H 221 51.13 -52.20 39.86
CA LYS H 221 51.66 -51.19 40.76
C LYS H 221 52.76 -50.39 40.08
N VAL H 222 52.58 -49.07 40.01
CA VAL H 222 53.58 -48.15 39.50
C VAL H 222 54.32 -47.58 40.70
N GLU H 223 55.61 -47.87 40.80
CA GLU H 223 56.41 -47.58 41.99
C GLU H 223 57.48 -46.55 41.65
N PRO H 224 57.96 -45.80 42.65
CA PRO H 224 59.09 -44.90 42.41
C PRO H 224 60.29 -45.64 41.85
N LYS H 225 61.09 -44.93 41.06
CA LYS H 225 62.18 -45.53 40.33
C LYS H 225 63.31 -45.94 41.26
N SER H 226 63.83 -47.15 41.05
CA SER H 226 65.03 -47.60 41.72
C SER H 226 66.25 -46.82 41.19
N CYS H 227 67.43 -47.18 41.70
CA CYS H 227 68.67 -46.61 41.19
C CYS H 227 69.01 -47.24 39.84
N GLU I 1 30.95 -37.37 -1.80
CA GLU I 1 31.42 -37.03 -0.46
C GLU I 1 31.57 -35.52 -0.31
N ILE I 2 30.68 -34.76 -0.96
CA ILE I 2 30.70 -33.32 -0.83
C ILE I 2 30.36 -32.95 0.60
N VAL I 3 31.09 -31.98 1.16
CA VAL I 3 30.89 -31.52 2.53
C VAL I 3 30.64 -30.02 2.51
N LEU I 4 29.62 -29.58 3.26
CA LEU I 4 29.32 -28.17 3.37
C LEU I 4 30.36 -27.48 4.24
N THR I 5 30.84 -26.32 3.79
CA THR I 5 31.87 -25.59 4.50
C THR I 5 31.26 -24.91 5.72
N GLN I 6 31.61 -25.40 6.91
CA GLN I 6 31.24 -24.76 8.16
C GLN I 6 32.43 -23.98 8.71
N SER I 7 32.15 -22.78 9.23
CA SER I 7 33.20 -21.91 9.69
C SER I 7 32.80 -21.17 10.97
N PRO I 8 33.72 -21.04 11.93
CA PRO I 8 35.06 -21.64 11.80
C PRO I 8 35.05 -23.10 12.22
N ALA I 9 36.20 -23.77 12.10
CA ALA I 9 36.27 -25.16 12.55
C ALA I 9 36.06 -25.25 14.06
N THR I 10 36.64 -24.34 14.82
CA THR I 10 36.52 -24.31 16.27
C THR I 10 36.19 -22.91 16.71
N LEU I 11 35.21 -22.79 17.62
CA LEU I 11 34.81 -21.52 18.21
C LEU I 11 35.13 -21.57 19.69
N SER I 12 36.04 -20.71 20.15
CA SER I 12 36.42 -20.63 21.55
C SER I 12 35.72 -19.42 22.16
N LEU I 13 34.77 -19.67 23.06
CA LEU I 13 33.99 -18.62 23.69
C LEU I 13 33.83 -18.95 25.16
N SER I 14 33.54 -17.92 25.95
CA SER I 14 33.33 -18.08 27.37
C SER I 14 31.87 -18.40 27.65
N PRO I 15 31.56 -18.99 28.80
CA PRO I 15 30.15 -19.22 29.15
C PRO I 15 29.39 -17.90 29.20
N GLY I 16 28.20 -17.91 28.61
CA GLY I 16 27.39 -16.72 28.50
C GLY I 16 27.67 -15.85 27.29
N GLU I 17 28.66 -16.19 26.48
CA GLU I 17 28.98 -15.41 25.29
C GLU I 17 28.06 -15.79 24.13
N ARG I 18 27.96 -14.89 23.16
CA ARG I 18 27.19 -15.14 21.95
C ARG I 18 28.01 -15.96 20.96
N ALA I 19 27.36 -16.95 20.34
CA ALA I 19 28.01 -17.85 19.39
C ALA I 19 27.40 -17.67 18.01
N THR I 20 28.26 -17.46 17.02
CA THR I 20 27.86 -17.26 15.62
C THR I 20 28.57 -18.30 14.75
N LEU I 21 27.78 -19.17 14.12
CA LEU I 21 28.31 -20.27 13.32
C LEU I 21 27.83 -20.15 11.88
N SER I 22 28.73 -20.41 10.92
CA SER I 22 28.45 -20.21 9.50
C SER I 22 28.47 -21.54 8.76
N CYS I 23 27.55 -21.67 7.81
CA CYS I 23 27.54 -22.80 6.90
C CYS I 23 27.26 -22.28 5.50
N ARG I 24 28.16 -22.55 4.56
CA ARG I 24 27.94 -22.19 3.17
C ARG I 24 27.27 -23.36 2.46
N ALA I 25 26.00 -23.17 2.09
CA ALA I 25 25.27 -24.22 1.38
C ALA I 25 25.64 -24.22 -0.09
N SER I 26 25.56 -25.40 -0.70
CA SER I 26 25.77 -25.50 -2.14
C SER I 26 24.59 -24.84 -2.86
N GLN I 27 24.82 -24.48 -4.12
CA GLN I 27 23.75 -23.94 -4.92
C GLN I 27 22.72 -25.02 -5.24
N SER I 28 21.45 -24.63 -5.17
CA SER I 28 20.35 -25.60 -5.26
C SER I 28 19.16 -24.95 -5.95
N VAL I 29 18.44 -25.76 -6.72
CA VAL I 29 17.14 -25.33 -7.23
C VAL I 29 16.17 -25.14 -6.06
N SER I 30 16.16 -26.09 -5.13
CA SER I 30 15.39 -25.99 -3.91
C SER I 30 16.00 -26.92 -2.88
N SER I 31 16.07 -26.46 -1.63
CA SER I 31 16.69 -27.23 -0.57
C SER I 31 16.27 -26.65 0.77
N TYR I 32 16.48 -27.43 1.82
CA TYR I 32 16.16 -27.02 3.18
C TYR I 32 17.41 -27.13 4.05
N LEU I 33 17.66 -26.09 4.86
CA LEU I 33 18.85 -26.00 5.68
C LEU I 33 18.45 -26.25 7.13
N ALA I 34 19.11 -27.22 7.77
CA ALA I 34 18.85 -27.57 9.16
C ALA I 34 20.16 -27.53 9.95
N TRP I 35 20.03 -27.32 11.25
CA TRP I 35 21.16 -27.28 12.18
C TRP I 35 20.92 -28.31 13.28
N TYR I 36 21.97 -29.10 13.56
CA TYR I 36 21.95 -30.16 14.56
C TYR I 36 23.07 -29.94 15.56
N GLN I 37 22.83 -30.36 16.81
CA GLN I 37 23.82 -30.32 17.87
C GLN I 37 24.17 -31.74 18.30
N GLN I 38 25.47 -31.98 18.52
CA GLN I 38 25.94 -33.27 18.98
C GLN I 38 26.90 -33.07 20.15
N LYS I 39 26.58 -33.69 21.28
CA LYS I 39 27.38 -33.76 22.49
C LYS I 39 28.20 -35.05 22.48
N PRO I 40 29.29 -35.11 23.25
CA PRO I 40 30.14 -36.30 23.23
C PRO I 40 29.37 -37.56 23.63
N GLY I 41 29.49 -38.59 22.80
CA GLY I 41 28.86 -39.87 23.06
C GLY I 41 27.36 -39.91 22.85
N GLN I 42 26.78 -38.89 22.24
CA GLN I 42 25.34 -38.83 22.03
C GLN I 42 25.03 -38.65 20.55
N ALA I 43 23.80 -39.00 20.19
CA ALA I 43 23.34 -38.80 18.82
C ALA I 43 23.11 -37.31 18.57
N PRO I 44 23.27 -36.85 17.32
CA PRO I 44 22.93 -35.47 17.00
C PRO I 44 21.47 -35.18 17.27
N ARG I 45 21.17 -33.92 17.55
CA ARG I 45 19.84 -33.48 17.95
C ARG I 45 19.44 -32.27 17.11
N LEU I 46 18.26 -32.33 16.50
CA LEU I 46 17.81 -31.26 15.63
C LEU I 46 17.60 -29.98 16.43
N LEU I 47 18.26 -28.90 16.00
CA LEU I 47 18.06 -27.58 16.58
C LEU I 47 17.17 -26.71 15.72
N ILE I 48 17.47 -26.61 14.43
CA ILE I 48 16.80 -25.66 13.55
C ILE I 48 16.42 -26.36 12.25
N TYR I 49 15.21 -26.09 11.76
CA TYR I 49 14.79 -26.56 10.44
C TYR I 49 14.40 -25.37 9.57
N ASP I 50 14.58 -25.54 8.26
CA ASP I 50 14.31 -24.48 7.28
C ASP I 50 15.03 -23.19 7.66
N ALA I 51 16.30 -23.33 8.08
CA ALA I 51 17.22 -22.21 8.27
C ALA I 51 16.87 -21.31 9.46
N SER I 52 15.60 -21.28 9.88
CA SER I 52 15.17 -20.24 10.81
C SER I 52 14.24 -20.70 11.92
N ASN I 53 13.68 -21.91 11.87
CA ASN I 53 12.62 -22.33 12.77
C ASN I 53 13.17 -23.29 13.83
N ARG I 54 12.87 -22.99 15.09
CA ARG I 54 13.31 -23.85 16.19
C ARG I 54 12.52 -25.16 16.18
N ALA I 55 13.23 -26.27 16.35
CA ALA I 55 12.57 -27.55 16.52
C ALA I 55 11.87 -27.60 17.87
N THR I 56 11.03 -28.61 18.05
CA THR I 56 10.25 -28.73 19.29
C THR I 56 11.18 -28.94 20.48
N GLY I 57 10.95 -28.16 21.54
CA GLY I 57 11.74 -28.26 22.74
C GLY I 57 13.09 -27.58 22.69
N ILE I 58 13.35 -26.77 21.67
CA ILE I 58 14.63 -26.07 21.54
C ILE I 58 14.50 -24.70 22.21
N PRO I 59 15.42 -24.34 23.11
CA PRO I 59 15.26 -23.08 23.86
C PRO I 59 15.37 -21.87 22.95
N ALA I 60 14.81 -20.75 23.46
CA ALA I 60 14.70 -19.53 22.67
C ALA I 60 16.06 -18.92 22.31
N ARG I 61 17.12 -19.29 23.04
CA ARG I 61 18.43 -18.70 22.74
C ARG I 61 18.98 -19.17 21.41
N PHE I 62 18.49 -20.28 20.88
CA PHE I 62 18.90 -20.76 19.57
C PHE I 62 18.06 -20.10 18.48
N SER I 63 18.73 -19.58 17.45
CA SER I 63 18.04 -19.00 16.31
C SER I 63 18.89 -19.24 15.07
N GLY I 64 18.29 -19.01 13.91
CA GLY I 64 18.97 -19.22 12.65
C GLY I 64 18.48 -18.26 11.60
N SER I 65 19.37 -17.94 10.66
CA SER I 65 19.02 -17.05 9.56
C SER I 65 19.75 -17.50 8.31
N GLY I 66 19.26 -17.03 7.16
CA GLY I 66 19.85 -17.41 5.88
C GLY I 66 19.72 -16.37 4.81
N SER I 67 20.81 -16.10 4.09
CA SER I 67 20.80 -15.21 2.94
C SER I 67 21.56 -15.88 1.81
N GLY I 68 20.88 -16.09 0.68
CA GLY I 68 21.48 -16.79 -0.45
C GLY I 68 21.93 -18.18 -0.10
N THR I 69 23.25 -18.40 -0.12
CA THR I 69 23.84 -19.67 0.25
C THR I 69 24.54 -19.63 1.60
N ASP I 70 24.52 -18.49 2.29
CA ASP I 70 25.18 -18.32 3.58
C ASP I 70 24.14 -18.42 4.68
N PHE I 71 24.30 -19.41 5.56
CA PHE I 71 23.38 -19.61 6.67
C PHE I 71 24.13 -19.47 7.98
N THR I 72 23.45 -18.95 8.99
CA THR I 72 24.04 -18.64 10.28
C THR I 72 23.20 -19.23 11.39
N LEU I 73 23.85 -19.94 12.30
CA LEU I 73 23.25 -20.38 13.56
C LEU I 73 23.75 -19.48 14.68
N THR I 74 22.83 -18.90 15.44
CA THR I 74 23.15 -17.99 16.53
C THR I 74 22.69 -18.60 17.85
N ILE I 75 23.56 -18.56 18.85
CA ILE I 75 23.20 -18.84 20.22
C ILE I 75 23.43 -17.54 20.98
N SER I 76 22.34 -16.95 21.49
CA SER I 76 22.42 -15.59 22.04
C SER I 76 23.36 -15.52 23.23
N SER I 77 23.33 -16.53 24.09
CA SER I 77 24.21 -16.59 25.25
C SER I 77 24.46 -18.04 25.59
N LEU I 78 25.73 -18.45 25.51
CA LEU I 78 26.07 -19.87 25.62
C LEU I 78 25.83 -20.37 27.04
N GLU I 79 25.17 -21.51 27.14
CA GLU I 79 25.01 -22.25 28.38
C GLU I 79 26.04 -23.37 28.45
N PRO I 80 26.35 -23.87 29.65
CA PRO I 80 27.35 -24.95 29.74
C PRO I 80 27.05 -26.15 28.86
N GLU I 81 25.77 -26.54 28.76
CA GLU I 81 25.39 -27.66 27.90
C GLU I 81 25.50 -27.33 26.42
N ASP I 82 25.74 -26.07 26.06
CA ASP I 82 25.79 -25.69 24.65
C ASP I 82 27.17 -25.93 24.02
N PHE I 83 28.19 -26.21 24.82
CA PHE I 83 29.52 -26.47 24.28
C PHE I 83 29.54 -27.89 23.72
N ALA I 84 29.61 -28.00 22.40
CA ALA I 84 29.45 -29.27 21.69
C ALA I 84 29.83 -29.03 20.23
N VAL I 85 29.51 -29.97 19.37
CA VAL I 85 29.75 -29.84 17.93
C VAL I 85 28.42 -29.55 17.24
N TYR I 86 28.47 -28.74 16.19
CA TYR I 86 27.27 -28.33 15.47
C TYR I 86 27.44 -28.63 13.98
N TYR I 87 26.43 -29.27 13.40
CA TYR I 87 26.45 -29.69 12.00
C TYR I 87 25.30 -29.03 11.24
N CYS I 88 25.60 -28.28 10.17
CA CYS I 88 24.61 -27.97 9.15
C CYS I 88 24.34 -29.17 8.25
N GLN I 89 23.06 -29.36 7.91
CA GLN I 89 22.62 -30.34 6.93
C GLN I 89 21.75 -29.68 5.87
N GLN I 90 21.94 -30.08 4.61
CA GLN I 90 21.18 -29.59 3.46
C GLN I 90 20.38 -30.76 2.88
N ARG I 91 19.06 -30.60 2.81
CA ARG I 91 18.17 -31.57 2.18
C ARG I 91 17.81 -31.07 0.79
N SER I 92 18.06 -31.89 -0.22
CA SER I 92 17.92 -31.44 -1.61
C SER I 92 17.63 -32.67 -2.48
N ASN I 93 17.81 -32.50 -3.80
CA ASN I 93 17.66 -33.60 -4.74
C ASN I 93 18.97 -34.36 -4.93
N TRP I 94 20.06 -33.64 -5.18
CA TRP I 94 21.35 -34.25 -5.44
C TRP I 94 22.46 -33.46 -4.76
N PRO I 95 23.06 -33.98 -3.67
CA PRO I 95 22.63 -35.24 -3.05
C PRO I 95 21.39 -35.04 -2.20
N PRO I 96 20.60 -36.10 -1.98
CA PRO I 96 19.41 -35.96 -1.13
C PRO I 96 19.71 -35.38 0.24
N VAL I 97 20.85 -35.74 0.82
CA VAL I 97 21.28 -35.24 2.11
C VAL I 97 22.77 -34.93 2.04
N THR I 98 23.15 -33.73 2.49
CA THR I 98 24.54 -33.34 2.57
C THR I 98 24.81 -32.77 3.97
N PHE I 99 25.96 -33.12 4.54
CA PHE I 99 26.32 -32.64 5.87
C PHE I 99 27.49 -31.67 5.79
N GLY I 100 27.54 -30.75 6.76
CA GLY I 100 28.69 -29.90 6.91
C GLY I 100 29.82 -30.59 7.65
N GLY I 101 30.97 -29.94 7.67
CA GLY I 101 32.12 -30.49 8.36
C GLY I 101 32.07 -30.40 9.86
N GLY I 102 31.15 -29.60 10.40
CA GLY I 102 31.03 -29.47 11.83
C GLY I 102 31.84 -28.32 12.41
N THR I 103 31.25 -27.61 13.37
CA THR I 103 31.95 -26.57 14.12
C THR I 103 31.94 -26.95 15.59
N LYS I 104 33.11 -27.02 16.19
CA LYS I 104 33.23 -27.32 17.61
C LYS I 104 33.23 -26.03 18.41
N VAL I 105 32.34 -25.94 19.38
CA VAL I 105 32.26 -24.79 20.27
C VAL I 105 32.88 -25.22 21.61
N GLU I 106 34.07 -24.72 21.88
CA GLU I 106 34.82 -25.06 23.08
C GLU I 106 34.86 -23.88 24.04
N ILE I 107 35.25 -24.16 25.28
CA ILE I 107 35.25 -23.17 26.35
C ILE I 107 36.57 -22.41 26.32
N LYS I 108 36.50 -21.11 26.07
CA LYS I 108 37.68 -20.26 26.15
C LYS I 108 38.03 -20.00 27.61
N ARG I 109 39.32 -20.02 27.92
CA ARG I 109 39.79 -19.79 29.28
C ARG I 109 41.20 -19.21 29.23
N THR I 110 41.73 -18.91 30.42
CA THR I 110 43.07 -18.36 30.53
C THR I 110 44.09 -19.34 29.96
N VAL I 111 45.13 -18.78 29.34
CA VAL I 111 46.21 -19.61 28.80
C VAL I 111 46.91 -20.34 29.95
N ALA I 112 47.18 -21.63 29.75
CA ALA I 112 47.87 -22.44 30.74
C ALA I 112 48.92 -23.28 30.02
N ALA I 113 50.18 -23.09 30.40
CA ALA I 113 51.25 -23.88 29.79
C ALA I 113 51.15 -25.32 30.27
N PRO I 114 51.49 -26.28 29.40
CA PRO I 114 51.44 -27.69 29.79
C PRO I 114 52.59 -28.07 30.71
N SER I 115 52.30 -28.93 31.68
CA SER I 115 53.37 -29.58 32.43
C SER I 115 53.86 -30.78 31.63
N VAL I 116 55.13 -30.75 31.23
CA VAL I 116 55.67 -31.74 30.31
C VAL I 116 56.50 -32.76 31.10
N PHE I 117 56.20 -34.04 30.88
CA PHE I 117 56.91 -35.14 31.51
C PHE I 117 57.29 -36.15 30.45
N ILE I 118 58.40 -36.85 30.67
CA ILE I 118 58.89 -37.86 29.73
C ILE I 118 59.09 -39.17 30.48
N PHE I 119 58.65 -40.26 29.87
CA PHE I 119 58.75 -41.61 30.44
C PHE I 119 59.50 -42.51 29.48
N PRO I 120 60.68 -43.00 29.86
CA PRO I 120 61.38 -44.00 29.06
C PRO I 120 60.63 -45.32 29.07
N PRO I 121 60.92 -46.22 28.12
CA PRO I 121 60.26 -47.53 28.15
C PRO I 121 60.71 -48.36 29.33
N SER I 122 59.76 -48.99 30.00
CA SER I 122 60.10 -49.87 31.10
C SER I 122 60.89 -51.07 30.59
N ASP I 123 61.66 -51.69 31.49
CA ASP I 123 62.43 -52.88 31.14
C ASP I 123 61.50 -54.00 30.72
N GLU I 124 60.26 -53.95 31.23
CA GLU I 124 59.30 -55.05 31.11
C GLU I 124 58.84 -55.19 29.67
N GLN I 125 58.71 -54.05 28.99
CA GLN I 125 58.38 -53.94 27.58
C GLN I 125 59.61 -54.03 26.69
N LEU I 126 60.74 -53.49 27.17
CA LEU I 126 61.98 -53.61 26.43
C LEU I 126 62.42 -55.05 26.27
N LYS I 127 61.97 -55.94 27.16
CA LYS I 127 62.27 -57.35 27.00
C LYS I 127 61.45 -57.98 25.88
N SER I 128 60.25 -57.47 25.62
CA SER I 128 59.38 -58.02 24.60
C SER I 128 59.68 -57.49 23.20
N GLY I 129 60.78 -56.76 23.02
CA GLY I 129 61.25 -56.38 21.70
C GLY I 129 60.72 -55.07 21.14
N THR I 130 59.95 -54.31 21.91
CA THR I 130 59.40 -53.04 21.45
C THR I 130 59.63 -51.98 22.51
N ALA I 131 59.95 -50.75 22.07
CA ALA I 131 60.19 -49.63 22.98
C ALA I 131 59.14 -48.56 22.71
N SER I 132 58.42 -48.17 23.76
CA SER I 132 57.46 -47.08 23.69
C SER I 132 57.88 -46.00 24.68
N VAL I 133 58.22 -44.84 24.16
CA VAL I 133 58.59 -43.67 24.96
C VAL I 133 57.41 -42.72 25.00
N VAL I 134 57.04 -42.27 26.19
CA VAL I 134 55.81 -41.49 26.37
C VAL I 134 56.17 -40.06 26.75
N CYS I 135 55.43 -39.11 26.19
CA CYS I 135 55.56 -37.69 26.52
C CYS I 135 54.17 -37.19 26.92
N LEU I 136 54.08 -36.63 28.11
CA LEU I 136 52.80 -36.16 28.67
C LEU I 136 52.80 -34.65 28.79
N LEU I 137 51.78 -34.02 28.22
CA LEU I 137 51.50 -32.60 28.38
C LEU I 137 50.24 -32.50 29.25
N ASN I 138 50.39 -31.94 30.44
CA ASN I 138 49.31 -31.96 31.42
C ASN I 138 48.69 -30.57 31.57
N ASN I 139 47.36 -30.53 31.51
CA ASN I 139 46.53 -29.38 31.88
C ASN I 139 47.02 -28.09 31.20
N PHE I 140 46.76 -28.02 29.90
CA PHE I 140 47.14 -26.86 29.11
C PHE I 140 45.94 -26.32 28.36
N TYR I 141 46.06 -25.06 27.93
CA TYR I 141 45.09 -24.40 27.09
C TYR I 141 45.81 -23.27 26.36
N PRO I 142 45.55 -23.05 25.06
CA PRO I 142 44.57 -23.76 24.22
C PRO I 142 45.02 -25.13 23.74
N ARG I 143 44.17 -25.76 22.92
CA ARG I 143 44.42 -27.13 22.48
C ARG I 143 45.59 -27.22 21.52
N GLU I 144 45.84 -26.16 20.75
CA GLU I 144 46.94 -26.17 19.79
C GLU I 144 48.27 -26.33 20.50
N ALA I 145 49.02 -27.37 20.13
CA ALA I 145 50.33 -27.64 20.70
C ALA I 145 51.09 -28.54 19.74
N LYS I 146 52.37 -28.24 19.54
CA LYS I 146 53.22 -29.03 18.66
C LYS I 146 54.17 -29.86 19.50
N VAL I 147 54.12 -31.18 19.33
CA VAL I 147 54.99 -32.11 20.03
C VAL I 147 55.89 -32.78 19.01
N GLN I 148 57.20 -32.72 19.24
CA GLN I 148 58.19 -33.22 18.29
C GLN I 148 59.15 -34.16 19.00
N TRP I 149 59.48 -35.26 18.35
CA TRP I 149 60.40 -36.25 18.89
C TRP I 149 61.78 -36.07 18.27
N LYS I 150 62.82 -36.17 19.11
CA LYS I 150 64.19 -36.04 18.64
C LYS I 150 65.02 -37.15 19.26
N VAL I 151 65.65 -37.95 18.41
CA VAL I 151 66.51 -39.05 18.85
C VAL I 151 67.91 -38.74 18.35
N ASP I 152 68.83 -38.52 19.28
CA ASP I 152 70.19 -38.06 18.95
C ASP I 152 70.14 -36.80 18.08
N ASN I 153 69.25 -35.88 18.46
CA ASN I 153 69.05 -34.58 17.82
C ASN I 153 68.45 -34.69 16.42
N ALA I 154 67.95 -35.85 16.03
CA ALA I 154 67.35 -36.05 14.72
C ALA I 154 65.83 -36.09 14.87
N LEU I 155 65.15 -35.19 14.17
CA LEU I 155 63.69 -35.13 14.24
C LEU I 155 63.07 -36.41 13.69
N GLN I 156 62.23 -37.04 14.50
CA GLN I 156 61.55 -38.27 14.09
C GLN I 156 60.31 -37.94 13.27
N SER I 157 59.95 -38.87 12.39
CA SER I 157 58.80 -38.68 11.52
C SER I 157 58.13 -40.02 11.27
N GLY I 158 56.81 -40.08 11.49
CA GLY I 158 56.02 -41.25 11.15
C GLY I 158 56.10 -42.40 12.12
N ASN I 159 56.65 -42.19 13.33
CA ASN I 159 56.75 -43.26 14.31
C ASN I 159 56.15 -42.87 15.65
N SER I 160 55.21 -41.93 15.66
CA SER I 160 54.60 -41.46 16.90
C SER I 160 53.11 -41.31 16.72
N GLN I 161 52.38 -41.49 17.82
CA GLN I 161 50.92 -41.33 17.83
C GLN I 161 50.52 -40.44 19.00
N GLU I 162 49.52 -39.60 18.78
CA GLU I 162 49.06 -38.64 19.78
C GLU I 162 47.63 -38.92 20.21
N SER I 163 47.35 -38.71 21.49
CA SER I 163 46.04 -38.84 22.07
C SER I 163 45.74 -37.59 22.87
N VAL I 164 44.54 -37.03 22.71
CA VAL I 164 44.13 -35.84 23.44
C VAL I 164 42.84 -36.13 24.19
N THR I 165 42.74 -35.59 25.40
CA THR I 165 41.50 -35.68 26.16
C THR I 165 40.55 -34.57 25.75
N GLU I 166 39.28 -34.74 26.11
CA GLU I 166 38.32 -33.67 25.95
C GLU I 166 38.58 -32.59 27.00
N GLN I 167 37.98 -31.42 26.78
CA GLN I 167 38.11 -30.33 27.74
C GLN I 167 37.67 -30.78 29.12
N ASP I 168 38.51 -30.50 30.12
CA ASP I 168 38.28 -31.02 31.46
C ASP I 168 37.01 -30.47 32.07
N SER I 169 36.30 -31.32 32.81
CA SER I 169 35.06 -30.91 33.45
C SER I 169 35.30 -29.78 34.45
N LYS I 170 36.43 -29.79 35.15
CA LYS I 170 36.65 -28.88 36.27
C LYS I 170 37.35 -27.59 35.86
N ASP I 171 38.51 -27.68 35.21
CA ASP I 171 39.29 -26.51 34.86
C ASP I 171 39.35 -26.24 33.37
N SER I 172 38.63 -27.03 32.56
CA SER I 172 38.49 -26.79 31.12
C SER I 172 39.83 -26.76 30.39
N THR I 173 40.80 -27.55 30.87
CA THR I 173 42.08 -27.66 30.20
C THR I 173 42.16 -28.96 29.41
N TYR I 174 43.17 -29.06 28.55
CA TYR I 174 43.45 -30.26 27.79
C TYR I 174 44.71 -30.93 28.31
N SER I 175 44.80 -32.23 28.05
CA SER I 175 46.02 -32.99 28.29
C SER I 175 46.27 -33.90 27.10
N LEU I 176 47.55 -34.07 26.75
CA LEU I 176 47.95 -34.78 25.55
C LEU I 176 49.03 -35.80 25.88
N SER I 177 49.02 -36.90 25.15
CA SER I 177 50.03 -37.94 25.26
C SER I 177 50.59 -38.23 23.88
N SER I 178 51.91 -38.25 23.76
CA SER I 178 52.59 -38.59 22.53
C SER I 178 53.46 -39.82 22.77
N THR I 179 53.23 -40.87 22.00
CA THR I 179 53.93 -42.14 22.18
C THR I 179 54.77 -42.41 20.95
N LEU I 180 56.07 -42.55 21.15
CA LEU I 180 57.02 -42.90 20.10
C LEU I 180 57.40 -44.37 20.22
N THR I 181 57.23 -45.11 19.14
CA THR I 181 57.42 -46.56 19.13
C THR I 181 58.58 -46.93 18.22
N LEU I 182 59.49 -47.74 18.74
CA LEU I 182 60.63 -48.22 17.97
C LEU I 182 60.81 -49.70 18.24
N SER I 183 61.53 -50.35 17.32
CA SER I 183 62.04 -51.68 17.61
C SER I 183 63.04 -51.58 18.77
N LYS I 184 63.16 -52.68 19.51
CA LYS I 184 64.12 -52.72 20.61
C LYS I 184 65.52 -52.40 20.13
N ALA I 185 65.89 -52.94 18.97
CA ALA I 185 67.21 -52.67 18.40
C ALA I 185 67.41 -51.18 18.13
N ASP I 186 66.44 -50.54 17.46
CA ASP I 186 66.60 -49.13 17.10
C ASP I 186 66.63 -48.24 18.32
N TYR I 187 65.81 -48.53 19.33
CA TYR I 187 65.94 -47.83 20.59
C TYR I 187 67.34 -48.00 21.18
N GLU I 188 67.86 -49.25 21.18
CA GLU I 188 69.18 -49.46 21.79
C GLU I 188 70.31 -48.87 20.95
N LYS I 189 70.10 -48.57 19.65
CA LYS I 189 71.18 -47.99 18.82
C LYS I 189 71.40 -46.50 19.08
N HIS I 190 70.62 -45.88 19.96
CA HIS I 190 70.71 -44.45 20.19
C HIS I 190 70.70 -44.16 21.69
N LYS I 191 71.10 -42.94 22.04
CA LYS I 191 71.24 -42.52 23.43
C LYS I 191 70.23 -41.45 23.83
N VAL I 192 70.25 -40.30 23.18
CA VAL I 192 69.46 -39.15 23.61
C VAL I 192 68.05 -39.28 23.07
N TYR I 193 67.05 -39.13 23.94
CA TYR I 193 65.65 -39.12 23.55
C TYR I 193 65.00 -37.88 24.14
N ALA I 194 64.42 -37.05 23.29
CA ALA I 194 63.90 -35.75 23.70
C ALA I 194 62.51 -35.53 23.14
N CYS I 195 61.63 -34.97 23.97
CA CYS I 195 60.32 -34.51 23.58
C CYS I 195 60.32 -32.98 23.64
N GLU I 196 59.99 -32.34 22.52
CA GLU I 196 60.04 -30.89 22.39
C GLU I 196 58.62 -30.37 22.20
N VAL I 197 58.19 -29.47 23.08
CA VAL I 197 56.83 -28.98 23.10
C VAL I 197 56.85 -27.49 22.77
N THR I 198 56.04 -27.10 21.79
CA THR I 198 55.79 -25.71 21.45
C THR I 198 54.33 -25.41 21.77
N HIS I 199 54.11 -24.41 22.61
CA HIS I 199 52.76 -24.05 23.06
C HIS I 199 52.73 -22.56 23.34
N GLN I 200 51.53 -21.97 23.18
CA GLN I 200 51.37 -20.53 23.33
C GLN I 200 51.72 -20.07 24.74
N GLY I 201 51.53 -20.93 25.74
CA GLY I 201 51.86 -20.58 27.10
C GLY I 201 53.33 -20.66 27.44
N LEU I 202 54.16 -21.11 26.50
CA LEU I 202 55.60 -21.21 26.68
C LEU I 202 56.29 -20.14 25.85
N SER I 203 57.07 -19.29 26.51
CA SER I 203 57.80 -18.25 25.79
C SER I 203 58.75 -18.82 24.75
N SER I 204 59.16 -20.08 24.92
CA SER I 204 59.99 -20.78 23.95
C SER I 204 59.76 -22.28 24.16
N PRO I 205 60.05 -23.10 23.15
CA PRO I 205 59.79 -24.54 23.28
C PRO I 205 60.53 -25.15 24.46
N VAL I 206 59.86 -26.09 25.14
CA VAL I 206 60.45 -26.78 26.29
C VAL I 206 60.83 -28.19 25.85
N THR I 207 62.05 -28.60 26.20
CA THR I 207 62.56 -29.92 25.85
C THR I 207 62.73 -30.75 27.11
N LYS I 208 62.18 -31.95 27.10
CA LYS I 208 62.37 -32.93 28.17
C LYS I 208 63.17 -34.10 27.60
N SER I 209 64.33 -34.36 28.21
CA SER I 209 65.31 -35.28 27.65
C SER I 209 65.64 -36.39 28.64
N PHE I 210 66.05 -37.55 28.09
CA PHE I 210 66.68 -38.58 28.90
C PHE I 210 67.63 -39.38 28.02
N ASN I 211 68.67 -39.92 28.65
CA ASN I 211 69.59 -40.84 28.01
C ASN I 211 69.20 -42.27 28.33
N ARG I 212 69.45 -43.16 27.38
CA ARG I 212 69.12 -44.58 27.54
C ARG I 212 69.88 -45.21 28.71
N THR J 15 -33.84 -18.47 1.01
CA THR J 15 -34.51 -19.30 0.01
C THR J 15 -33.52 -19.83 -1.01
N ASN J 16 -33.47 -21.16 -1.13
CA ASN J 16 -32.64 -21.93 -2.07
C ASN J 16 -31.44 -21.16 -2.63
N LEU J 17 -30.65 -20.56 -1.75
CA LEU J 17 -29.54 -19.74 -2.18
C LEU J 17 -28.42 -20.59 -2.76
N CYS J 18 -27.62 -19.99 -3.62
CA CYS J 18 -26.45 -20.70 -4.13
C CYS J 18 -25.39 -20.74 -3.05
N PRO J 19 -24.70 -21.87 -2.88
CA PRO J 19 -23.82 -22.01 -1.71
C PRO J 19 -22.47 -21.32 -1.90
N PHE J 20 -22.52 -20.00 -2.11
CA PHE J 20 -21.29 -19.23 -2.24
C PHE J 20 -20.59 -19.05 -0.90
N GLY J 21 -21.35 -19.10 0.20
CA GLY J 21 -20.74 -18.98 1.51
C GLY J 21 -19.80 -20.13 1.82
N GLU J 22 -20.26 -21.36 1.58
CA GLU J 22 -19.42 -22.53 1.86
C GLU J 22 -18.19 -22.60 0.96
N VAL J 23 -18.15 -21.83 -0.12
CA VAL J 23 -16.95 -21.75 -0.95
C VAL J 23 -16.02 -20.64 -0.47
N PHE J 24 -16.56 -19.44 -0.26
CA PHE J 24 -15.73 -18.32 0.16
C PHE J 24 -15.32 -18.44 1.62
N ASN J 25 -16.20 -18.98 2.47
CA ASN J 25 -15.96 -19.09 3.90
C ASN J 25 -15.53 -20.49 4.31
N ALA J 26 -15.03 -21.30 3.38
CA ALA J 26 -14.49 -22.60 3.74
C ALA J 26 -13.31 -22.43 4.68
N THR J 27 -13.29 -23.24 5.74
CA THR J 27 -12.24 -23.10 6.75
C THR J 27 -10.87 -23.42 6.16
N ARG J 28 -10.78 -24.45 5.32
CA ARG J 28 -9.54 -24.85 4.71
C ARG J 28 -9.65 -24.75 3.19
N PHE J 29 -8.58 -24.29 2.56
CA PHE J 29 -8.50 -24.17 1.11
C PHE J 29 -7.51 -25.20 0.58
N ALA J 30 -7.63 -25.49 -0.71
CA ALA J 30 -6.78 -26.48 -1.35
C ALA J 30 -5.50 -25.82 -1.88
N SER J 31 -4.48 -26.65 -2.09
CA SER J 31 -3.29 -26.20 -2.79
C SER J 31 -3.63 -25.90 -4.25
N VAL J 32 -2.87 -24.99 -4.84
CA VAL J 32 -3.17 -24.55 -6.21
C VAL J 32 -2.94 -25.68 -7.21
N TYR J 33 -1.93 -26.53 -6.97
CA TYR J 33 -1.70 -27.66 -7.87
C TYR J 33 -2.88 -28.62 -7.86
N ALA J 34 -3.56 -28.74 -6.73
CA ALA J 34 -4.77 -29.55 -6.64
C ALA J 34 -5.97 -28.65 -6.42
N TRP J 35 -6.14 -27.65 -7.28
CA TRP J 35 -7.18 -26.65 -7.08
C TRP J 35 -8.55 -27.31 -7.05
N ASN J 36 -9.39 -26.80 -6.15
CA ASN J 36 -10.72 -27.34 -5.92
C ASN J 36 -11.72 -26.73 -6.88
N ARG J 37 -12.74 -27.51 -7.24
CA ARG J 37 -13.83 -27.03 -8.08
C ARG J 37 -15.16 -27.42 -7.45
N LYS J 38 -16.03 -26.44 -7.26
CA LYS J 38 -17.40 -26.68 -6.81
C LYS J 38 -18.35 -26.27 -7.93
N ARG J 39 -19.18 -27.19 -8.37
CA ARG J 39 -20.20 -26.91 -9.37
C ARG J 39 -21.45 -26.37 -8.69
N ILE J 40 -21.93 -25.23 -9.18
CA ILE J 40 -23.06 -24.52 -8.60
C ILE J 40 -24.22 -24.61 -9.58
N SER J 41 -25.36 -25.12 -9.12
CA SER J 41 -26.46 -25.44 -10.02
C SER J 41 -27.80 -25.33 -9.30
N ASN J 42 -28.84 -25.07 -10.09
CA ASN J 42 -30.24 -25.13 -9.65
C ASN J 42 -30.52 -24.25 -8.43
N CYS J 43 -29.91 -23.06 -8.42
CA CYS J 43 -29.94 -22.18 -7.25
C CYS J 43 -30.03 -20.74 -7.71
N VAL J 44 -30.63 -19.90 -6.87
CA VAL J 44 -30.56 -18.45 -7.04
C VAL J 44 -29.39 -17.89 -6.23
N ALA J 45 -28.60 -17.01 -6.87
CA ALA J 45 -27.43 -16.40 -6.25
C ALA J 45 -27.61 -14.89 -6.14
N ASP J 46 -27.06 -14.31 -5.08
CA ASP J 46 -27.03 -12.86 -4.88
C ASP J 46 -25.56 -12.42 -4.89
N TYR J 47 -25.09 -11.97 -6.05
CA TYR J 47 -23.70 -11.56 -6.21
C TYR J 47 -23.38 -10.25 -5.50
N SER J 48 -24.40 -9.49 -5.08
CA SER J 48 -24.19 -8.27 -4.31
C SER J 48 -23.24 -8.51 -3.14
N VAL J 49 -23.52 -9.53 -2.34
CA VAL J 49 -22.77 -9.87 -1.14
C VAL J 49 -21.29 -10.02 -1.47
N LEU J 50 -20.99 -10.34 -2.73
CA LEU J 50 -19.61 -10.43 -3.17
C LEU J 50 -19.05 -9.08 -3.59
N TYR J 51 -19.74 -8.36 -4.49
CA TYR J 51 -19.14 -7.16 -5.05
C TYR J 51 -19.37 -5.91 -4.20
N ASN J 52 -20.21 -5.99 -3.17
CA ASN J 52 -20.35 -4.92 -2.21
C ASN J 52 -19.57 -5.16 -0.93
N SER J 53 -18.83 -6.26 -0.85
CA SER J 53 -18.00 -6.56 0.30
C SER J 53 -16.73 -5.71 0.28
N ALA J 54 -16.20 -5.45 1.47
CA ALA J 54 -14.93 -4.76 1.63
C ALA J 54 -13.81 -5.70 2.06
N SER J 55 -14.06 -7.00 2.01
CA SER J 55 -13.11 -8.00 2.51
C SER J 55 -12.11 -8.46 1.46
N PHE J 56 -12.22 -8.00 0.22
CA PHE J 56 -11.45 -8.54 -0.89
C PHE J 56 -10.33 -7.61 -1.29
N SER J 57 -9.20 -8.19 -1.70
CA SER J 57 -8.04 -7.44 -2.16
C SER J 57 -8.04 -7.24 -3.68
N THR J 58 -8.45 -8.25 -4.43
CA THR J 58 -8.56 -8.17 -5.88
C THR J 58 -9.92 -8.69 -6.31
N PHE J 59 -10.49 -8.07 -7.34
CA PHE J 59 -11.81 -8.42 -7.85
C PHE J 59 -11.81 -8.11 -9.35
N LYS J 60 -11.15 -8.98 -10.11
CA LYS J 60 -10.91 -8.77 -11.53
C LYS J 60 -11.87 -9.64 -12.34
N CYS J 61 -12.72 -9.00 -13.13
CA CYS J 61 -13.71 -9.69 -13.96
C CYS J 61 -13.40 -9.49 -15.44
N TYR J 62 -13.83 -10.46 -16.24
CA TYR J 62 -13.39 -10.57 -17.64
C TYR J 62 -14.61 -10.90 -18.49
N GLY J 63 -15.00 -9.98 -19.35
CA GLY J 63 -16.10 -10.19 -20.27
C GLY J 63 -17.48 -10.18 -19.64
N VAL J 64 -17.60 -9.79 -18.38
CA VAL J 64 -18.90 -9.74 -17.72
C VAL J 64 -18.78 -8.79 -16.53
N SER J 65 -19.84 -8.03 -16.29
CA SER J 65 -19.89 -7.11 -15.17
C SER J 65 -20.57 -7.78 -13.98
N PRO J 66 -19.92 -7.88 -12.82
CA PRO J 66 -20.63 -8.37 -11.63
C PRO J 66 -21.82 -7.50 -11.27
N THR J 67 -21.74 -6.19 -11.53
CA THR J 67 -22.84 -5.27 -11.28
C THR J 67 -24.13 -5.69 -11.97
N LYS J 68 -24.08 -6.57 -12.96
CA LYS J 68 -25.26 -7.04 -13.66
C LYS J 68 -25.55 -8.52 -13.43
N LEU J 69 -24.69 -9.21 -12.67
CA LEU J 69 -24.84 -10.65 -12.49
C LEU J 69 -26.15 -11.03 -11.80
N ASN J 70 -26.76 -10.10 -11.06
CA ASN J 70 -28.03 -10.40 -10.41
C ASN J 70 -29.21 -10.35 -11.36
N ASP J 71 -29.03 -9.84 -12.58
CA ASP J 71 -30.09 -9.81 -13.58
C ASP J 71 -29.94 -10.92 -14.64
N LEU J 72 -28.95 -11.79 -14.50
CA LEU J 72 -28.63 -12.76 -15.54
C LEU J 72 -28.85 -14.18 -15.04
N CYS J 73 -28.78 -15.12 -15.98
CA CYS J 73 -28.88 -16.54 -15.68
C CYS J 73 -27.86 -17.31 -16.51
N PHE J 74 -27.52 -18.51 -16.05
CA PHE J 74 -26.42 -19.29 -16.60
C PHE J 74 -26.73 -20.76 -16.42
N THR J 75 -26.18 -21.58 -17.31
CA THR J 75 -26.35 -23.03 -17.19
C THR J 75 -25.67 -23.54 -15.93
N ASN J 76 -24.40 -23.17 -15.74
CA ASN J 76 -23.64 -23.57 -14.56
C ASN J 76 -22.70 -22.44 -14.17
N VAL J 77 -22.35 -22.41 -12.89
CA VAL J 77 -21.29 -21.55 -12.38
C VAL J 77 -20.28 -22.44 -11.66
N TYR J 78 -19.03 -22.36 -12.10
CA TYR J 78 -17.95 -23.12 -11.47
C TYR J 78 -17.16 -22.20 -10.55
N ALA J 79 -16.93 -22.66 -9.33
CA ALA J 79 -16.20 -21.90 -8.32
C ALA J 79 -14.91 -22.65 -8.02
N ASP J 80 -13.80 -22.16 -8.55
CA ASP J 80 -12.48 -22.76 -8.33
C ASP J 80 -11.79 -22.03 -7.19
N SER J 81 -11.27 -22.80 -6.23
CA SER J 81 -10.69 -22.23 -5.02
C SER J 81 -9.31 -22.83 -4.76
N PHE J 82 -8.39 -21.99 -4.28
CA PHE J 82 -7.04 -22.43 -3.95
C PHE J 82 -6.34 -21.30 -3.19
N VAL J 83 -5.11 -21.56 -2.78
CA VAL J 83 -4.27 -20.60 -2.06
C VAL J 83 -2.96 -20.44 -2.82
N ILE J 84 -2.53 -19.19 -2.99
CA ILE J 84 -1.22 -18.86 -3.54
C ILE J 84 -0.65 -17.74 -2.69
N ARG J 85 0.55 -17.29 -3.05
CA ARG J 85 1.12 -16.13 -2.38
C ARG J 85 0.80 -14.86 -3.17
N GLY J 86 0.88 -13.72 -2.48
CA GLY J 86 0.34 -12.49 -3.01
C GLY J 86 0.87 -12.12 -4.38
N ASP J 87 2.19 -12.16 -4.54
CA ASP J 87 2.80 -11.74 -5.81
C ASP J 87 2.46 -12.65 -6.97
N GLU J 88 1.69 -13.73 -6.75
CA GLU J 88 1.25 -14.61 -7.80
C GLU J 88 -0.23 -14.43 -8.14
N VAL J 89 -0.94 -13.58 -7.40
CA VAL J 89 -2.36 -13.35 -7.68
C VAL J 89 -2.54 -12.79 -9.09
N ARG J 90 -1.60 -11.97 -9.54
CA ARG J 90 -1.65 -11.44 -10.90
C ARG J 90 -1.63 -12.54 -11.95
N GLN J 91 -1.10 -13.72 -11.64
CA GLN J 91 -1.00 -14.79 -12.61
C GLN J 91 -2.33 -15.47 -12.89
N ILE J 92 -3.33 -15.28 -12.04
CA ILE J 92 -4.64 -15.92 -12.22
C ILE J 92 -5.45 -14.99 -13.11
N ALA J 93 -5.13 -15.01 -14.40
CA ALA J 93 -5.77 -14.15 -15.38
C ALA J 93 -5.51 -14.74 -16.76
N PRO J 94 -6.37 -14.45 -17.74
CA PRO J 94 -6.12 -14.95 -19.10
C PRO J 94 -4.83 -14.35 -19.67
N GLY J 95 -4.09 -15.20 -20.39
CA GLY J 95 -2.90 -14.75 -21.08
C GLY J 95 -1.68 -14.53 -20.22
N GLN J 96 -1.65 -15.09 -19.02
CA GLN J 96 -0.52 -14.92 -18.12
C GLN J 96 0.42 -16.11 -18.20
N THR J 97 1.67 -15.88 -17.82
CA THR J 97 2.69 -16.92 -17.77
C THR J 97 3.35 -16.90 -16.39
N GLY J 98 4.17 -17.91 -16.15
CA GLY J 98 4.80 -18.14 -14.87
C GLY J 98 4.44 -19.51 -14.33
N LYS J 99 5.06 -19.85 -13.19
CA LYS J 99 4.94 -21.20 -12.65
C LYS J 99 3.49 -21.54 -12.32
N ILE J 100 2.74 -20.59 -11.75
CA ILE J 100 1.34 -20.86 -11.40
C ILE J 100 0.52 -21.04 -12.67
N ALA J 101 0.66 -20.11 -13.62
CA ALA J 101 -0.14 -20.17 -14.84
C ALA J 101 0.29 -21.32 -15.76
N ASP J 102 1.59 -21.66 -15.76
CA ASP J 102 2.07 -22.70 -16.67
C ASP J 102 1.85 -24.10 -16.10
N TYR J 103 2.03 -24.27 -14.79
CA TYR J 103 2.10 -25.61 -14.22
C TYR J 103 1.01 -25.93 -13.20
N ASN J 104 0.18 -24.97 -12.80
CA ASN J 104 -0.73 -25.21 -11.70
C ASN J 104 -2.20 -24.91 -12.03
N TYR J 105 -2.49 -23.68 -12.45
CA TYR J 105 -3.86 -23.30 -12.78
C TYR J 105 -3.84 -22.33 -13.94
N LYS J 106 -4.48 -22.70 -15.05
CA LYS J 106 -4.40 -21.95 -16.30
C LYS J 106 -5.79 -21.57 -16.77
N LEU J 107 -5.99 -20.28 -17.03
CA LEU J 107 -7.23 -19.71 -17.54
C LEU J 107 -7.15 -19.55 -19.06
N PRO J 108 -8.25 -19.80 -19.77
CA PRO J 108 -8.25 -19.64 -21.23
C PRO J 108 -8.26 -18.18 -21.63
N ASP J 109 -7.94 -17.94 -22.91
CA ASP J 109 -7.94 -16.57 -23.42
C ASP J 109 -9.35 -15.99 -23.44
N ASP J 110 -10.34 -16.79 -23.82
CA ASP J 110 -11.74 -16.36 -23.84
C ASP J 110 -12.43 -16.53 -22.49
N PHE J 111 -11.67 -16.38 -21.41
CA PHE J 111 -12.22 -16.53 -20.06
C PHE J 111 -13.35 -15.54 -19.83
N THR J 112 -14.46 -16.03 -19.29
CA THR J 112 -15.57 -15.20 -18.86
C THR J 112 -15.85 -15.51 -17.39
N GLY J 113 -15.60 -14.53 -16.52
CA GLY J 113 -15.78 -14.74 -15.10
C GLY J 113 -14.99 -13.72 -14.30
N CYS J 114 -14.78 -14.05 -13.02
CA CYS J 114 -14.10 -13.15 -12.10
C CYS J 114 -13.09 -13.91 -11.26
N VAL J 115 -12.05 -13.19 -10.84
CA VAL J 115 -10.97 -13.73 -10.03
C VAL J 115 -10.91 -12.89 -8.77
N ILE J 116 -11.29 -13.48 -7.64
CA ILE J 116 -11.41 -12.76 -6.38
C ILE J 116 -10.40 -13.35 -5.40
N ALA J 117 -9.64 -12.48 -4.76
CA ALA J 117 -8.58 -12.89 -3.85
C ALA J 117 -8.54 -11.96 -2.65
N TRP J 118 -8.11 -12.51 -1.51
CA TRP J 118 -7.97 -11.72 -0.29
C TRP J 118 -6.86 -12.32 0.56
N ASN J 119 -6.17 -11.46 1.30
CA ASN J 119 -5.08 -11.89 2.15
C ASN J 119 -5.60 -12.81 3.26
N SER J 120 -4.97 -13.97 3.41
CA SER J 120 -5.36 -14.94 4.44
C SER J 120 -4.20 -15.27 5.37
N ASN J 121 -3.32 -14.29 5.62
CA ASN J 121 -2.20 -14.52 6.53
C ASN J 121 -2.66 -14.96 7.91
N ASN J 122 -3.80 -14.42 8.37
CA ASN J 122 -4.30 -14.75 9.70
C ASN J 122 -4.84 -16.17 9.79
N LEU J 123 -5.06 -16.84 8.66
CA LEU J 123 -5.62 -18.20 8.64
C LEU J 123 -4.64 -19.24 8.13
N ASP J 124 -3.81 -18.91 7.14
CA ASP J 124 -2.97 -19.89 6.47
C ASP J 124 -1.49 -19.77 6.81
N SER J 125 -1.12 -18.86 7.70
CA SER J 125 0.23 -18.80 8.23
C SER J 125 0.21 -19.23 9.70
N LYS J 126 1.35 -19.73 10.16
CA LYS J 126 1.47 -20.14 11.56
C LYS J 126 2.94 -20.09 11.97
N VAL J 127 3.16 -20.03 13.29
CA VAL J 127 4.51 -20.02 13.82
C VAL J 127 5.17 -21.36 13.54
N GLY J 128 6.41 -21.32 13.05
CA GLY J 128 7.07 -22.51 12.55
C GLY J 128 6.80 -22.80 11.10
N GLY J 129 5.91 -22.05 10.46
CA GLY J 129 5.64 -22.21 9.04
C GLY J 129 4.52 -23.19 8.75
N ASN J 130 3.63 -22.82 7.84
CA ASN J 130 2.62 -23.72 7.30
C ASN J 130 3.15 -24.25 5.98
N TYR J 131 3.45 -25.55 5.94
CA TYR J 131 3.99 -26.20 4.74
C TYR J 131 2.95 -27.08 4.06
N ASN J 132 1.68 -26.99 4.45
CA ASN J 132 0.64 -27.83 3.88
C ASN J 132 0.23 -27.38 2.47
N TYR J 133 0.52 -26.14 2.10
CA TYR J 133 0.15 -25.62 0.78
C TYR J 133 1.31 -25.83 -0.19
N LEU J 134 1.04 -26.51 -1.29
CA LEU J 134 2.03 -26.85 -2.29
C LEU J 134 1.68 -26.22 -3.63
N TYR J 135 2.71 -26.02 -4.47
CA TYR J 135 2.52 -25.69 -5.86
C TYR J 135 3.49 -26.51 -6.70
N ARG J 136 3.13 -26.75 -7.96
CA ARG J 136 3.96 -27.57 -8.83
C ARG J 136 5.12 -26.74 -9.38
N LEU J 137 6.34 -27.25 -9.23
CA LEU J 137 7.54 -26.52 -9.61
C LEU J 137 8.00 -26.89 -11.02
N PHE J 138 7.95 -28.18 -11.37
CA PHE J 138 8.40 -28.67 -12.67
C PHE J 138 7.27 -29.41 -13.37
N ARG J 139 7.25 -29.33 -14.70
CA ARG J 139 6.32 -30.10 -15.51
C ARG J 139 6.89 -30.25 -16.91
N LYS J 140 6.47 -31.32 -17.59
CA LYS J 140 6.95 -31.59 -18.94
C LYS J 140 6.41 -30.59 -19.94
N SER J 141 5.26 -29.99 -19.66
CA SER J 141 4.65 -29.04 -20.59
C SER J 141 3.68 -28.17 -19.82
N ASN J 142 3.33 -27.04 -20.42
CA ASN J 142 2.37 -26.13 -19.81
C ASN J 142 1.00 -26.79 -19.73
N LEU J 143 0.27 -26.49 -18.66
CA LEU J 143 -1.11 -26.93 -18.58
C LEU J 143 -1.95 -26.21 -19.63
N LYS J 144 -2.95 -26.90 -20.13
CA LYS J 144 -3.94 -26.24 -20.97
C LYS J 144 -5.08 -25.74 -20.10
N PRO J 145 -5.91 -24.82 -20.61
CA PRO J 145 -6.91 -24.17 -19.74
C PRO J 145 -7.77 -25.14 -18.95
N PHE J 146 -7.85 -24.88 -17.64
CA PHE J 146 -8.65 -25.61 -16.66
C PHE J 146 -8.16 -27.03 -16.39
N GLU J 147 -6.95 -27.37 -16.82
CA GLU J 147 -6.39 -28.68 -16.49
C GLU J 147 -5.94 -28.73 -15.04
N ARG J 148 -5.97 -29.93 -14.47
N ARG J 148 -6.02 -29.92 -14.45
CA ARG J 148 -5.59 -30.16 -13.08
CA ARG J 148 -5.57 -30.14 -13.08
C ARG J 148 -4.65 -31.36 -13.02
C ARG J 148 -4.64 -31.34 -13.07
N ASP J 149 -3.41 -31.14 -12.60
CA ASP J 149 -2.40 -32.17 -12.50
C ASP J 149 -2.02 -32.35 -11.03
N ILE J 150 -2.29 -33.54 -10.49
CA ILE J 150 -1.91 -33.88 -9.12
C ILE J 150 -0.92 -35.03 -9.07
N SER J 151 -0.32 -35.40 -10.20
CA SER J 151 0.80 -36.33 -10.21
C SER J 151 1.88 -35.90 -9.24
N THR J 152 2.50 -36.88 -8.58
CA THR J 152 3.63 -36.66 -7.69
C THR J 152 4.84 -37.49 -8.12
N GLU J 153 5.09 -37.55 -9.43
CA GLU J 153 6.21 -38.30 -9.97
C GLU J 153 7.45 -37.43 -10.03
N ILE J 154 8.60 -38.01 -9.69
CA ILE J 154 9.86 -37.29 -9.74
C ILE J 154 10.08 -36.76 -11.15
N TYR J 155 10.40 -35.47 -11.26
CA TYR J 155 10.59 -34.86 -12.56
C TYR J 155 11.97 -35.19 -13.10
N GLN J 156 12.02 -35.77 -14.30
CA GLN J 156 13.27 -36.16 -14.94
C GLN J 156 13.72 -35.02 -15.85
N ALA J 157 14.76 -34.30 -15.43
CA ALA J 157 15.27 -33.18 -16.21
C ALA J 157 16.41 -33.58 -17.15
N GLY J 158 16.97 -34.78 -16.99
CA GLY J 158 18.03 -35.22 -17.86
C GLY J 158 17.67 -36.45 -18.67
N SER J 159 18.68 -37.22 -19.08
CA SER J 159 18.46 -38.36 -19.95
C SER J 159 18.28 -39.67 -19.18
N THR J 160 18.80 -39.75 -17.97
CA THR J 160 18.72 -40.98 -17.19
C THR J 160 17.40 -41.03 -16.45
N PRO J 161 16.67 -42.15 -16.52
CA PRO J 161 15.44 -42.28 -15.72
C PRO J 161 15.74 -42.16 -14.24
N CYS J 162 14.73 -41.71 -13.49
CA CYS J 162 14.90 -41.39 -12.08
C CYS J 162 14.54 -42.53 -11.14
N ASN J 163 13.87 -43.57 -11.65
CA ASN J 163 13.50 -44.74 -10.85
C ASN J 163 12.65 -44.37 -9.64
N GLY J 164 11.94 -43.25 -9.72
CA GLY J 164 11.03 -42.86 -8.67
C GLY J 164 11.65 -42.25 -7.44
N VAL J 165 12.93 -41.85 -7.49
CA VAL J 165 13.60 -41.24 -6.35
C VAL J 165 14.28 -39.95 -6.80
N GLU J 166 14.45 -39.03 -5.85
CA GLU J 166 15.16 -37.79 -6.12
C GLU J 166 16.65 -38.07 -6.27
N GLY J 167 17.30 -37.32 -7.16
CA GLY J 167 18.71 -37.50 -7.39
C GLY J 167 19.28 -36.57 -8.45
N PHE J 168 20.34 -37.01 -9.12
CA PHE J 168 20.99 -36.20 -10.15
C PHE J 168 20.02 -35.95 -11.30
N ASN J 169 19.72 -34.66 -11.53
CA ASN J 169 18.79 -34.24 -12.59
C ASN J 169 17.41 -34.85 -12.37
N CYS J 170 17.04 -35.08 -11.12
CA CYS J 170 15.73 -35.63 -10.79
C CYS J 170 15.21 -34.91 -9.55
N TYR J 171 14.07 -34.25 -9.69
CA TYR J 171 13.58 -33.31 -8.68
C TYR J 171 12.18 -33.68 -8.23
N PHE J 172 11.87 -33.34 -6.99
CA PHE J 172 10.50 -33.43 -6.51
C PHE J 172 9.62 -32.49 -7.34
N PRO J 173 8.46 -32.94 -7.81
CA PRO J 173 7.64 -32.07 -8.67
C PRO J 173 7.00 -30.92 -7.93
N LEU J 174 6.66 -31.09 -6.66
CA LEU J 174 5.93 -30.09 -5.90
C LEU J 174 6.86 -29.34 -4.96
N GLN J 175 6.50 -28.07 -4.71
CA GLN J 175 7.26 -27.19 -3.83
C GLN J 175 6.31 -26.56 -2.83
N SER J 176 6.73 -26.50 -1.57
CA SER J 176 5.91 -25.96 -0.50
C SER J 176 6.14 -24.45 -0.37
N TYR J 177 5.07 -23.74 -0.02
CA TYR J 177 5.17 -22.29 0.13
C TYR J 177 5.91 -21.89 1.39
N GLY J 178 5.69 -22.62 2.49
CA GLY J 178 6.33 -22.30 3.75
C GLY J 178 5.86 -20.96 4.29
N PHE J 179 4.57 -20.86 4.56
CA PHE J 179 3.93 -19.59 4.92
C PHE J 179 4.29 -19.24 6.36
N GLN J 180 5.09 -18.18 6.53
CA GLN J 180 5.39 -17.68 7.86
C GLN J 180 4.70 -16.33 8.09
N PRO J 181 4.16 -16.09 9.29
CA PRO J 181 3.47 -14.82 9.54
C PRO J 181 4.35 -13.59 9.34
N THR J 182 5.67 -13.74 9.45
CA THR J 182 6.59 -12.62 9.27
C THR J 182 6.90 -12.33 7.81
N ASN J 183 6.43 -13.17 6.89
CA ASN J 183 6.64 -12.94 5.46
C ASN J 183 6.15 -11.56 5.06
N GLY J 184 6.82 -10.99 4.05
CA GLY J 184 6.32 -9.79 3.41
C GLY J 184 4.96 -10.01 2.79
N VAL J 185 4.30 -8.89 2.46
CA VAL J 185 2.92 -8.96 1.99
C VAL J 185 2.83 -9.75 0.70
N GLY J 186 3.83 -9.60 -0.18
CA GLY J 186 3.84 -10.34 -1.42
C GLY J 186 4.12 -11.82 -1.29
N TYR J 187 4.62 -12.26 -0.13
CA TYR J 187 4.88 -13.67 0.11
C TYR J 187 3.93 -14.30 1.12
N GLN J 188 2.94 -13.56 1.59
CA GLN J 188 1.93 -14.09 2.49
C GLN J 188 0.89 -14.88 1.70
N PRO J 189 0.14 -15.77 2.37
CA PRO J 189 -0.87 -16.56 1.65
C PRO J 189 -2.08 -15.72 1.28
N TYR J 190 -2.61 -15.97 0.08
CA TYR J 190 -3.83 -15.35 -0.40
C TYR J 190 -4.78 -16.44 -0.85
N ARG J 191 -6.03 -16.35 -0.40
CA ARG J 191 -7.07 -17.27 -0.82
C ARG J 191 -7.75 -16.70 -2.07
N VAL J 192 -7.92 -17.56 -3.08
CA VAL J 192 -8.38 -17.14 -4.40
C VAL J 192 -9.60 -17.98 -4.77
N VAL J 193 -10.64 -17.31 -5.28
CA VAL J 193 -11.82 -17.98 -5.81
C VAL J 193 -12.05 -17.48 -7.22
N VAL J 194 -12.07 -18.39 -8.18
CA VAL J 194 -12.30 -18.08 -9.59
C VAL J 194 -13.71 -18.55 -9.95
N LEU J 195 -14.56 -17.61 -10.35
CA LEU J 195 -15.91 -17.91 -10.77
C LEU J 195 -15.95 -17.98 -12.29
N SER J 196 -16.38 -19.13 -12.82
CA SER J 196 -16.58 -19.31 -14.25
C SER J 196 -18.07 -19.44 -14.53
N PHE J 197 -18.53 -18.76 -15.58
CA PHE J 197 -19.93 -18.72 -15.94
C PHE J 197 -20.14 -19.48 -17.25
N GLU J 198 -20.93 -20.54 -17.17
CA GLU J 198 -21.14 -21.47 -18.29
C GLU J 198 -22.55 -21.30 -18.83
N LEU J 199 -22.65 -21.01 -20.13
CA LEU J 199 -23.94 -20.93 -20.81
C LEU J 199 -23.95 -21.98 -21.91
N LEU J 200 -24.65 -23.09 -21.65
CA LEU J 200 -24.84 -24.13 -22.64
C LEU J 200 -26.21 -23.99 -23.30
N HIS J 201 -26.37 -24.69 -24.42
CA HIS J 201 -27.66 -24.74 -25.11
C HIS J 201 -28.58 -25.69 -24.33
N ALA J 202 -29.05 -25.17 -23.19
CA ALA J 202 -29.73 -25.96 -22.19
C ALA J 202 -30.46 -25.00 -21.25
N PRO J 203 -31.35 -25.51 -20.40
CA PRO J 203 -31.98 -24.61 -19.42
C PRO J 203 -30.95 -24.03 -18.46
N ALA J 204 -31.11 -22.75 -18.13
CA ALA J 204 -30.26 -22.04 -17.19
C ALA J 204 -30.94 -22.03 -15.82
N THR J 205 -30.22 -22.48 -14.79
CA THR J 205 -30.79 -22.62 -13.46
C THR J 205 -30.00 -21.95 -12.35
N VAL J 206 -28.91 -21.25 -12.65
CA VAL J 206 -28.24 -20.41 -11.67
C VAL J 206 -28.54 -18.96 -12.06
N CYS J 207 -29.27 -18.27 -11.18
CA CYS J 207 -29.81 -16.95 -11.50
C CYS J 207 -29.66 -15.99 -10.34
N GLY J 208 -29.90 -14.71 -10.62
CA GLY J 208 -29.89 -13.67 -9.64
C GLY J 208 -31.26 -13.52 -9.02
N PRO J 209 -31.35 -12.72 -7.94
CA PRO J 209 -32.62 -12.55 -7.23
C PRO J 209 -33.66 -11.82 -8.08
C1 NAG K . -6.46 -10.97 21.56
C2 NAG K . -5.20 -11.35 22.37
C3 NAG K . -4.28 -12.23 21.54
C4 NAG K . -5.04 -13.43 20.98
C5 NAG K . -6.26 -12.95 20.21
C6 NAG K . -7.11 -14.08 19.70
C7 NAG K . -3.95 -10.04 24.03
C8 NAG K . -3.25 -8.75 24.32
N2 NAG K . -4.49 -10.16 22.81
O3 NAG K . -3.19 -12.67 22.34
O4 NAG K . -4.20 -14.19 20.13
O5 NAG K . -7.08 -12.15 21.06
O6 NAG K . -8.02 -14.54 20.69
O7 NAG K . -4.03 -10.94 24.86
C1 NAG L . -18.80 -15.24 4.86
C2 NAG L . -19.97 -14.81 3.97
C3 NAG L . -20.34 -13.36 4.25
C4 NAG L . -20.59 -13.14 5.74
C5 NAG L . -19.36 -13.60 6.53
C6 NAG L . -19.57 -13.51 8.04
C7 NAG L . -20.55 -15.45 1.68
C8 NAG L . -20.05 -15.58 0.27
N2 NAG L . -19.66 -15.00 2.57
O3 NAG L . -21.51 -13.01 3.52
O4 NAG L . -20.83 -11.77 6.01
O5 NAG L . -19.10 -14.98 6.24
O6 NAG L . -20.20 -14.66 8.54
O7 NAG L . -21.69 -15.76 2.00
#